data_4CQY
#
_entry.id   4CQY
#
_cell.length_a   89.000
_cell.length_b   116.350
_cell.length_c   101.840
_cell.angle_alpha   90.00
_cell.angle_beta   91.69
_cell.angle_gamma   90.00
#
_symmetry.space_group_name_H-M   'P 1 21 1'
#
loop_
_entity.id
_entity.type
_entity.pdbx_description
1 polymer 'HAEMAGGLUTININ HA1'
2 polymer 'HAEMAGGLUTININ HA2'
3 branched 'N-acetyl-alpha-neuraminic acid-(2-3)-beta-D-galactopyranose-(1-3)-2-acetamido-2-deoxy-beta-D-glucopyranose'
4 non-polymer 2-acetamido-2-deoxy-beta-D-glucopyranose
5 non-polymer 'PHOSPHATE ION'
6 water water
#
loop_
_entity_poly.entity_id
_entity_poly.type
_entity_poly.pdbx_seq_one_letter_code
_entity_poly.pdbx_strand_id
1 'polypeptide(L)'
;DPDQICIGYHANNSTEQVDTIMEKNVTVTHAQDILEKTHNGKLCDLDGVKPLILRDCSVAGWLLGNPMCDEFLNVPEWSY
IVEKINPANDLCYPGNFNDYEELKHLLSRINHFEKIQIIPKSSWSDHEASGVSSACPYQGRSSFFRNVVWLTKKDNAYPT
IKRSYNNTNQEDLLVLWGIHHPNDAAEQTRLYQNPTTYISVGTSTLNQRLVPKIATRSKVNGQSGRMEFFWTILKPNDAI
NFESNGNFIAPENAYKIVKKGDSTIMKSELEYGNCNTKCQTPIGAINSSMPFHNIHPLTIGECPKYVKSSRLVLATGLRN
SPQRETR
;
A,C,E
2 'polypeptide(L)'
;GLFGAIAGFIEGGWQGMVDGWYGYHHSNEQGSGYAADKESTQKAIDGVTNKVNSIIDKMNTQFEAVGREFNNLERRIENL
NKKMEDGFLDVWTYNAELLVLMENERTLDFHDSNVKNLYDKVRLQLRDNAKELGNGCFEFYHRCDNECMESVRNGTYDYP
QYSEEA
;
B,D,F
#
loop_
_chem_comp.id
_chem_comp.type
_chem_comp.name
_chem_comp.formula
GAL D-saccharide, beta linking beta-D-galactopyranose 'C6 H12 O6'
NAG D-saccharide, beta linking 2-acetamido-2-deoxy-beta-D-glucopyranose 'C8 H15 N O6'
PO4 non-polymer 'PHOSPHATE ION' 'O4 P -3'
SIA D-saccharide, alpha linking 'N-acetyl-alpha-neuraminic acid' 'C11 H19 N O9'
#
# COMPACT_ATOMS: atom_id res chain seq x y z
N ASP A 1 -56.77 13.92 -38.21
CA ASP A 1 -55.50 14.50 -38.71
C ASP A 1 -55.02 15.74 -37.96
N PRO A 2 -55.32 15.85 -36.65
CA PRO A 2 -54.80 17.01 -35.92
C PRO A 2 -53.26 16.97 -35.83
N ASP A 3 -52.64 18.15 -35.84
CA ASP A 3 -51.18 18.30 -35.79
C ASP A 3 -50.62 17.79 -34.48
N GLN A 4 -49.38 17.29 -34.51
CA GLN A 4 -48.76 16.78 -33.29
C GLN A 4 -47.25 16.95 -33.24
N ILE A 5 -46.74 17.06 -32.02
CA ILE A 5 -45.31 17.09 -31.75
C ILE A 5 -44.99 15.99 -30.74
N CYS A 6 -43.91 15.26 -30.99
CA CYS A 6 -43.49 14.18 -30.12
C CYS A 6 -42.09 14.43 -29.57
N ILE A 7 -41.84 13.93 -28.37
CA ILE A 7 -40.51 14.00 -27.76
C ILE A 7 -39.89 12.61 -27.81
N GLY A 8 -38.64 12.54 -28.25
CA GLY A 8 -37.94 11.27 -28.33
C GLY A 8 -36.45 11.40 -28.25
N TYR A 9 -35.76 10.29 -28.51
CA TYR A 9 -34.32 10.20 -28.31
C TYR A 9 -33.69 9.31 -29.39
N HIS A 10 -32.36 9.42 -29.51
CA HIS A 10 -31.63 8.80 -30.61
C HIS A 10 -31.56 7.29 -30.41
N ALA A 11 -31.68 6.54 -31.50
CA ALA A 11 -31.31 5.12 -31.53
C ALA A 11 -30.47 4.90 -32.78
N ASN A 12 -29.73 3.79 -32.82
CA ASN A 12 -28.93 3.43 -33.99
C ASN A 12 -28.71 1.91 -34.07
N ASN A 13 -27.78 1.49 -34.92
CA ASN A 13 -27.52 0.07 -35.10
C ASN A 13 -26.35 -0.44 -34.25
N SER A 14 -25.92 0.35 -33.28
CA SER A 14 -24.80 -0.02 -32.42
C SER A 14 -25.10 -1.28 -31.64
N THR A 15 -24.10 -2.15 -31.55
CA THR A 15 -24.16 -3.31 -30.67
C THR A 15 -23.15 -3.20 -29.52
N GLU A 16 -22.58 -2.01 -29.34
CA GLU A 16 -21.64 -1.76 -28.21
C GLU A 16 -22.33 -1.99 -26.87
N GLN A 17 -21.63 -2.69 -25.99
CA GLN A 17 -22.16 -3.05 -24.68
C GLN A 17 -21.31 -2.49 -23.54
N VAL A 18 -21.98 -2.06 -22.47
CA VAL A 18 -21.30 -1.65 -21.24
C VAL A 18 -21.91 -2.38 -20.04
N ASP A 19 -21.20 -2.35 -18.92
CA ASP A 19 -21.69 -2.92 -17.67
C ASP A 19 -21.99 -1.80 -16.67
N THR A 20 -22.97 -2.06 -15.79
CA THR A 20 -23.25 -1.22 -14.64
C THR A 20 -23.24 -2.10 -13.40
N ILE A 21 -23.50 -1.51 -12.24
CA ILE A 21 -23.64 -2.28 -10.99
C ILE A 21 -24.83 -3.25 -11.06
N MET A 22 -25.97 -2.76 -11.54
CA MET A 22 -27.22 -3.50 -11.56
C MET A 22 -27.49 -4.31 -12.84
N GLU A 23 -26.76 -4.03 -13.92
CA GLU A 23 -26.88 -4.87 -15.12
C GLU A 23 -25.63 -4.91 -15.98
N LYS A 24 -25.43 -6.05 -16.62
CA LYS A 24 -24.29 -6.27 -17.51
C LYS A 24 -24.77 -6.31 -18.95
N ASN A 25 -23.86 -6.08 -19.89
CA ASN A 25 -24.16 -6.13 -21.32
C ASN A 25 -25.32 -5.23 -21.75
N VAL A 26 -25.32 -3.99 -21.28
CA VAL A 26 -26.33 -3.02 -21.73
C VAL A 26 -25.87 -2.42 -23.05
N THR A 27 -26.67 -2.65 -24.11
CA THR A 27 -26.38 -2.10 -25.42
C THR A 27 -26.62 -0.59 -25.45
N VAL A 28 -25.61 0.15 -25.89
CA VAL A 28 -25.67 1.61 -25.94
C VAL A 28 -25.41 2.13 -27.34
N THR A 29 -25.85 3.36 -27.59
CA THR A 29 -25.70 3.97 -28.92
C THR A 29 -24.24 4.33 -29.16
N HIS A 30 -23.54 4.70 -28.08
CA HIS A 30 -22.13 5.12 -28.15
C HIS A 30 -21.41 4.69 -26.88
N ALA A 31 -20.15 4.27 -27.04
CA ALA A 31 -19.31 3.93 -25.91
C ALA A 31 -17.85 4.24 -26.23
N GLN A 32 -17.03 4.36 -25.20
CA GLN A 32 -15.62 4.67 -25.36
C GLN A 32 -14.76 3.64 -24.63
N ASP A 33 -13.99 2.88 -25.39
CA ASP A 33 -13.01 1.95 -24.82
C ASP A 33 -11.86 2.78 -24.24
N ILE A 34 -11.49 2.51 -22.99
CA ILE A 34 -10.39 3.26 -22.36
C ILE A 34 -9.20 2.39 -21.95
N LEU A 35 -9.18 1.16 -22.48
CA LEU A 35 -8.16 0.18 -22.12
C LEU A 35 -7.36 -0.27 -23.35
N GLU A 36 -6.06 0.01 -23.34
CA GLU A 36 -5.17 -0.49 -24.36
C GLU A 36 -4.82 -1.94 -24.06
N LYS A 37 -5.02 -2.81 -25.04
CA LYS A 37 -4.87 -4.24 -24.83
C LYS A 37 -3.84 -4.89 -25.76
N THR A 38 -3.27 -4.08 -26.66
CA THR A 38 -2.30 -4.59 -27.63
C THR A 38 -0.90 -3.98 -27.45
N HIS A 39 0.11 -4.74 -27.88
CA HIS A 39 1.51 -4.28 -27.89
C HIS A 39 2.21 -4.85 -29.12
N ASN A 40 3.37 -4.30 -29.48
CA ASN A 40 4.05 -4.69 -30.71
C ASN A 40 5.00 -5.89 -30.56
N GLY A 41 5.12 -6.40 -29.35
CA GLY A 41 5.97 -7.56 -29.06
C GLY A 41 7.46 -7.36 -29.26
N LYS A 42 7.90 -6.11 -29.30
CA LYS A 42 9.30 -5.78 -29.57
C LYS A 42 9.95 -4.93 -28.49
N LEU A 43 11.27 -5.02 -28.39
CA LEU A 43 12.07 -4.10 -27.58
C LEU A 43 12.59 -2.98 -28.49
N CYS A 44 12.22 -1.74 -28.15
CA CYS A 44 12.47 -0.59 -29.01
C CYS A 44 13.34 0.46 -28.33
N ASP A 45 13.86 1.39 -29.14
CA ASP A 45 14.45 2.60 -28.63
C ASP A 45 13.40 3.35 -27.83
N LEU A 46 13.82 4.04 -26.77
CA LEU A 46 12.89 4.82 -25.97
C LEU A 46 13.13 6.30 -26.23
N ASP A 47 12.16 6.95 -26.86
CA ASP A 47 12.25 8.37 -27.18
C ASP A 47 13.56 8.65 -27.94
N GLY A 48 13.87 7.77 -28.89
CA GLY A 48 15.06 7.90 -29.74
C GLY A 48 16.38 7.37 -29.19
N VAL A 49 16.36 6.83 -27.97
CA VAL A 49 17.58 6.33 -27.34
C VAL A 49 17.53 4.80 -27.20
N LYS A 50 18.51 4.12 -27.79
CA LYS A 50 18.56 2.65 -27.81
C LYS A 50 18.84 2.07 -26.43
N PRO A 51 18.20 0.93 -26.09
CA PRO A 51 18.53 0.24 -24.84
C PRO A 51 19.88 -0.49 -24.90
N LEU A 52 20.39 -0.83 -23.72
CA LEU A 52 21.50 -1.78 -23.64
C LEU A 52 20.94 -3.19 -23.53
N ILE A 53 21.08 -3.96 -24.60
CA ILE A 53 20.63 -5.35 -24.60
C ILE A 53 21.81 -6.25 -24.27
N LEU A 54 21.80 -6.81 -23.07
CA LEU A 54 22.94 -7.60 -22.57
C LEU A 54 23.06 -8.99 -23.20
N ARG A 55 22.05 -9.39 -23.97
CA ARG A 55 22.02 -10.69 -24.65
C ARG A 55 22.24 -11.83 -23.65
N ASP A 56 23.36 -12.55 -23.75
CA ASP A 56 23.64 -13.67 -22.83
C ASP A 56 24.48 -13.29 -21.61
N CYS A 57 24.77 -12.00 -21.46
CA CYS A 57 25.57 -11.52 -20.35
C CYS A 57 24.73 -10.96 -19.20
N SER A 58 25.23 -11.12 -17.98
CA SER A 58 24.66 -10.45 -16.81
C SER A 58 25.36 -9.12 -16.60
N VAL A 59 24.80 -8.30 -15.71
CA VAL A 59 25.42 -7.03 -15.29
C VAL A 59 26.85 -7.25 -14.76
N ALA A 60 27.02 -8.28 -13.93
CA ALA A 60 28.33 -8.67 -13.39
C ALA A 60 29.33 -9.03 -14.49
N GLY A 61 28.90 -9.84 -15.46
CA GLY A 61 29.74 -10.26 -16.58
C GLY A 61 30.17 -9.10 -17.44
N TRP A 62 29.26 -8.16 -17.65
CA TRP A 62 29.56 -6.92 -18.36
C TRP A 62 30.57 -6.03 -17.61
N LEU A 63 30.27 -5.71 -16.36
CA LEU A 63 31.09 -4.78 -15.58
C LEU A 63 32.51 -5.30 -15.29
N LEU A 64 32.60 -6.56 -14.89
CA LEU A 64 33.89 -7.20 -14.63
C LEU A 64 34.64 -7.52 -15.92
N GLY A 65 33.90 -7.70 -17.00
CA GLY A 65 34.50 -7.99 -18.30
C GLY A 65 34.79 -9.46 -18.53
N ASN A 66 33.81 -10.31 -18.24
CA ASN A 66 33.83 -11.70 -18.68
C ASN A 66 34.15 -11.70 -20.18
N PRO A 67 35.15 -12.51 -20.60
CA PRO A 67 35.63 -12.53 -21.99
C PRO A 67 34.55 -12.81 -23.03
N MET A 68 33.49 -13.51 -22.61
CA MET A 68 32.33 -13.79 -23.47
C MET A 68 31.49 -12.54 -23.73
N CYS A 69 31.80 -11.46 -23.01
CA CYS A 69 30.97 -10.26 -23.04
C CYS A 69 31.68 -9.07 -23.69
N ASP A 70 32.66 -9.35 -24.54
CA ASP A 70 33.46 -8.29 -25.18
C ASP A 70 32.67 -7.26 -26.00
N GLU A 71 31.53 -7.68 -26.53
CA GLU A 71 30.56 -6.78 -27.15
C GLU A 71 30.28 -5.55 -26.28
N PHE A 72 30.40 -5.70 -24.97
CA PHE A 72 30.00 -4.67 -24.00
C PHE A 72 31.16 -3.97 -23.26
N LEU A 73 32.35 -3.99 -23.86
CA LEU A 73 33.53 -3.36 -23.23
C LEU A 73 33.37 -1.84 -23.09
N ASN A 74 32.81 -1.19 -24.11
CA ASN A 74 32.60 0.25 -24.10
C ASN A 74 31.24 0.60 -24.71
N VAL A 75 30.17 0.40 -23.95
CA VAL A 75 28.83 0.60 -24.49
C VAL A 75 28.47 2.08 -24.63
N PRO A 76 27.64 2.43 -25.62
CA PRO A 76 27.19 3.81 -25.66
C PRO A 76 26.03 4.09 -24.67
N GLU A 77 25.59 5.35 -24.64
CA GLU A 77 24.50 5.78 -23.77
C GLU A 77 23.27 4.92 -24.00
N TRP A 78 22.56 4.57 -22.93
CA TRP A 78 21.35 3.75 -23.03
C TRP A 78 20.13 4.40 -22.38
N SER A 79 18.95 3.91 -22.76
CA SER A 79 17.68 4.37 -22.17
C SER A 79 17.23 3.42 -21.06
N TYR A 80 17.43 2.12 -21.27
CA TYR A 80 17.18 1.09 -20.26
C TYR A 80 18.08 -0.10 -20.55
N ILE A 81 18.15 -1.02 -19.58
CA ILE A 81 18.98 -2.20 -19.72
C ILE A 81 18.08 -3.42 -19.76
N VAL A 82 18.37 -4.34 -20.67
CA VAL A 82 17.66 -5.60 -20.73
C VAL A 82 18.60 -6.75 -20.36
N GLU A 83 18.12 -7.59 -19.44
CA GLU A 83 18.83 -8.76 -18.97
C GLU A 83 17.92 -9.97 -19.01
N LYS A 84 18.44 -11.13 -19.40
CA LYS A 84 17.66 -12.37 -19.35
C LYS A 84 17.50 -12.84 -17.91
N ILE A 85 16.53 -13.71 -17.66
CA ILE A 85 16.25 -14.22 -16.32
C ILE A 85 17.50 -14.90 -15.75
N ASN A 86 18.04 -15.86 -16.48
CA ASN A 86 19.30 -16.50 -16.09
C ASN A 86 20.34 -16.38 -17.20
N PRO A 87 21.11 -15.27 -17.20
CA PRO A 87 22.12 -15.05 -18.22
C PRO A 87 23.25 -16.06 -18.08
N ALA A 88 23.71 -16.59 -19.21
CA ALA A 88 24.72 -17.64 -19.21
C ALA A 88 26.11 -17.11 -18.83
N ASN A 89 26.41 -15.91 -19.28
CA ASN A 89 27.72 -15.30 -19.06
C ASN A 89 27.73 -14.32 -17.89
N ASP A 90 28.07 -14.86 -16.72
CA ASP A 90 28.03 -14.15 -15.46
C ASP A 90 29.47 -14.08 -14.93
N LEU A 91 29.74 -14.72 -13.79
CA LEU A 91 31.10 -14.82 -13.26
C LEU A 91 31.72 -16.09 -13.83
N CYS A 92 32.58 -15.93 -14.83
CA CYS A 92 33.24 -17.09 -15.46
C CYS A 92 34.03 -17.86 -14.42
N TYR A 93 34.91 -17.17 -13.70
CA TYR A 93 35.54 -17.77 -12.53
C TYR A 93 34.51 -17.71 -11.39
N PRO A 94 34.18 -18.87 -10.79
CA PRO A 94 33.09 -18.93 -9.82
C PRO A 94 33.33 -18.09 -8.56
N GLY A 95 32.25 -17.64 -7.94
CA GLY A 95 32.31 -16.85 -6.72
C GLY A 95 31.07 -16.00 -6.56
N ASN A 96 31.26 -14.75 -6.12
CA ASN A 96 30.12 -13.85 -5.95
C ASN A 96 30.51 -12.38 -6.03
N PHE A 97 29.51 -11.55 -6.26
CA PHE A 97 29.67 -10.11 -6.25
C PHE A 97 29.01 -9.62 -4.97
N ASN A 98 29.82 -9.04 -4.09
CA ASN A 98 29.33 -8.47 -2.85
C ASN A 98 28.40 -7.28 -3.10
N ASP A 99 27.28 -7.22 -2.37
CA ASP A 99 26.25 -6.17 -2.55
C ASP A 99 25.86 -5.97 -4.02
N TYR A 100 25.63 -7.09 -4.71
CA TYR A 100 25.33 -7.09 -6.14
C TYR A 100 24.02 -6.39 -6.46
N GLU A 101 22.99 -6.66 -5.65
CA GLU A 101 21.67 -6.07 -5.86
C GLU A 101 21.65 -4.56 -5.65
N GLU A 102 22.37 -4.08 -4.62
CA GLU A 102 22.54 -2.63 -4.41
C GLU A 102 23.25 -1.96 -5.59
N LEU A 103 24.24 -2.66 -6.15
CA LEU A 103 24.95 -2.17 -7.32
C LEU A 103 24.01 -2.04 -8.52
N LYS A 104 23.21 -3.07 -8.76
CA LYS A 104 22.21 -3.06 -9.83
C LYS A 104 21.21 -1.92 -9.63
N HIS A 105 20.83 -1.65 -8.38
CA HIS A 105 19.96 -0.52 -8.05
C HIS A 105 20.54 0.83 -8.52
N LEU A 106 21.83 1.03 -8.26
CA LEU A 106 22.54 2.23 -8.71
C LEU A 106 22.47 2.39 -10.21
N LEU A 107 22.62 1.26 -10.90
CA LEU A 107 22.50 1.20 -12.36
C LEU A 107 21.18 1.73 -12.89
N SER A 108 20.09 1.53 -12.14
CA SER A 108 18.77 1.99 -12.55
C SER A 108 18.68 3.51 -12.62
N ARG A 109 19.73 4.19 -12.16
CA ARG A 109 19.79 5.65 -12.21
C ARG A 109 20.96 6.17 -13.05
N ILE A 110 21.60 5.25 -13.77
CA ILE A 110 22.72 5.57 -14.66
C ILE A 110 22.34 5.29 -16.12
N ASN A 111 22.77 6.20 -17.01
CA ASN A 111 22.49 6.12 -18.44
C ASN A 111 23.72 5.88 -19.32
N HIS A 112 24.90 6.19 -18.81
CA HIS A 112 26.14 6.09 -19.58
C HIS A 112 27.34 6.05 -18.65
N PHE A 113 28.19 5.04 -18.84
CA PHE A 113 29.51 5.01 -18.22
C PHE A 113 30.53 5.51 -19.23
N GLU A 114 31.66 6.00 -18.74
CA GLU A 114 32.86 6.13 -19.56
C GLU A 114 33.97 5.32 -18.88
N LYS A 115 34.30 4.18 -19.45
CA LYS A 115 35.30 3.29 -18.87
C LYS A 115 36.71 3.86 -19.09
N ILE A 116 37.51 3.89 -18.04
CA ILE A 116 38.88 4.36 -18.15
C ILE A 116 39.84 3.39 -17.48
N GLN A 117 41.05 3.30 -18.03
CA GLN A 117 42.13 2.58 -17.39
C GLN A 117 42.63 3.40 -16.21
N ILE A 118 42.69 2.79 -15.03
CA ILE A 118 43.17 3.48 -13.84
C ILE A 118 44.49 2.90 -13.31
N ILE A 119 44.68 1.59 -13.49
CA ILE A 119 45.94 0.94 -13.14
C ILE A 119 46.34 0.05 -14.32
N PRO A 120 47.36 0.49 -15.09
CA PRO A 120 47.80 -0.26 -16.25
C PRO A 120 48.35 -1.63 -15.88
N LYS A 121 47.97 -2.64 -16.66
CA LYS A 121 48.42 -4.02 -16.48
C LYS A 121 49.94 -4.11 -16.58
N SER A 122 50.54 -3.22 -17.38
CA SER A 122 52.00 -3.15 -17.56
C SER A 122 52.71 -2.68 -16.30
N SER A 123 52.01 -1.92 -15.47
CA SER A 123 52.65 -1.28 -14.33
C SER A 123 53.06 -2.22 -13.20
N TRP A 124 52.69 -3.50 -13.30
CA TRP A 124 53.06 -4.48 -12.27
C TRP A 124 54.44 -5.08 -12.53
N SER A 125 55.44 -4.55 -11.82
CA SER A 125 56.85 -4.91 -12.04
C SER A 125 57.32 -6.14 -11.26
N ASP A 126 56.86 -6.25 -10.02
CA ASP A 126 57.36 -7.27 -9.10
C ASP A 126 56.37 -8.40 -8.89
N HIS A 127 55.37 -8.46 -9.75
CA HIS A 127 54.34 -9.48 -9.72
C HIS A 127 53.99 -9.91 -11.13
N GLU A 128 53.51 -11.14 -11.28
CA GLU A 128 52.98 -11.58 -12.56
C GLU A 128 51.54 -11.12 -12.67
N ALA A 129 51.16 -10.60 -13.83
CA ALA A 129 49.83 -10.08 -14.07
C ALA A 129 49.08 -10.82 -15.17
N SER A 130 49.61 -11.99 -15.57
CA SER A 130 49.03 -12.74 -16.66
C SER A 130 48.18 -13.94 -16.22
N GLY A 131 47.73 -13.93 -14.96
CA GLY A 131 46.90 -15.01 -14.43
C GLY A 131 45.66 -15.28 -15.27
N VAL A 132 45.46 -16.55 -15.63
CA VAL A 132 44.31 -16.96 -16.44
C VAL A 132 43.64 -18.19 -15.83
N SER A 133 42.46 -18.52 -16.34
CA SER A 133 41.74 -19.72 -15.93
C SER A 133 40.94 -20.34 -17.07
N SER A 134 40.82 -21.66 -17.06
CA SER A 134 39.97 -22.37 -18.02
C SER A 134 38.49 -22.12 -17.73
N ALA A 135 38.20 -21.55 -16.56
CA ALA A 135 36.84 -21.14 -16.21
C ALA A 135 36.41 -19.92 -17.04
N CYS A 136 37.38 -19.19 -17.58
CA CYS A 136 37.13 -18.01 -18.41
C CYS A 136 37.72 -18.16 -19.82
N PRO A 137 37.16 -19.07 -20.65
CA PRO A 137 37.76 -19.23 -21.98
C PRO A 137 37.48 -18.04 -22.91
N TYR A 138 38.42 -17.79 -23.83
CA TYR A 138 38.22 -16.85 -24.91
C TYR A 138 38.96 -17.36 -26.14
N GLN A 139 38.19 -17.60 -27.20
CA GLN A 139 38.69 -18.23 -28.44
C GLN A 139 39.40 -19.55 -28.15
N GLY A 140 38.81 -20.34 -27.25
CA GLY A 140 39.32 -21.65 -26.87
C GLY A 140 40.60 -21.68 -26.05
N ARG A 141 40.99 -20.52 -25.51
CA ARG A 141 42.16 -20.43 -24.63
C ARG A 141 41.77 -19.87 -23.28
N SER A 142 42.40 -20.37 -22.22
CA SER A 142 42.21 -19.83 -20.87
C SER A 142 42.49 -18.34 -20.87
N SER A 143 41.56 -17.57 -20.32
CA SER A 143 41.69 -16.12 -20.27
C SER A 143 41.24 -15.62 -18.90
N PHE A 144 40.91 -14.34 -18.80
CA PHE A 144 40.44 -13.76 -17.53
C PHE A 144 39.55 -12.56 -17.78
N PHE A 145 38.89 -12.08 -16.71
CA PHE A 145 38.12 -10.85 -16.77
C PHE A 145 38.94 -9.72 -17.37
N ARG A 146 38.31 -8.90 -18.20
CA ARG A 146 39.01 -7.83 -18.90
C ARG A 146 39.33 -6.62 -18.05
N ASN A 147 38.55 -6.37 -17.00
CA ASN A 147 38.64 -5.10 -16.27
C ASN A 147 39.41 -5.19 -14.96
N VAL A 148 39.72 -6.42 -14.53
CA VAL A 148 40.50 -6.68 -13.33
C VAL A 148 41.65 -7.64 -13.63
N VAL A 149 42.63 -7.71 -12.75
CA VAL A 149 43.88 -8.41 -13.02
C VAL A 149 44.23 -9.45 -11.95
N TRP A 150 44.53 -10.66 -12.38
CA TRP A 150 44.98 -11.72 -11.48
C TRP A 150 46.49 -11.66 -11.25
N LEU A 151 46.87 -11.09 -10.12
CA LEU A 151 48.29 -10.97 -9.75
C LEU A 151 48.79 -12.21 -9.02
N THR A 152 49.94 -12.71 -9.43
CA THR A 152 50.58 -13.82 -8.72
C THR A 152 52.06 -13.55 -8.49
N LYS A 153 52.72 -14.47 -7.78
CA LYS A 153 54.12 -14.30 -7.39
C LYS A 153 55.06 -14.27 -8.58
N LYS A 154 56.22 -13.65 -8.37
CA LYS A 154 57.32 -13.63 -9.33
C LYS A 154 58.60 -14.00 -8.59
N ASP A 155 59.34 -14.95 -9.17
CA ASP A 155 60.59 -15.45 -8.59
C ASP A 155 60.41 -15.98 -7.17
N ASN A 156 59.33 -16.72 -6.95
CA ASN A 156 58.98 -17.27 -5.64
C ASN A 156 58.79 -16.19 -4.57
N ALA A 157 58.30 -15.02 -4.98
CA ALA A 157 58.10 -13.89 -4.07
C ALA A 157 56.90 -13.03 -4.46
N TYR A 158 56.16 -12.61 -3.44
CA TYR A 158 55.05 -11.67 -3.60
C TYR A 158 55.29 -10.54 -2.59
N PRO A 159 56.04 -9.49 -3.01
CA PRO A 159 56.25 -8.34 -2.12
C PRO A 159 54.94 -7.59 -1.91
N THR A 160 54.84 -6.91 -0.77
CA THR A 160 53.63 -6.18 -0.41
C THR A 160 53.34 -5.09 -1.43
N ILE A 161 52.11 -5.13 -1.96
CA ILE A 161 51.64 -4.15 -2.92
C ILE A 161 51.09 -2.95 -2.18
N LYS A 162 51.50 -1.76 -2.60
CA LYS A 162 50.93 -0.51 -2.12
C LYS A 162 50.66 0.35 -3.34
N ARG A 163 49.39 0.45 -3.73
CA ARG A 163 49.01 1.24 -4.90
C ARG A 163 47.82 2.14 -4.59
N SER A 164 47.92 3.39 -5.04
CA SER A 164 46.87 4.37 -4.81
C SER A 164 46.37 4.94 -6.12
N TYR A 165 45.09 5.22 -6.19
CA TYR A 165 44.53 5.98 -7.31
C TYR A 165 43.65 7.13 -6.86
N ASN A 166 43.99 8.31 -7.35
CA ASN A 166 43.26 9.53 -7.04
C ASN A 166 42.34 9.88 -8.21
N ASN A 167 41.04 9.96 -7.93
CA ASN A 167 40.04 10.36 -8.93
C ASN A 167 40.14 11.86 -9.25
N THR A 168 40.90 12.18 -10.29
CA THR A 168 41.09 13.55 -10.74
C THR A 168 40.03 14.00 -11.76
N ASN A 169 39.09 13.12 -12.07
CA ASN A 169 37.98 13.47 -12.93
C ASN A 169 36.90 14.21 -12.15
N GLN A 170 35.97 14.83 -12.86
CA GLN A 170 34.88 15.57 -12.24
C GLN A 170 33.67 14.68 -11.94
N GLU A 171 33.75 13.42 -12.37
CA GLU A 171 32.67 12.45 -12.19
C GLU A 171 32.96 11.42 -11.10
N ASP A 172 31.91 10.89 -10.48
CA ASP A 172 32.03 9.72 -9.61
C ASP A 172 32.62 8.56 -10.40
N LEU A 173 33.39 7.72 -9.71
CA LEU A 173 34.05 6.58 -10.35
C LEU A 173 33.64 5.26 -9.69
N LEU A 174 33.14 4.32 -10.48
CA LEU A 174 32.85 2.97 -10.00
C LEU A 174 34.11 2.12 -10.12
N VAL A 175 34.66 1.71 -8.98
CA VAL A 175 35.88 0.91 -8.94
C VAL A 175 35.55 -0.52 -8.51
N LEU A 176 36.12 -1.49 -9.21
CA LEU A 176 35.90 -2.90 -8.96
C LEU A 176 37.24 -3.59 -8.62
N TRP A 177 37.20 -4.51 -7.68
CA TRP A 177 38.36 -5.34 -7.31
C TRP A 177 37.85 -6.63 -6.65
N GLY A 178 38.75 -7.58 -6.42
CA GLY A 178 38.35 -8.84 -5.82
C GLY A 178 39.42 -9.55 -5.01
N ILE A 179 39.00 -10.65 -4.37
CA ILE A 179 39.86 -11.50 -3.58
C ILE A 179 39.70 -12.93 -4.08
N HIS A 180 40.80 -13.67 -4.12
CA HIS A 180 40.77 -15.06 -4.53
C HIS A 180 40.81 -15.98 -3.31
N HIS A 181 39.81 -16.85 -3.21
CA HIS A 181 39.76 -17.86 -2.15
C HIS A 181 40.28 -19.20 -2.72
N PRO A 182 41.47 -19.62 -2.28
CA PRO A 182 42.14 -20.81 -2.81
C PRO A 182 41.58 -22.13 -2.25
N ASN A 183 42.02 -23.24 -2.82
CA ASN A 183 41.54 -24.57 -2.43
C ASN A 183 42.18 -25.15 -1.18
N ASP A 184 43.49 -24.93 -1.04
CA ASP A 184 44.25 -25.48 0.08
C ASP A 184 45.54 -24.71 0.33
N ALA A 185 46.22 -25.04 1.44
CA ALA A 185 47.45 -24.38 1.86
C ALA A 185 48.55 -24.42 0.79
N ALA A 186 48.69 -25.56 0.12
CA ALA A 186 49.69 -25.74 -0.93
C ALA A 186 49.41 -24.84 -2.14
N GLU A 187 48.15 -24.71 -2.50
CA GLU A 187 47.77 -23.83 -3.60
C GLU A 187 48.07 -22.36 -3.26
N GLN A 188 47.75 -21.96 -2.03
CA GLN A 188 48.05 -20.62 -1.52
C GLN A 188 49.52 -20.24 -1.73
N THR A 189 50.44 -21.14 -1.35
CA THR A 189 51.88 -20.86 -1.50
C THR A 189 52.32 -20.96 -2.95
N ARG A 190 51.73 -21.90 -3.70
CA ARG A 190 52.05 -22.06 -5.11
C ARG A 190 51.73 -20.78 -5.91
N LEU A 191 50.63 -20.11 -5.58
CA LEU A 191 50.23 -18.90 -6.29
C LEU A 191 50.82 -17.62 -5.71
N TYR A 192 50.88 -17.52 -4.39
CA TYR A 192 51.15 -16.24 -3.73
C TYR A 192 52.33 -16.25 -2.75
N GLN A 193 52.94 -17.42 -2.58
CA GLN A 193 54.08 -17.63 -1.65
C GLN A 193 53.73 -17.48 -0.17
N ASN A 194 53.23 -16.31 0.20
CA ASN A 194 52.86 -16.00 1.58
C ASN A 194 51.66 -16.82 2.06
N PRO A 195 51.83 -17.55 3.17
CA PRO A 195 50.75 -18.40 3.70
C PRO A 195 49.58 -17.62 4.32
N THR A 196 49.87 -16.44 4.85
CA THR A 196 48.88 -15.63 5.55
C THR A 196 48.81 -14.25 4.89
N THR A 197 47.66 -13.94 4.31
CA THR A 197 47.56 -12.75 3.48
C THR A 197 46.33 -11.91 3.79
N TYR A 198 46.28 -10.73 3.17
CA TYR A 198 45.19 -9.80 3.37
C TYR A 198 45.14 -8.85 2.19
N ILE A 199 44.00 -8.19 2.05
CA ILE A 199 43.89 -7.02 1.19
C ILE A 199 43.24 -5.95 2.04
N SER A 200 43.86 -4.78 2.11
CA SER A 200 43.23 -3.66 2.78
C SER A 200 42.92 -2.59 1.74
N VAL A 201 41.74 -2.01 1.85
CA VAL A 201 41.31 -1.00 0.90
C VAL A 201 40.73 0.18 1.66
N GLY A 202 41.21 1.38 1.33
CA GLY A 202 40.74 2.58 2.00
C GLY A 202 40.51 3.75 1.07
N THR A 203 39.42 4.46 1.34
CA THR A 203 39.11 5.76 0.74
C THR A 203 38.80 6.72 1.89
N SER A 204 38.04 7.78 1.61
CA SER A 204 37.58 8.67 2.68
C SER A 204 36.49 8.01 3.53
N THR A 205 35.82 7.00 2.99
CA THR A 205 34.72 6.32 3.69
C THR A 205 34.91 4.82 3.83
N LEU A 206 35.64 4.21 2.89
CA LEU A 206 35.87 2.77 2.88
C LEU A 206 36.97 2.37 3.85
N ASN A 207 36.72 1.34 4.63
CA ASN A 207 37.70 0.79 5.55
C ASN A 207 37.65 -0.74 5.54
N GLN A 208 38.27 -1.33 4.53
CA GLN A 208 38.14 -2.76 4.30
C GLN A 208 39.45 -3.49 4.55
N ARG A 209 39.36 -4.63 5.24
CA ARG A 209 40.48 -5.55 5.33
C ARG A 209 39.97 -6.97 5.17
N LEU A 210 40.35 -7.59 4.06
CA LEU A 210 39.88 -8.92 3.69
C LEU A 210 40.95 -9.97 3.93
N VAL A 211 40.53 -11.15 4.36
CA VAL A 211 41.40 -12.30 4.54
C VAL A 211 40.81 -13.46 3.73
N PRO A 212 41.63 -14.13 2.90
CA PRO A 212 41.14 -15.26 2.08
C PRO A 212 40.58 -16.39 2.92
N LYS A 213 39.56 -17.05 2.41
CA LYS A 213 38.95 -18.18 3.09
C LYS A 213 39.28 -19.46 2.34
N ILE A 214 40.18 -20.26 2.90
CA ILE A 214 40.49 -21.58 2.35
C ILE A 214 39.40 -22.55 2.79
N ALA A 215 38.83 -23.26 1.82
CA ALA A 215 37.74 -24.21 2.05
C ALA A 215 37.64 -25.21 0.91
N THR A 216 37.18 -26.42 1.24
CA THR A 216 36.99 -27.49 0.26
C THR A 216 35.60 -27.32 -0.32
N ARG A 217 35.55 -27.08 -1.63
CA ARG A 217 34.31 -26.69 -2.29
C ARG A 217 34.06 -27.50 -3.56
N SER A 218 32.79 -27.53 -3.99
CA SER A 218 32.41 -28.22 -5.22
C SER A 218 32.97 -27.50 -6.45
N LYS A 219 33.28 -28.27 -7.48
CA LYS A 219 33.69 -27.68 -8.76
C LYS A 219 32.53 -26.93 -9.39
N VAL A 220 32.82 -25.72 -9.87
CA VAL A 220 31.86 -24.90 -10.61
C VAL A 220 32.64 -24.30 -11.78
N ASN A 221 32.12 -24.51 -12.99
CA ASN A 221 32.86 -24.23 -14.23
C ASN A 221 34.26 -24.84 -14.23
N GLY A 222 34.38 -26.03 -13.64
CA GLY A 222 35.65 -26.75 -13.57
C GLY A 222 36.61 -26.34 -12.46
N GLN A 223 36.23 -25.39 -11.61
CA GLN A 223 37.12 -24.92 -10.54
C GLN A 223 36.49 -24.95 -9.14
N SER A 224 37.28 -25.38 -8.17
CA SER A 224 36.87 -25.39 -6.76
C SER A 224 37.26 -24.10 -6.04
N GLY A 225 38.15 -23.32 -6.65
CA GLY A 225 38.50 -21.98 -6.14
C GLY A 225 37.35 -21.01 -6.31
N ARG A 226 37.39 -19.88 -5.61
CA ARG A 226 36.33 -18.87 -5.71
C ARG A 226 36.91 -17.46 -5.74
N MET A 227 36.22 -16.58 -6.44
CA MET A 227 36.58 -15.16 -6.41
C MET A 227 35.42 -14.32 -5.93
N GLU A 228 35.70 -13.48 -4.93
CA GLU A 228 34.71 -12.60 -4.37
C GLU A 228 35.04 -11.17 -4.75
N PHE A 229 34.09 -10.50 -5.40
CA PHE A 229 34.31 -9.15 -5.92
C PHE A 229 33.63 -8.04 -5.11
N PHE A 230 34.24 -6.87 -5.13
CA PHE A 230 33.77 -5.73 -4.35
C PHE A 230 33.74 -4.50 -5.24
N TRP A 231 32.96 -3.52 -4.82
CA TRP A 231 32.87 -2.27 -5.57
C TRP A 231 32.72 -1.11 -4.61
N THR A 232 33.07 0.07 -5.10
CA THR A 232 32.85 1.30 -4.36
C THR A 232 32.73 2.45 -5.36
N ILE A 233 32.09 3.53 -4.91
CA ILE A 233 32.00 4.76 -5.67
C ILE A 233 33.04 5.71 -5.12
N LEU A 234 34.03 6.02 -5.94
CA LEU A 234 35.09 6.95 -5.56
C LEU A 234 34.74 8.35 -6.04
N LYS A 235 34.59 9.26 -5.07
CA LYS A 235 34.17 10.63 -5.34
C LYS A 235 35.30 11.44 -5.98
N PRO A 236 34.96 12.49 -6.76
CA PRO A 236 36.00 13.35 -7.32
C PRO A 236 36.92 13.87 -6.22
N ASN A 237 38.23 13.87 -6.49
CA ASN A 237 39.25 14.32 -5.53
C ASN A 237 39.59 13.36 -4.40
N ASP A 238 38.86 12.27 -4.29
CA ASP A 238 39.17 11.25 -3.30
C ASP A 238 40.09 10.21 -3.93
N ALA A 239 40.87 9.54 -3.09
CA ALA A 239 41.77 8.49 -3.55
C ALA A 239 41.42 7.14 -2.94
N ILE A 240 41.74 6.09 -3.69
CA ILE A 240 41.60 4.72 -3.21
C ILE A 240 43.00 4.11 -3.03
N ASN A 241 43.20 3.42 -1.91
CA ASN A 241 44.49 2.89 -1.54
C ASN A 241 44.39 1.41 -1.29
N PHE A 242 45.16 0.65 -2.05
CA PHE A 242 45.19 -0.80 -1.96
C PHE A 242 46.49 -1.24 -1.31
N GLU A 243 46.40 -2.19 -0.38
CA GLU A 243 47.58 -2.86 0.14
C GLU A 243 47.32 -4.35 0.28
N SER A 244 48.27 -5.16 -0.20
CA SER A 244 48.10 -6.61 -0.22
C SER A 244 49.41 -7.38 -0.32
N ASN A 245 49.49 -8.51 0.39
CA ASN A 245 50.60 -9.45 0.22
C ASN A 245 50.14 -10.78 -0.38
N GLY A 246 48.96 -10.78 -0.99
CA GLY A 246 48.48 -11.93 -1.77
C GLY A 246 47.00 -11.98 -1.97
N ASN A 247 46.57 -12.81 -2.93
CA ASN A 247 45.16 -13.10 -3.21
C ASN A 247 44.37 -11.93 -3.77
N PHE A 248 45.08 -10.93 -4.29
CA PHE A 248 44.51 -9.67 -4.75
C PHE A 248 44.16 -9.72 -6.25
N ILE A 249 42.90 -9.48 -6.56
CA ILE A 249 42.47 -9.32 -7.95
C ILE A 249 42.39 -7.82 -8.17
N ALA A 250 43.41 -7.26 -8.80
CA ALA A 250 43.59 -5.81 -8.87
C ALA A 250 42.68 -5.16 -9.91
N PRO A 251 42.23 -3.92 -9.63
CA PRO A 251 41.53 -3.13 -10.64
C PRO A 251 42.44 -2.85 -11.83
N GLU A 252 41.86 -2.72 -13.01
CA GLU A 252 42.60 -2.25 -14.18
C GLU A 252 41.86 -1.06 -14.75
N ASN A 253 40.61 -1.30 -15.15
CA ASN A 253 39.69 -0.27 -15.60
C ASN A 253 38.57 0.00 -14.60
N ALA A 254 38.18 1.27 -14.51
CA ALA A 254 37.05 1.68 -13.69
C ALA A 254 36.09 2.51 -14.55
N TYR A 255 34.91 2.80 -14.00
CA TYR A 255 33.84 3.43 -14.77
C TYR A 255 33.47 4.83 -14.30
N LYS A 256 33.68 5.84 -15.15
CA LYS A 256 33.19 7.18 -14.86
C LYS A 256 31.69 7.21 -15.05
N ILE A 257 30.97 7.70 -14.05
CA ILE A 257 29.54 7.89 -14.19
C ILE A 257 29.32 9.26 -14.85
N VAL A 258 29.06 9.24 -16.17
CA VAL A 258 29.04 10.49 -16.95
C VAL A 258 27.64 11.05 -17.21
N LYS A 259 26.65 10.16 -17.23
CA LYS A 259 25.26 10.58 -17.40
C LYS A 259 24.33 9.86 -16.43
N LYS A 260 23.52 10.63 -15.72
CA LYS A 260 22.53 10.09 -14.79
C LYS A 260 21.13 10.49 -15.19
N GLY A 261 20.16 9.63 -14.89
CA GLY A 261 18.76 9.93 -15.18
C GLY A 261 17.88 8.72 -14.97
N ASP A 262 16.72 8.74 -15.61
CA ASP A 262 15.77 7.63 -15.53
C ASP A 262 16.24 6.44 -16.36
N SER A 263 16.28 5.28 -15.73
CA SER A 263 16.63 4.02 -16.37
C SER A 263 15.98 2.90 -15.60
N THR A 264 16.14 1.68 -16.10
CA THR A 264 15.67 0.49 -15.40
C THR A 264 16.39 -0.72 -15.96
N ILE A 265 16.48 -1.77 -15.16
CA ILE A 265 16.94 -3.05 -15.64
C ILE A 265 15.71 -3.93 -15.84
N MET A 266 15.40 -4.17 -17.11
CA MET A 266 14.23 -4.93 -17.52
C MET A 266 14.62 -6.40 -17.67
N LYS A 267 13.80 -7.29 -17.11
CA LYS A 267 14.01 -8.73 -17.31
C LYS A 267 13.16 -9.21 -18.49
N SER A 268 13.83 -9.60 -19.56
CA SER A 268 13.15 -10.07 -20.77
C SER A 268 13.99 -11.05 -21.58
N GLU A 269 13.30 -11.94 -22.29
CA GLU A 269 13.98 -12.89 -23.17
C GLU A 269 14.09 -12.36 -24.60
N LEU A 270 13.37 -11.28 -24.89
CA LEU A 270 13.32 -10.71 -26.24
C LEU A 270 14.62 -10.04 -26.68
N GLU A 271 14.81 -9.96 -28.00
CA GLU A 271 15.96 -9.31 -28.62
C GLU A 271 15.60 -7.90 -29.09
N TYR A 272 16.58 -7.16 -29.60
CA TYR A 272 16.35 -5.81 -30.13
C TYR A 272 15.36 -5.85 -31.30
N GLY A 273 14.49 -4.84 -31.39
CA GLY A 273 13.42 -4.82 -32.39
C GLY A 273 13.50 -3.78 -33.50
N ASN A 274 14.63 -3.05 -33.56
CA ASN A 274 14.83 -1.98 -34.55
C ASN A 274 13.62 -1.02 -34.71
N CYS A 275 13.12 -0.53 -33.58
CA CYS A 275 11.90 0.26 -33.53
C CYS A 275 12.04 1.41 -32.54
N ASN A 276 11.15 2.40 -32.61
CA ASN A 276 11.12 3.48 -31.62
C ASN A 276 9.79 3.57 -30.90
N THR A 277 9.83 3.85 -29.60
CA THR A 277 8.62 3.92 -28.78
C THR A 277 8.71 5.00 -27.70
N LYS A 278 7.54 5.39 -27.18
CA LYS A 278 7.45 6.27 -26.03
C LYS A 278 7.22 5.47 -24.74
N CYS A 279 6.77 4.22 -24.90
CA CYS A 279 6.40 3.37 -23.77
C CYS A 279 6.81 1.92 -24.02
N GLN A 280 7.71 1.43 -23.18
CA GLN A 280 8.27 0.07 -23.29
C GLN A 280 7.90 -0.81 -22.11
N THR A 281 7.54 -2.07 -22.39
CA THR A 281 7.35 -3.10 -21.36
C THR A 281 8.26 -4.27 -21.69
N PRO A 282 8.46 -5.20 -20.73
CA PRO A 282 9.33 -6.34 -20.95
C PRO A 282 8.85 -7.31 -22.04
N ILE A 283 7.57 -7.24 -22.39
CA ILE A 283 7.03 -8.14 -23.43
C ILE A 283 6.66 -7.44 -24.76
N GLY A 284 6.82 -6.12 -24.81
CA GLY A 284 6.50 -5.35 -26.02
C GLY A 284 6.27 -3.88 -25.77
N ALA A 285 6.33 -3.09 -26.84
CA ALA A 285 6.13 -1.65 -26.75
C ALA A 285 4.66 -1.26 -26.93
N ILE A 286 4.30 -0.10 -26.40
CA ILE A 286 2.94 0.40 -26.44
C ILE A 286 2.89 1.71 -27.24
N ASN A 287 2.00 1.77 -28.21
CA ASN A 287 1.73 2.98 -28.98
C ASN A 287 0.23 3.27 -28.89
N SER A 288 -0.15 4.09 -27.91
CA SER A 288 -1.55 4.24 -27.55
C SER A 288 -1.87 5.60 -26.95
N SER A 289 -3.11 6.06 -27.15
CA SER A 289 -3.59 7.26 -26.47
C SER A 289 -4.62 6.93 -25.37
N MET A 290 -4.85 5.63 -25.15
CA MET A 290 -5.71 5.14 -24.06
C MET A 290 -5.13 5.53 -22.69
N PRO A 291 -6.00 5.85 -21.71
CA PRO A 291 -5.51 6.17 -20.37
C PRO A 291 -5.01 4.94 -19.58
N PHE A 292 -5.59 3.76 -19.87
CA PHE A 292 -5.22 2.53 -19.17
C PHE A 292 -4.67 1.47 -20.13
N HIS A 293 -3.91 0.54 -19.59
CA HIS A 293 -3.47 -0.65 -20.33
C HIS A 293 -3.36 -1.85 -19.40
N ASN A 294 -3.35 -3.06 -19.97
CA ASN A 294 -3.18 -4.28 -19.19
C ASN A 294 -2.04 -5.15 -19.71
N ILE A 295 -1.06 -4.53 -20.37
CA ILE A 295 0.03 -5.29 -20.98
C ILE A 295 0.96 -5.94 -19.94
N HIS A 296 1.48 -5.13 -19.02
CA HIS A 296 2.51 -5.57 -18.08
C HIS A 296 2.71 -4.46 -17.04
N PRO A 297 2.82 -4.84 -15.75
CA PRO A 297 3.00 -3.84 -14.68
C PRO A 297 4.29 -3.03 -14.79
N LEU A 298 5.35 -3.58 -15.37
CA LEU A 298 6.65 -2.93 -15.38
C LEU A 298 6.94 -2.20 -16.68
N THR A 299 6.76 -0.89 -16.66
CA THR A 299 6.94 -0.08 -17.85
C THR A 299 7.91 1.07 -17.58
N ILE A 300 8.49 1.60 -18.66
CA ILE A 300 9.27 2.84 -18.61
C ILE A 300 8.84 3.74 -19.78
N GLY A 301 8.85 5.04 -19.53
CA GLY A 301 8.51 6.03 -20.56
C GLY A 301 7.19 6.72 -20.25
N GLU A 302 6.62 7.36 -21.26
CA GLU A 302 5.33 8.02 -21.14
C GLU A 302 4.24 6.99 -21.42
N CYS A 303 3.66 6.45 -20.36
CA CYS A 303 2.84 5.25 -20.47
C CYS A 303 1.43 5.47 -19.97
N PRO A 304 0.47 4.66 -20.47
CA PRO A 304 -0.85 4.63 -19.82
C PRO A 304 -0.72 3.97 -18.46
N LYS A 305 -1.75 4.10 -17.62
CA LYS A 305 -1.76 3.51 -16.28
C LYS A 305 -2.12 2.03 -16.34
N TYR A 306 -1.36 1.20 -15.62
CA TYR A 306 -1.59 -0.25 -15.66
C TYR A 306 -2.72 -0.68 -14.74
N VAL A 307 -3.61 -1.53 -15.27
CA VAL A 307 -4.62 -2.21 -14.47
C VAL A 307 -4.70 -3.67 -14.88
N LYS A 308 -5.18 -4.55 -14.00
CA LYS A 308 -5.29 -5.97 -14.32
C LYS A 308 -6.57 -6.32 -15.10
N SER A 309 -7.39 -5.30 -15.41
CA SER A 309 -8.68 -5.49 -16.08
C SER A 309 -8.55 -6.12 -17.46
N SER A 310 -9.55 -6.92 -17.80
CA SER A 310 -9.64 -7.49 -19.14
C SER A 310 -10.42 -6.57 -20.07
N ARG A 311 -11.24 -5.69 -19.48
CA ARG A 311 -12.13 -4.80 -20.22
C ARG A 311 -12.51 -3.56 -19.38
N LEU A 312 -12.42 -2.38 -19.98
CA LEU A 312 -12.89 -1.13 -19.36
C LEU A 312 -13.54 -0.27 -20.44
N VAL A 313 -14.85 -0.09 -20.34
CA VAL A 313 -15.58 0.64 -21.36
C VAL A 313 -16.60 1.57 -20.73
N LEU A 314 -16.53 2.85 -21.09
CA LEU A 314 -17.46 3.85 -20.60
C LEU A 314 -18.61 4.03 -21.57
N ALA A 315 -19.83 4.06 -21.03
CA ALA A 315 -21.01 4.49 -21.77
C ALA A 315 -20.87 5.99 -22.01
N THR A 316 -21.16 6.44 -23.23
CA THR A 316 -21.19 7.86 -23.51
C THR A 316 -22.59 8.20 -24.01
N GLY A 317 -23.07 7.36 -24.92
CA GLY A 317 -24.42 7.48 -25.45
C GLY A 317 -25.45 6.86 -24.53
N LEU A 318 -26.61 6.58 -25.08
CA LEU A 318 -27.73 6.17 -24.25
C LEU A 318 -28.10 4.73 -24.55
N ARG A 319 -28.97 4.17 -23.71
CA ARG A 319 -29.46 2.82 -23.89
C ARG A 319 -30.06 2.69 -25.30
N ASN A 320 -29.51 1.77 -26.08
CA ASN A 320 -29.93 1.61 -27.46
C ASN A 320 -31.09 0.64 -27.56
N SER A 321 -32.28 1.21 -27.77
CA SER A 321 -33.49 0.46 -28.05
C SER A 321 -34.25 1.06 -29.23
N PRO A 322 -33.88 0.67 -30.47
CA PRO A 322 -34.66 1.05 -31.64
C PRO A 322 -36.03 0.36 -31.64
N GLN A 323 -37.05 1.06 -32.11
CA GLN A 323 -38.42 0.53 -32.16
C GLN A 323 -38.54 -0.63 -33.16
N ARG A 324 -39.68 -1.31 -33.12
CA ARG A 324 -40.02 -2.39 -34.05
C ARG A 324 -41.51 -2.65 -34.06
N GLY B 1 -35.61 2.67 -16.67
CA GLY B 1 -34.57 3.43 -15.93
C GLY B 1 -35.17 4.31 -14.85
N LEU B 2 -34.30 5.00 -14.12
CA LEU B 2 -34.71 5.72 -12.91
C LEU B 2 -35.78 6.80 -13.15
N PHE B 3 -35.74 7.42 -14.33
CA PHE B 3 -36.62 8.57 -14.61
C PHE B 3 -37.84 8.26 -15.47
N GLY B 4 -37.97 6.99 -15.86
CA GLY B 4 -39.17 6.46 -16.50
C GLY B 4 -39.42 6.84 -17.95
N ALA B 5 -38.48 7.56 -18.56
CA ALA B 5 -38.69 8.08 -19.90
C ALA B 5 -38.17 7.13 -20.99
N ILE B 6 -36.85 6.94 -21.02
CA ILE B 6 -36.19 6.09 -22.01
C ILE B 6 -36.60 4.64 -21.76
N ALA B 7 -37.06 3.97 -22.81
CA ALA B 7 -37.64 2.63 -22.72
C ALA B 7 -38.69 2.56 -21.59
N GLY B 8 -39.35 3.70 -21.36
CA GLY B 8 -40.40 3.84 -20.35
C GLY B 8 -41.69 4.27 -21.01
N PHE B 9 -42.16 5.48 -20.72
CA PHE B 9 -43.40 5.97 -21.35
C PHE B 9 -43.15 6.36 -22.80
N ILE B 10 -41.90 6.69 -23.11
CA ILE B 10 -41.45 6.78 -24.49
C ILE B 10 -40.82 5.43 -24.85
N GLU B 11 -41.56 4.64 -25.63
CA GLU B 11 -41.30 3.21 -25.82
C GLU B 11 -39.92 2.89 -26.42
N GLY B 12 -39.53 3.60 -27.46
CA GLY B 12 -38.26 3.35 -28.15
C GLY B 12 -37.60 4.59 -28.71
N GLY B 13 -36.35 4.45 -29.12
CA GLY B 13 -35.60 5.53 -29.73
C GLY B 13 -35.85 5.65 -31.23
N TRP B 14 -35.43 6.79 -31.79
CA TRP B 14 -35.63 7.10 -33.21
C TRP B 14 -34.34 6.97 -34.00
N GLN B 15 -34.31 6.04 -34.92
CA GLN B 15 -33.17 5.95 -35.83
C GLN B 15 -33.18 7.09 -36.85
N GLY B 16 -34.37 7.64 -37.13
CA GLY B 16 -34.51 8.76 -38.07
C GLY B 16 -33.98 10.10 -37.57
N MET B 17 -33.67 10.19 -36.28
CA MET B 17 -33.10 11.42 -35.74
C MET B 17 -31.59 11.27 -35.59
N VAL B 18 -30.86 11.72 -36.60
CA VAL B 18 -29.42 11.49 -36.69
C VAL B 18 -28.69 12.76 -36.27
N ASP B 19 -29.49 13.68 -35.75
CA ASP B 19 -29.15 15.06 -35.54
C ASP B 19 -28.54 15.31 -34.15
N GLY B 20 -29.02 14.56 -33.16
CA GLY B 20 -28.56 14.74 -31.79
C GLY B 20 -29.14 13.65 -30.93
N TRP B 21 -28.91 13.76 -29.63
CA TRP B 21 -29.34 12.73 -28.69
C TRP B 21 -30.83 12.78 -28.36
N TYR B 22 -31.36 13.99 -28.19
CA TYR B 22 -32.78 14.16 -27.86
C TYR B 22 -33.38 15.17 -28.81
N GLY B 23 -34.68 15.05 -29.05
CA GLY B 23 -35.34 15.99 -29.94
C GLY B 23 -36.79 15.71 -30.17
N TYR B 24 -37.26 16.15 -31.33
CA TYR B 24 -38.68 16.25 -31.61
C TYR B 24 -39.02 15.58 -32.93
N HIS B 25 -40.22 15.03 -33.02
CA HIS B 25 -40.83 14.73 -34.29
C HIS B 25 -42.15 15.49 -34.37
N HIS B 26 -42.34 16.23 -35.46
CA HIS B 26 -43.57 16.95 -35.69
C HIS B 26 -44.28 16.44 -36.93
N SER B 27 -45.59 16.62 -36.99
CA SER B 27 -46.39 16.38 -38.19
C SER B 27 -47.54 17.38 -38.25
N ASN B 28 -47.53 18.20 -39.29
CA ASN B 28 -48.60 19.15 -39.54
C ASN B 28 -49.05 19.10 -41.00
N GLU B 29 -49.78 20.12 -41.45
CA GLU B 29 -50.26 20.16 -42.84
C GLU B 29 -49.12 20.37 -43.84
N GLN B 30 -48.05 21.02 -43.40
CA GLN B 30 -46.88 21.29 -44.25
C GLN B 30 -45.96 20.08 -44.42
N GLY B 31 -46.06 19.11 -43.52
CA GLY B 31 -45.25 17.89 -43.60
C GLY B 31 -44.82 17.38 -42.24
N SER B 32 -43.82 16.51 -42.23
CA SER B 32 -43.30 15.94 -40.98
C SER B 32 -41.79 15.81 -41.01
N GLY B 33 -41.19 15.58 -39.84
CA GLY B 33 -39.75 15.42 -39.73
C GLY B 33 -39.23 15.45 -38.30
N TYR B 34 -37.95 15.10 -38.17
CA TYR B 34 -37.24 15.09 -36.89
C TYR B 34 -36.43 16.35 -36.77
N ALA B 35 -36.20 16.78 -35.54
CA ALA B 35 -35.28 17.88 -35.25
C ALA B 35 -34.73 17.66 -33.86
N ALA B 36 -33.40 17.67 -33.74
CA ALA B 36 -32.76 17.52 -32.45
C ALA B 36 -32.91 18.80 -31.63
N ASP B 37 -33.14 18.63 -30.33
CA ASP B 37 -33.10 19.76 -29.42
C ASP B 37 -31.62 20.06 -29.16
N LYS B 38 -31.17 21.21 -29.65
CA LYS B 38 -29.76 21.56 -29.62
C LYS B 38 -29.27 21.82 -28.19
N GLU B 39 -30.12 22.46 -27.39
CA GLU B 39 -29.75 22.87 -26.04
C GLU B 39 -29.48 21.67 -25.11
N SER B 40 -30.44 20.75 -25.03
CA SER B 40 -30.29 19.58 -24.16
C SER B 40 -29.21 18.62 -24.67
N THR B 41 -29.09 18.49 -25.99
CA THR B 41 -28.06 17.65 -26.59
C THR B 41 -26.66 18.17 -26.25
N GLN B 42 -26.45 19.49 -26.40
CA GLN B 42 -25.16 20.11 -26.13
C GLN B 42 -24.77 20.02 -24.65
N LYS B 43 -25.74 20.31 -23.78
CA LYS B 43 -25.55 20.21 -22.34
C LYS B 43 -25.13 18.79 -21.95
N ALA B 44 -25.81 17.79 -22.51
CA ALA B 44 -25.47 16.38 -22.29
C ALA B 44 -24.08 16.02 -22.84
N ILE B 45 -23.73 16.53 -24.02
CA ILE B 45 -22.41 16.28 -24.62
C ILE B 45 -21.30 16.84 -23.72
N ASP B 46 -21.51 18.07 -23.22
CA ASP B 46 -20.56 18.70 -22.30
C ASP B 46 -20.40 17.91 -21.00
N GLY B 47 -21.52 17.51 -20.41
CA GLY B 47 -21.55 16.73 -19.17
C GLY B 47 -20.81 15.41 -19.28
N VAL B 48 -21.07 14.69 -20.36
CA VAL B 48 -20.47 13.38 -20.61
C VAL B 48 -18.97 13.50 -20.93
N THR B 49 -18.61 14.49 -21.74
CA THR B 49 -17.21 14.77 -22.06
C THR B 49 -16.41 15.11 -20.78
N ASN B 50 -16.98 15.97 -19.94
CA ASN B 50 -16.36 16.33 -18.65
C ASN B 50 -16.16 15.11 -17.75
N LYS B 51 -17.17 14.22 -17.72
CA LYS B 51 -17.08 12.98 -16.95
C LYS B 51 -15.91 12.10 -17.42
N VAL B 52 -15.82 11.85 -18.73
CA VAL B 52 -14.73 11.06 -19.31
C VAL B 52 -13.36 11.66 -18.91
N ASN B 53 -13.22 12.97 -19.04
CA ASN B 53 -12.02 13.67 -18.59
C ASN B 53 -11.74 13.53 -17.09
N SER B 54 -12.77 13.66 -16.27
CA SER B 54 -12.65 13.56 -14.81
C SER B 54 -12.14 12.20 -14.37
N ILE B 55 -12.65 11.16 -15.01
CA ILE B 55 -12.28 9.78 -14.72
C ILE B 55 -10.80 9.54 -15.04
N ILE B 56 -10.38 9.98 -16.23
CA ILE B 56 -8.98 9.89 -16.65
C ILE B 56 -8.04 10.66 -15.70
N ASP B 57 -8.40 11.89 -15.36
CA ASP B 57 -7.53 12.77 -14.59
C ASP B 57 -7.34 12.38 -13.12
N LYS B 58 -8.38 11.84 -12.49
CA LYS B 58 -8.30 11.40 -11.10
C LYS B 58 -7.36 10.20 -10.93
N MET B 59 -7.32 9.34 -11.94
CA MET B 59 -6.49 8.14 -11.92
C MET B 59 -5.02 8.47 -12.17
N ASN B 60 -4.75 9.72 -12.55
CA ASN B 60 -3.43 10.22 -12.99
C ASN B 60 -2.24 9.82 -12.12
N THR B 61 -2.37 9.97 -10.81
CA THR B 61 -1.27 9.63 -9.90
C THR B 61 -1.44 8.21 -9.38
N GLN B 62 -1.44 7.27 -10.33
CA GLN B 62 -1.58 5.86 -10.01
C GLN B 62 -0.25 5.29 -9.54
N PHE B 63 -0.29 4.12 -8.92
CA PHE B 63 0.94 3.43 -8.52
C PHE B 63 1.71 2.98 -9.75
N GLU B 64 3.04 3.06 -9.66
CA GLU B 64 3.91 2.65 -10.75
C GLU B 64 4.91 1.62 -10.24
N ALA B 65 4.71 0.37 -10.61
CA ALA B 65 5.57 -0.71 -10.16
C ALA B 65 6.99 -0.57 -10.71
N VAL B 66 7.96 -0.87 -9.86
CA VAL B 66 9.38 -0.77 -10.23
C VAL B 66 10.03 -2.12 -9.96
N GLY B 67 10.86 -2.58 -10.89
CA GLY B 67 11.59 -3.82 -10.71
C GLY B 67 12.63 -3.68 -9.62
N ARG B 68 12.55 -4.56 -8.62
CA ARG B 68 13.53 -4.62 -7.52
C ARG B 68 14.09 -6.03 -7.41
N GLU B 69 15.36 -6.14 -7.02
CA GLU B 69 16.03 -7.45 -6.98
C GLU B 69 16.62 -7.79 -5.60
N PHE B 70 16.42 -9.04 -5.20
CA PHE B 70 16.79 -9.53 -3.87
C PHE B 70 17.56 -10.85 -3.96
N ASN B 71 18.46 -11.09 -3.02
CA ASN B 71 19.22 -12.34 -3.06
C ASN B 71 18.50 -13.47 -2.30
N ASN B 72 19.15 -14.64 -2.25
CA ASN B 72 18.54 -15.85 -1.71
C ASN B 72 18.22 -15.78 -0.22
N LEU B 73 18.92 -14.93 0.51
CA LEU B 73 18.63 -14.76 1.93
C LEU B 73 17.89 -13.43 2.23
N GLU B 74 17.24 -12.88 1.21
CA GLU B 74 16.38 -11.71 1.37
C GLU B 74 14.95 -12.05 0.98
N ARG B 75 14.53 -13.27 1.27
CA ARG B 75 13.23 -13.75 0.78
C ARG B 75 12.05 -13.08 1.45
N ARG B 76 12.20 -12.70 2.72
CA ARG B 76 11.14 -11.99 3.46
C ARG B 76 10.86 -10.61 2.82
N ILE B 77 11.91 -9.83 2.57
CA ILE B 77 11.72 -8.51 1.94
C ILE B 77 11.32 -8.62 0.46
N GLU B 78 11.74 -9.70 -0.19
CA GLU B 78 11.33 -9.96 -1.57
C GLU B 78 9.82 -10.17 -1.60
N ASN B 79 9.33 -10.96 -0.65
CA ASN B 79 7.91 -11.25 -0.52
C ASN B 79 7.11 -10.01 -0.15
N LEU B 80 7.66 -9.22 0.78
CA LEU B 80 7.06 -7.96 1.18
C LEU B 80 6.91 -7.05 -0.05
N ASN B 81 7.98 -6.92 -0.81
CA ASN B 81 7.98 -6.13 -2.05
C ASN B 81 6.88 -6.57 -3.04
N LYS B 82 6.81 -7.88 -3.30
CA LYS B 82 5.82 -8.44 -4.21
C LYS B 82 4.39 -8.18 -3.74
N LYS B 83 4.10 -8.50 -2.48
CA LYS B 83 2.76 -8.28 -1.93
C LYS B 83 2.39 -6.80 -1.90
N MET B 84 3.39 -5.94 -1.72
CA MET B 84 3.15 -4.51 -1.75
C MET B 84 2.77 -4.03 -3.15
N GLU B 85 3.55 -4.40 -4.16
CA GLU B 85 3.27 -4.02 -5.54
C GLU B 85 1.96 -4.61 -6.06
N ASP B 86 1.75 -5.91 -5.81
CA ASP B 86 0.48 -6.57 -6.13
C ASP B 86 -0.69 -5.87 -5.44
N GLY B 87 -0.46 -5.47 -4.19
CA GLY B 87 -1.47 -4.82 -3.36
C GLY B 87 -1.97 -3.53 -3.99
N PHE B 88 -1.04 -2.64 -4.37
CA PHE B 88 -1.40 -1.39 -5.03
C PHE B 88 -2.05 -1.59 -6.40
N LEU B 89 -1.55 -2.56 -7.17
CA LEU B 89 -2.15 -2.89 -8.46
C LEU B 89 -3.60 -3.33 -8.31
N ASP B 90 -3.88 -4.14 -7.29
CA ASP B 90 -5.24 -4.58 -7.01
C ASP B 90 -6.15 -3.42 -6.58
N VAL B 91 -5.60 -2.50 -5.79
CA VAL B 91 -6.34 -1.32 -5.35
C VAL B 91 -6.73 -0.43 -6.54
N TRP B 92 -5.78 -0.18 -7.44
CA TRP B 92 -6.04 0.68 -8.59
C TRP B 92 -6.90 0.02 -9.68
N THR B 93 -6.80 -1.30 -9.82
CA THR B 93 -7.67 -2.06 -10.71
C THR B 93 -9.12 -1.94 -10.22
N TYR B 94 -9.31 -2.11 -8.90
CA TYR B 94 -10.61 -1.94 -8.25
C TYR B 94 -11.18 -0.53 -8.45
N ASN B 95 -10.38 0.48 -8.12
CA ASN B 95 -10.78 1.88 -8.34
C ASN B 95 -11.24 2.17 -9.77
N ALA B 96 -10.50 1.65 -10.76
CA ALA B 96 -10.86 1.88 -12.16
C ALA B 96 -12.15 1.16 -12.56
N GLU B 97 -12.23 -0.13 -12.28
CA GLU B 97 -13.41 -0.95 -12.61
C GLU B 97 -14.69 -0.44 -11.93
N LEU B 98 -14.59 -0.13 -10.64
CA LEU B 98 -15.74 0.37 -9.88
C LEU B 98 -16.24 1.73 -10.37
N LEU B 99 -15.31 2.66 -10.56
CA LEU B 99 -15.67 4.00 -11.05
C LEU B 99 -16.40 3.92 -12.40
N VAL B 100 -15.92 3.06 -13.28
CA VAL B 100 -16.54 2.90 -14.60
C VAL B 100 -17.95 2.32 -14.45
N LEU B 101 -18.11 1.28 -13.64
CA LEU B 101 -19.43 0.70 -13.39
C LEU B 101 -20.42 1.75 -12.84
N MET B 102 -20.00 2.46 -11.79
CA MET B 102 -20.84 3.45 -11.14
C MET B 102 -21.17 4.63 -12.06
N GLU B 103 -20.18 5.07 -12.83
CA GLU B 103 -20.42 6.19 -13.74
C GLU B 103 -21.22 5.81 -14.99
N ASN B 104 -21.07 4.57 -15.47
CA ASN B 104 -21.90 4.06 -16.56
C ASN B 104 -23.37 4.09 -16.16
N GLU B 105 -23.64 3.65 -14.93
CA GLU B 105 -24.99 3.70 -14.39
C GLU B 105 -25.52 5.13 -14.33
N ARG B 106 -24.70 6.07 -13.86
CA ARG B 106 -25.12 7.46 -13.76
C ARG B 106 -25.34 8.13 -15.14
N THR B 107 -24.49 7.79 -16.11
CA THR B 107 -24.62 8.27 -17.49
C THR B 107 -25.94 7.88 -18.15
N LEU B 108 -26.32 6.60 -18.03
CA LEU B 108 -27.59 6.12 -18.57
C LEU B 108 -28.80 6.80 -17.94
N ASP B 109 -28.75 7.01 -16.62
CA ASP B 109 -29.78 7.75 -15.89
C ASP B 109 -29.82 9.24 -16.23
N PHE B 110 -28.66 9.81 -16.46
CA PHE B 110 -28.52 11.20 -16.92
C PHE B 110 -29.26 11.40 -18.25
N HIS B 111 -29.08 10.48 -19.21
CA HIS B 111 -29.82 10.55 -20.46
C HIS B 111 -31.32 10.44 -20.24
N ASP B 112 -31.72 9.48 -19.40
CA ASP B 112 -33.13 9.26 -19.05
C ASP B 112 -33.75 10.54 -18.48
N SER B 113 -33.06 11.16 -17.52
CA SER B 113 -33.48 12.43 -16.92
C SER B 113 -33.61 13.57 -17.96
N ASN B 114 -32.61 13.71 -18.83
CA ASN B 114 -32.64 14.72 -19.88
C ASN B 114 -33.87 14.58 -20.81
N VAL B 115 -34.22 13.34 -21.16
CA VAL B 115 -35.38 13.05 -22.00
C VAL B 115 -36.66 13.45 -21.25
N LYS B 116 -36.76 13.05 -19.98
CA LYS B 116 -37.91 13.40 -19.15
C LYS B 116 -38.07 14.92 -19.01
N ASN B 117 -36.96 15.62 -18.75
CA ASN B 117 -36.96 17.07 -18.63
C ASN B 117 -37.37 17.76 -19.93
N LEU B 118 -36.92 17.23 -21.07
CA LEU B 118 -37.31 17.76 -22.37
C LEU B 118 -38.82 17.60 -22.59
N TYR B 119 -39.35 16.43 -22.23
CA TYR B 119 -40.79 16.16 -22.32
C TYR B 119 -41.59 17.13 -21.45
N ASP B 120 -41.15 17.35 -20.22
CA ASP B 120 -41.82 18.28 -19.33
C ASP B 120 -41.75 19.72 -19.80
N LYS B 121 -40.62 20.10 -20.39
CA LYS B 121 -40.44 21.44 -20.96
C LYS B 121 -41.54 21.75 -21.98
N VAL B 122 -41.85 20.77 -22.83
CA VAL B 122 -42.91 20.91 -23.83
C VAL B 122 -44.29 20.87 -23.18
N ARG B 123 -44.49 19.92 -22.25
CA ARG B 123 -45.78 19.78 -21.56
C ARG B 123 -46.21 21.09 -20.88
N LEU B 124 -45.27 21.71 -20.17
CA LEU B 124 -45.55 22.93 -19.40
C LEU B 124 -45.75 24.15 -20.30
N GLN B 125 -45.20 24.08 -21.51
CA GLN B 125 -45.41 25.11 -22.52
C GLN B 125 -46.81 25.03 -23.13
N LEU B 126 -47.18 23.84 -23.58
CA LEU B 126 -48.44 23.63 -24.29
C LEU B 126 -49.66 23.70 -23.40
N ARG B 127 -49.55 23.13 -22.18
CA ARG B 127 -50.64 23.12 -21.20
C ARG B 127 -51.94 22.55 -21.78
N ASP B 128 -53.02 23.34 -21.69
CA ASP B 128 -54.35 22.96 -22.19
C ASP B 128 -54.45 22.94 -23.70
N ASN B 129 -53.51 23.58 -24.40
CA ASN B 129 -53.59 23.75 -25.85
C ASN B 129 -53.33 22.48 -26.67
N ALA B 130 -52.78 21.46 -26.01
CA ALA B 130 -52.58 20.16 -26.65
C ALA B 130 -52.97 19.00 -25.72
N LYS B 131 -53.29 17.87 -26.33
CA LYS B 131 -53.63 16.64 -25.61
C LYS B 131 -52.38 15.81 -25.39
N GLU B 132 -52.21 15.32 -24.17
CA GLU B 132 -51.09 14.47 -23.78
C GLU B 132 -51.47 13.01 -24.01
N LEU B 133 -50.88 12.39 -25.05
CA LEU B 133 -51.27 11.03 -25.44
C LEU B 133 -50.73 9.93 -24.53
N GLY B 134 -49.65 10.22 -23.82
CA GLY B 134 -49.08 9.27 -22.86
C GLY B 134 -47.91 8.47 -23.40
N ASN B 135 -47.61 8.67 -24.69
CA ASN B 135 -46.52 7.95 -25.35
C ASN B 135 -45.37 8.87 -25.76
N GLY B 136 -45.40 10.11 -25.29
CA GLY B 136 -44.37 11.10 -25.63
C GLY B 136 -44.81 12.12 -26.66
N CYS B 137 -46.01 11.94 -27.19
CA CYS B 137 -46.57 12.83 -28.21
C CYS B 137 -47.65 13.75 -27.66
N PHE B 138 -47.80 14.90 -28.29
CA PHE B 138 -48.85 15.85 -27.96
C PHE B 138 -49.71 16.12 -29.19
N GLU B 139 -51.02 16.02 -29.04
CA GLU B 139 -51.97 16.30 -30.11
C GLU B 139 -52.58 17.68 -29.88
N PHE B 140 -52.27 18.62 -30.76
CA PHE B 140 -52.73 20.01 -30.64
C PHE B 140 -54.24 20.15 -30.86
N TYR B 141 -54.85 21.10 -30.17
CA TYR B 141 -56.25 21.45 -30.41
C TYR B 141 -56.38 22.47 -31.54
N HIS B 142 -55.38 23.35 -31.64
CA HIS B 142 -55.31 24.33 -32.71
C HIS B 142 -54.32 23.87 -33.78
N ARG B 143 -54.30 24.56 -34.92
CA ARG B 143 -53.32 24.28 -35.96
C ARG B 143 -51.95 24.88 -35.59
N CYS B 144 -50.90 24.11 -35.84
CA CYS B 144 -49.55 24.53 -35.50
C CYS B 144 -48.64 24.37 -36.71
N ASP B 145 -48.35 25.48 -37.38
CA ASP B 145 -47.50 25.47 -38.57
C ASP B 145 -46.01 25.32 -38.22
N ASN B 146 -45.17 25.35 -39.24
CA ASN B 146 -43.73 25.17 -39.06
C ASN B 146 -43.10 26.20 -38.14
N GLU B 147 -43.61 27.43 -38.21
CA GLU B 147 -43.17 28.51 -37.34
C GLU B 147 -43.68 28.33 -35.91
N CYS B 148 -44.89 27.77 -35.80
CA CYS B 148 -45.48 27.42 -34.51
C CYS B 148 -44.72 26.25 -33.86
N MET B 149 -44.35 25.26 -34.67
CA MET B 149 -43.56 24.12 -34.22
C MET B 149 -42.18 24.56 -33.76
N GLU B 150 -41.60 25.52 -34.47
CA GLU B 150 -40.28 26.06 -34.14
C GLU B 150 -40.28 26.78 -32.80
N SER B 151 -41.40 27.42 -32.44
CA SER B 151 -41.53 28.13 -31.17
C SER B 151 -41.60 27.17 -29.98
N VAL B 152 -42.28 26.04 -30.17
CA VAL B 152 -42.29 24.97 -29.16
C VAL B 152 -40.87 24.45 -28.91
N ARG B 153 -40.10 24.27 -29.99
CA ARG B 153 -38.71 23.81 -29.89
C ARG B 153 -37.79 24.90 -29.33
N ASN B 154 -38.06 26.15 -29.70
CA ASN B 154 -37.37 27.33 -29.17
C ASN B 154 -37.55 27.54 -27.67
N GLY B 155 -38.70 27.10 -27.17
CA GLY B 155 -39.13 27.44 -25.82
C GLY B 155 -39.84 28.79 -25.79
N THR B 156 -40.42 29.21 -26.92
CA THR B 156 -41.15 30.48 -27.01
C THR B 156 -42.61 30.32 -27.45
N TYR B 157 -43.20 29.16 -27.18
CA TYR B 157 -44.61 28.90 -27.51
C TYR B 157 -45.55 29.86 -26.79
N ASP B 158 -46.45 30.49 -27.54
CA ASP B 158 -47.32 31.53 -26.99
C ASP B 158 -48.70 30.96 -26.67
N TYR B 159 -48.87 30.57 -25.41
CA TYR B 159 -50.11 29.91 -24.95
C TYR B 159 -51.40 30.75 -25.11
N PRO B 160 -51.39 32.03 -24.64
CA PRO B 160 -52.63 32.83 -24.73
C PRO B 160 -53.09 33.04 -26.17
N GLN B 161 -52.15 33.04 -27.11
CA GLN B 161 -52.44 33.25 -28.52
C GLN B 161 -53.38 32.20 -29.11
N TYR B 162 -53.26 30.96 -28.65
CA TYR B 162 -54.03 29.83 -29.20
C TYR B 162 -55.10 29.31 -28.25
N SER B 163 -55.22 29.92 -27.07
CA SER B 163 -56.23 29.50 -26.09
C SER B 163 -57.49 30.37 -26.20
N ASP C 1 -68.57 4.99 -2.90
CA ASP C 1 -69.31 4.21 -3.94
C ASP C 1 -68.50 3.99 -5.22
N PRO C 2 -67.89 5.06 -5.80
CA PRO C 2 -67.12 4.86 -7.04
C PRO C 2 -65.94 3.90 -6.88
N ASP C 3 -65.71 3.08 -7.91
CA ASP C 3 -64.62 2.12 -7.92
C ASP C 3 -63.27 2.83 -7.89
N GLN C 4 -62.29 2.21 -7.25
CA GLN C 4 -60.94 2.79 -7.21
C GLN C 4 -59.80 1.78 -7.15
N ILE C 5 -58.70 2.14 -7.80
CA ILE C 5 -57.46 1.37 -7.76
C ILE C 5 -56.33 2.26 -7.22
N CYS C 6 -55.52 1.66 -6.36
CA CYS C 6 -54.42 2.38 -5.70
C CYS C 6 -53.07 1.73 -6.05
N ILE C 7 -52.02 2.53 -6.02
CA ILE C 7 -50.66 2.03 -6.21
C ILE C 7 -49.93 2.03 -4.87
N GLY C 8 -49.25 0.93 -4.57
CA GLY C 8 -48.61 0.78 -3.27
C GLY C 8 -47.40 -0.11 -3.26
N TYR C 9 -46.82 -0.22 -2.08
CA TYR C 9 -45.57 -0.94 -1.92
C TYR C 9 -45.59 -1.74 -0.63
N HIS C 10 -44.75 -2.77 -0.59
CA HIS C 10 -44.65 -3.70 0.51
C HIS C 10 -44.21 -3.05 1.81
N ALA C 11 -44.90 -3.42 2.90
CA ALA C 11 -44.47 -3.15 4.26
C ALA C 11 -44.60 -4.46 5.03
N ASN C 12 -43.76 -4.65 6.04
CA ASN C 12 -43.79 -5.86 6.86
C ASN C 12 -43.36 -5.54 8.29
N ASN C 13 -43.03 -6.59 9.06
CA ASN C 13 -42.68 -6.45 10.47
C ASN C 13 -41.18 -6.35 10.73
N SER C 14 -40.38 -6.24 9.67
CA SER C 14 -38.91 -6.22 9.79
C SER C 14 -38.40 -5.04 10.61
N THR C 15 -37.39 -5.31 11.42
CA THR C 15 -36.75 -4.28 12.24
C THR C 15 -35.28 -4.14 11.84
N GLU C 16 -34.87 -4.86 10.80
CA GLU C 16 -33.53 -4.79 10.24
C GLU C 16 -33.18 -3.37 9.79
N GLN C 17 -32.01 -2.90 10.17
CA GLN C 17 -31.59 -1.52 9.91
C GLN C 17 -30.35 -1.45 9.02
N VAL C 18 -30.29 -0.42 8.17
CA VAL C 18 -29.12 -0.19 7.35
C VAL C 18 -28.68 1.27 7.48
N ASP C 19 -27.45 1.55 7.04
CA ASP C 19 -26.94 2.91 6.99
C ASP C 19 -26.73 3.34 5.54
N THR C 20 -26.91 4.64 5.32
CA THR C 20 -26.57 5.29 4.05
C THR C 20 -25.63 6.45 4.37
N ILE C 21 -25.18 7.18 3.36
CA ILE C 21 -24.37 8.38 3.58
C ILE C 21 -25.14 9.47 4.34
N MET C 22 -26.39 9.70 3.93
CA MET C 22 -27.17 10.81 4.48
C MET C 22 -27.98 10.49 5.73
N GLU C 23 -28.17 9.20 6.02
CA GLU C 23 -28.88 8.81 7.25
C GLU C 23 -28.50 7.44 7.78
N LYS C 24 -28.53 7.31 9.11
CA LYS C 24 -28.16 6.08 9.79
C LYS C 24 -29.40 5.39 10.35
N ASN C 25 -29.29 4.08 10.60
CA ASN C 25 -30.36 3.29 11.19
C ASN C 25 -31.72 3.36 10.48
N VAL C 26 -31.70 3.20 9.15
CA VAL C 26 -32.94 3.14 8.36
C VAL C 26 -33.52 1.74 8.41
N THR C 27 -34.78 1.64 8.87
CA THR C 27 -35.49 0.36 8.92
C THR C 27 -35.92 -0.04 7.53
N VAL C 28 -35.63 -1.28 7.15
CA VAL C 28 -35.98 -1.78 5.82
C VAL C 28 -36.71 -3.11 5.88
N THR C 29 -37.45 -3.42 4.82
CA THR C 29 -38.25 -4.65 4.74
C THR C 29 -37.35 -5.87 4.63
N HIS C 30 -36.24 -5.73 3.92
CA HIS C 30 -35.26 -6.81 3.75
C HIS C 30 -33.85 -6.26 3.71
N ALA C 31 -32.94 -7.01 4.31
CA ALA C 31 -31.52 -6.68 4.33
C ALA C 31 -30.69 -7.94 4.23
N GLN C 32 -29.40 -7.78 3.90
CA GLN C 32 -28.48 -8.90 3.81
C GLN C 32 -27.16 -8.56 4.47
N ASP C 33 -26.92 -9.23 5.61
CA ASP C 33 -25.65 -9.14 6.31
C ASP C 33 -24.60 -9.86 5.47
N ILE C 34 -23.44 -9.23 5.29
CA ILE C 34 -22.37 -9.82 4.50
C ILE C 34 -21.06 -9.96 5.30
N LEU C 35 -21.18 -9.87 6.62
CA LEU C 35 -20.02 -9.86 7.51
C LEU C 35 -20.08 -10.97 8.54
N GLU C 36 -19.13 -11.90 8.47
CA GLU C 36 -19.02 -12.96 9.49
C GLU C 36 -18.34 -12.40 10.74
N LYS C 37 -19.02 -12.50 11.87
CA LYS C 37 -18.51 -11.94 13.12
C LYS C 37 -18.24 -13.01 14.19
N THR C 38 -18.40 -14.29 13.84
CA THR C 38 -18.18 -15.38 14.81
C THR C 38 -17.10 -16.36 14.38
N HIS C 39 -16.38 -16.91 15.37
CA HIS C 39 -15.40 -17.98 15.17
C HIS C 39 -15.62 -19.03 16.27
N ASN C 40 -15.03 -20.22 16.11
CA ASN C 40 -15.28 -21.30 17.09
C ASN C 40 -14.27 -21.35 18.26
N GLY C 41 -13.32 -20.42 18.26
CA GLY C 41 -12.32 -20.32 19.31
C GLY C 41 -11.36 -21.49 19.44
N LYS C 42 -11.26 -22.31 18.39
CA LYS C 42 -10.43 -23.51 18.40
C LYS C 42 -9.39 -23.55 17.28
N LEU C 43 -8.33 -24.32 17.51
CA LEU C 43 -7.39 -24.66 16.46
C LEU C 43 -7.76 -26.01 15.86
N CYS C 44 -8.10 -26.01 14.59
CA CYS C 44 -8.64 -27.21 13.95
C CYS C 44 -7.76 -27.76 12.84
N ASP C 45 -8.03 -29.01 12.47
CA ASP C 45 -7.53 -29.56 11.21
C ASP C 45 -7.97 -28.63 10.10
N LEU C 46 -7.08 -28.44 9.13
CA LEU C 46 -7.42 -27.69 7.93
C LEU C 46 -7.72 -28.67 6.82
N ASP C 47 -9.00 -28.82 6.48
CA ASP C 47 -9.46 -29.73 5.43
C ASP C 47 -8.93 -31.15 5.65
N GLY C 48 -9.08 -31.65 6.87
CA GLY C 48 -8.63 -33.00 7.23
C GLY C 48 -7.15 -33.16 7.54
N VAL C 49 -6.37 -32.09 7.43
CA VAL C 49 -4.93 -32.16 7.74
C VAL C 49 -4.64 -31.43 9.06
N LYS C 50 -4.12 -32.16 10.03
CA LYS C 50 -3.84 -31.61 11.36
C LYS C 50 -2.66 -30.65 11.35
N PRO C 51 -2.72 -29.56 12.14
CA PRO C 51 -1.54 -28.71 12.22
C PRO C 51 -0.45 -29.31 13.11
N LEU C 52 0.75 -28.77 12.98
CA LEU C 52 1.83 -29.04 13.91
C LEU C 52 1.72 -28.03 15.05
N ILE C 53 1.27 -28.50 16.21
CA ILE C 53 1.17 -27.69 17.42
C ILE C 53 2.44 -27.87 18.24
N LEU C 54 3.32 -26.86 18.23
CA LEU C 54 4.63 -26.97 18.89
C LEU C 54 4.61 -26.91 20.43
N ARG C 55 3.44 -26.64 21.00
CA ARG C 55 3.26 -26.57 22.45
C ARG C 55 4.25 -25.61 23.10
N ASP C 56 5.17 -26.11 23.94
CA ASP C 56 6.13 -25.23 24.59
C ASP C 56 7.48 -25.15 23.88
N CYS C 57 7.56 -25.69 22.66
CA CYS C 57 8.78 -25.65 21.87
C CYS C 57 8.76 -24.59 20.77
N SER C 58 9.94 -24.07 20.44
CA SER C 58 10.10 -23.22 19.27
C SER C 58 10.51 -24.05 18.06
N VAL C 59 10.54 -23.38 16.90
CA VAL C 59 11.04 -23.96 15.67
C VAL C 59 12.48 -24.42 15.84
N ALA C 60 13.32 -23.56 16.40
CA ALA C 60 14.72 -23.85 16.67
C ALA C 60 14.88 -25.07 17.57
N GLY C 61 14.07 -25.12 18.63
CA GLY C 61 14.08 -26.24 19.57
C GLY C 61 13.66 -27.55 18.93
N TRP C 62 12.65 -27.48 18.09
CA TRP C 62 12.21 -28.63 17.30
C TRP C 62 13.30 -29.10 16.33
N LEU C 63 13.82 -28.19 15.52
CA LEU C 63 14.73 -28.59 14.45
C LEU C 63 16.10 -29.07 14.95
N LEU C 64 16.67 -28.36 15.93
CA LEU C 64 17.94 -28.76 16.52
C LEU C 64 17.78 -29.98 17.43
N GLY C 65 16.56 -30.19 17.93
CA GLY C 65 16.29 -31.32 18.80
C GLY C 65 16.65 -31.10 20.26
N ASN C 66 16.25 -29.95 20.80
CA ASN C 66 16.25 -29.74 22.25
C ASN C 66 15.58 -30.97 22.89
N PRO C 67 16.27 -31.62 23.87
CA PRO C 67 15.74 -32.85 24.51
C PRO C 67 14.34 -32.69 25.12
N MET C 68 13.95 -31.48 25.49
CA MET C 68 12.62 -31.20 26.02
C MET C 68 11.55 -31.23 24.92
N CYS C 69 11.99 -31.30 23.67
CA CYS C 69 11.09 -31.29 22.52
C CYS C 69 10.97 -32.65 21.83
N ASP C 70 11.32 -33.72 22.54
CA ASP C 70 11.33 -35.07 21.96
C ASP C 70 9.98 -35.51 21.35
N GLU C 71 8.88 -34.92 21.80
CA GLU C 71 7.56 -35.11 21.16
C GLU C 71 7.64 -34.87 19.64
N PHE C 72 8.59 -34.03 19.22
CA PHE C 72 8.67 -33.59 17.83
C PHE C 72 9.84 -34.17 17.02
N LEU C 73 10.34 -35.34 17.42
CA LEU C 73 11.50 -35.92 16.74
C LEU C 73 11.23 -36.28 15.27
N ASN C 74 10.02 -36.78 14.99
CA ASN C 74 9.61 -37.12 13.64
C ASN C 74 8.13 -36.82 13.44
N VAL C 75 7.81 -35.55 13.21
CA VAL C 75 6.39 -35.14 13.09
C VAL C 75 5.79 -35.55 11.75
N PRO C 76 4.49 -35.87 11.73
CA PRO C 76 3.88 -36.13 10.42
C PRO C 76 3.57 -34.84 9.64
N GLU C 77 3.10 -35.02 8.42
CA GLU C 77 2.71 -33.93 7.55
C GLU C 77 1.74 -32.97 8.25
N TRP C 78 1.92 -31.67 8.04
CA TRP C 78 1.08 -30.68 8.69
C TRP C 78 0.43 -29.71 7.69
N SER C 79 -0.64 -29.05 8.12
CA SER C 79 -1.34 -28.03 7.32
C SER C 79 -0.84 -26.63 7.65
N TYR C 80 -0.57 -26.39 8.92
CA TYR C 80 0.05 -25.15 9.36
C TYR C 80 0.79 -25.45 10.66
N ILE C 81 1.64 -24.51 11.08
CA ILE C 81 2.43 -24.65 12.29
C ILE C 81 1.92 -23.62 13.30
N VAL C 82 1.72 -24.08 14.54
CA VAL C 82 1.36 -23.21 15.66
C VAL C 82 2.48 -23.13 16.70
N GLU C 83 2.93 -21.91 16.95
CA GLU C 83 3.99 -21.63 17.90
C GLU C 83 3.48 -20.58 18.90
N LYS C 84 3.83 -20.73 20.17
CA LYS C 84 3.50 -19.72 21.18
C LYS C 84 4.36 -18.46 21.01
N ILE C 85 3.91 -17.34 21.60
CA ILE C 85 4.66 -16.09 21.50
C ILE C 85 6.09 -16.25 22.06
N ASN C 86 6.21 -16.78 23.27
CA ASN C 86 7.53 -17.02 23.87
C ASN C 86 7.71 -18.46 24.35
N PRO C 87 8.04 -19.39 23.44
CA PRO C 87 8.11 -20.80 23.80
C PRO C 87 9.25 -21.06 24.76
N ALA C 88 8.97 -21.73 25.88
CA ALA C 88 9.97 -21.98 26.90
C ALA C 88 11.14 -22.85 26.44
N ASN C 89 10.89 -23.78 25.52
CA ASN C 89 11.93 -24.70 25.04
C ASN C 89 12.47 -24.31 23.67
N ASP C 90 13.60 -23.64 23.69
CA ASP C 90 14.13 -23.02 22.51
C ASP C 90 15.55 -23.56 22.37
N LEU C 91 16.53 -22.68 22.40
CA LEU C 91 17.93 -23.07 22.45
C LEU C 91 18.28 -23.38 23.89
N CYS C 92 18.28 -24.67 24.26
CA CYS C 92 18.63 -25.08 25.61
C CYS C 92 20.04 -24.60 25.97
N TYR C 93 21.02 -24.97 25.15
CA TYR C 93 22.34 -24.36 25.26
C TYR C 93 22.22 -22.97 24.65
N PRO C 94 22.53 -21.92 25.43
CA PRO C 94 22.33 -20.54 24.99
C PRO C 94 23.12 -20.18 23.73
N GLY C 95 22.57 -19.29 22.94
CA GLY C 95 23.23 -18.80 21.74
C GLY C 95 22.23 -18.19 20.78
N ASN C 96 22.45 -18.41 19.49
CA ASN C 96 21.55 -17.89 18.46
C ASN C 96 21.51 -18.80 17.23
N PHE C 97 20.45 -18.63 16.45
CA PHE C 97 20.26 -19.34 15.20
C PHE C 97 20.43 -18.29 14.10
N ASN C 98 21.48 -18.43 13.30
CA ASN C 98 21.77 -17.51 12.22
C ASN C 98 20.70 -17.52 11.11
N ASP C 99 20.29 -16.33 10.67
CA ASP C 99 19.22 -16.16 9.67
C ASP C 99 17.97 -16.97 10.02
N TYR C 100 17.57 -16.90 11.29
CA TYR C 100 16.47 -17.71 11.82
C TYR C 100 15.14 -17.36 11.15
N GLU C 101 14.91 -16.07 10.93
CA GLU C 101 13.67 -15.60 10.31
C GLU C 101 13.58 -16.02 8.84
N GLU C 102 14.70 -15.95 8.11
CA GLU C 102 14.74 -16.42 6.73
C GLU C 102 14.44 -17.93 6.65
N LEU C 103 14.87 -18.69 7.66
CA LEU C 103 14.57 -20.12 7.75
C LEU C 103 13.07 -20.34 8.00
N LYS C 104 12.54 -19.64 8.99
CA LYS C 104 11.10 -19.70 9.27
C LYS C 104 10.26 -19.32 8.05
N HIS C 105 10.79 -18.42 7.22
CA HIS C 105 10.12 -18.07 5.98
C HIS C 105 10.01 -19.24 5.02
N LEU C 106 11.11 -19.98 4.86
CA LEU C 106 11.13 -21.23 4.10
C LEU C 106 10.08 -22.23 4.58
N LEU C 107 9.96 -22.33 5.90
CA LEU C 107 9.00 -23.23 6.56
C LEU C 107 7.57 -22.96 6.16
N SER C 108 7.26 -21.69 5.92
CA SER C 108 5.91 -21.28 5.50
C SER C 108 5.49 -21.87 4.16
N ARG C 109 6.44 -22.47 3.44
CA ARG C 109 6.15 -23.15 2.17
C ARG C 109 6.36 -24.68 2.25
N ILE C 110 6.57 -25.20 3.45
CA ILE C 110 6.85 -26.62 3.65
C ILE C 110 5.75 -27.26 4.50
N ASN C 111 5.29 -28.43 4.08
CA ASN C 111 4.26 -29.20 4.78
C ASN C 111 4.77 -30.49 5.45
N HIS C 112 5.98 -30.91 5.08
CA HIS C 112 6.58 -32.11 5.68
C HIS C 112 8.08 -32.22 5.43
N PHE C 113 8.78 -32.60 6.50
CA PHE C 113 10.17 -33.01 6.44
C PHE C 113 10.25 -34.52 6.65
N GLU C 114 11.30 -35.12 6.14
CA GLU C 114 11.67 -36.47 6.55
C GLU C 114 13.10 -36.42 7.09
N LYS C 115 13.25 -36.55 8.41
CA LYS C 115 14.55 -36.48 9.04
C LYS C 115 15.38 -37.73 8.74
N ILE C 116 16.62 -37.52 8.31
CA ILE C 116 17.54 -38.61 8.01
C ILE C 116 18.90 -38.37 8.67
N GLN C 117 19.62 -39.45 8.96
CA GLN C 117 20.98 -39.34 9.49
C GLN C 117 21.92 -39.01 8.33
N ILE C 118 22.76 -37.99 8.49
CA ILE C 118 23.76 -37.68 7.45
C ILE C 118 25.20 -37.91 7.89
N ILE C 119 25.48 -37.82 9.18
CA ILE C 119 26.78 -38.21 9.75
C ILE C 119 26.53 -39.01 11.03
N PRO C 120 26.82 -40.32 11.02
CA PRO C 120 26.62 -41.11 12.22
C PRO C 120 27.62 -40.76 13.33
N LYS C 121 27.19 -40.86 14.59
CA LYS C 121 28.06 -40.74 15.77
C LYS C 121 29.28 -41.65 15.66
N SER C 122 29.11 -42.80 15.02
CA SER C 122 30.16 -43.81 14.90
C SER C 122 31.34 -43.36 14.04
N SER C 123 31.14 -42.35 13.20
CA SER C 123 32.23 -41.93 12.31
C SER C 123 33.32 -41.12 13.03
N TRP C 124 33.05 -40.72 14.26
CA TRP C 124 34.01 -39.92 15.04
C TRP C 124 34.98 -40.81 15.83
N SER C 125 35.99 -41.33 15.15
CA SER C 125 37.00 -42.24 15.73
C SER C 125 38.05 -41.55 16.60
N ASP C 126 38.40 -40.32 16.23
CA ASP C 126 39.51 -39.62 16.88
C ASP C 126 39.08 -38.39 17.68
N HIS C 127 37.78 -38.24 17.88
CA HIS C 127 37.24 -37.17 18.71
C HIS C 127 36.21 -37.74 19.69
N GLU C 128 35.98 -37.05 20.81
CA GLU C 128 34.89 -37.44 21.71
C GLU C 128 33.59 -36.83 21.18
N ALA C 129 32.52 -37.60 21.23
CA ALA C 129 31.24 -37.15 20.69
C ALA C 129 30.14 -37.16 21.74
N SER C 130 30.51 -37.33 23.00
CA SER C 130 29.54 -37.49 24.08
C SER C 130 29.25 -36.21 24.87
N GLY C 131 29.72 -35.07 24.36
CA GLY C 131 29.58 -33.79 25.05
C GLY C 131 28.16 -33.44 25.41
N VAL C 132 27.95 -33.07 26.68
CA VAL C 132 26.63 -32.69 27.21
C VAL C 132 26.71 -31.41 28.05
N SER C 133 25.56 -30.88 28.44
CA SER C 133 25.48 -29.69 29.30
C SER C 133 24.23 -29.75 30.19
N SER C 134 24.36 -29.23 31.41
CA SER C 134 23.20 -29.11 32.30
C SER C 134 22.24 -28.00 31.83
N ALA C 135 22.70 -27.19 30.87
CA ALA C 135 21.80 -26.27 30.16
C ALA C 135 20.79 -27.01 29.28
N CYS C 136 21.13 -28.24 28.88
CA CYS C 136 20.21 -29.07 28.08
C CYS C 136 19.77 -30.33 28.80
N PRO C 137 18.96 -30.19 29.87
CA PRO C 137 18.60 -31.39 30.62
C PRO C 137 17.64 -32.32 29.88
N TYR C 138 17.79 -33.62 30.13
CA TYR C 138 16.83 -34.62 29.72
C TYR C 138 16.56 -35.52 30.93
N GLN C 139 15.29 -35.57 31.34
CA GLN C 139 14.91 -36.22 32.59
C GLN C 139 15.73 -35.64 33.74
N GLY C 140 16.05 -34.35 33.62
CA GLY C 140 16.79 -33.62 34.65
C GLY C 140 18.27 -33.95 34.77
N ARG C 141 18.79 -34.65 33.76
CA ARG C 141 20.22 -34.95 33.70
C ARG C 141 20.81 -34.28 32.47
N SER C 142 22.09 -33.93 32.54
CA SER C 142 22.76 -33.27 31.43
C SER C 142 22.67 -34.07 30.14
N SER C 143 22.27 -33.39 29.07
CA SER C 143 22.12 -34.00 27.76
C SER C 143 22.54 -32.97 26.70
N PHE C 144 22.04 -33.14 25.47
CA PHE C 144 22.41 -32.24 24.37
C PHE C 144 21.37 -32.34 23.26
N PHE C 145 21.37 -31.37 22.35
CA PHE C 145 20.55 -31.43 21.13
C PHE C 145 20.67 -32.82 20.47
N ARG C 146 19.55 -33.36 20.01
CA ARG C 146 19.52 -34.69 19.39
C ARG C 146 20.10 -34.74 17.98
N ASN C 147 20.04 -33.62 17.25
CA ASN C 147 20.32 -33.64 15.82
C ASN C 147 21.69 -33.12 15.42
N VAL C 148 22.44 -32.65 16.40
CA VAL C 148 23.82 -32.19 16.20
C VAL C 148 24.68 -32.78 17.31
N VAL C 149 25.99 -32.77 17.13
CA VAL C 149 26.89 -33.47 18.02
C VAL C 149 28.02 -32.56 18.51
N TRP C 150 28.23 -32.53 19.82
CA TRP C 150 29.32 -31.75 20.40
C TRP C 150 30.61 -32.55 20.41
N LEU C 151 31.52 -32.22 19.48
CA LEU C 151 32.80 -32.90 19.40
C LEU C 151 33.84 -32.22 20.29
N THR C 152 34.56 -33.02 21.07
CA THR C 152 35.65 -32.47 21.88
C THR C 152 36.91 -33.32 21.67
N LYS C 153 38.03 -32.86 22.22
CA LYS C 153 39.31 -33.54 22.04
C LYS C 153 39.30 -34.96 22.61
N LYS C 154 40.18 -35.80 22.06
CA LYS C 154 40.35 -37.15 22.55
C LYS C 154 41.84 -37.42 22.70
N ASP C 155 42.23 -37.89 23.89
CA ASP C 155 43.63 -38.15 24.23
C ASP C 155 44.50 -36.91 24.07
N ASN C 156 43.98 -35.77 24.53
CA ASN C 156 44.67 -34.48 24.44
C ASN C 156 45.00 -34.07 23.02
N ALA C 157 44.17 -34.48 22.09
CA ALA C 157 44.37 -34.18 20.69
C ALA C 157 43.04 -33.96 19.99
N TYR C 158 43.02 -33.00 19.08
CA TYR C 158 41.89 -32.76 18.20
C TYR C 158 42.46 -32.62 16.80
N PRO C 159 42.59 -33.76 16.08
CA PRO C 159 43.06 -33.68 14.69
C PRO C 159 42.02 -33.01 13.79
N THR C 160 42.50 -32.47 12.68
CA THR C 160 41.65 -31.76 11.72
C THR C 160 40.58 -32.70 11.17
N ILE C 161 39.32 -32.25 11.24
CA ILE C 161 38.18 -33.00 10.73
C ILE C 161 37.94 -32.64 9.27
N LYS C 162 37.73 -33.66 8.44
CA LYS C 162 37.31 -33.47 7.06
C LYS C 162 36.17 -34.44 6.77
N ARG C 163 34.96 -33.90 6.61
CA ARG C 163 33.78 -34.69 6.26
C ARG C 163 33.05 -34.11 5.08
N SER C 164 32.59 -34.99 4.20
CA SER C 164 31.73 -34.62 3.08
C SER C 164 30.42 -35.38 3.14
N TYR C 165 29.33 -34.70 2.78
CA TYR C 165 28.08 -35.37 2.53
C TYR C 165 27.51 -34.92 1.19
N ASN C 166 27.31 -35.88 0.31
CA ASN C 166 26.72 -35.65 -1.00
C ASN C 166 25.22 -35.94 -0.91
N ASN C 167 24.39 -34.97 -1.28
CA ASN C 167 22.94 -35.19 -1.31
C ASN C 167 22.53 -36.09 -2.48
N THR C 168 22.44 -37.40 -2.21
CA THR C 168 22.06 -38.38 -3.23
C THR C 168 20.56 -38.60 -3.25
N ASN C 169 19.83 -37.87 -2.41
CA ASN C 169 18.38 -37.91 -2.39
C ASN C 169 17.81 -37.06 -3.53
N GLN C 170 16.53 -37.23 -3.82
CA GLN C 170 15.88 -36.45 -4.87
C GLN C 170 15.28 -35.15 -4.33
N GLU C 171 15.24 -35.00 -3.00
CA GLU C 171 14.72 -33.78 -2.35
C GLU C 171 15.86 -32.86 -1.89
N ASP C 172 15.56 -31.57 -1.80
CA ASP C 172 16.41 -30.61 -1.08
C ASP C 172 16.59 -31.08 0.36
N LEU C 173 17.78 -30.81 0.89
CA LEU C 173 18.10 -31.20 2.25
C LEU C 173 18.44 -29.97 3.12
N LEU C 174 17.74 -29.83 4.25
CA LEU C 174 18.06 -28.78 5.21
C LEU C 174 19.14 -29.30 6.16
N VAL C 175 20.33 -28.72 6.08
CA VAL C 175 21.46 -29.16 6.90
C VAL C 175 21.72 -28.13 8.00
N LEU C 176 21.96 -28.61 9.22
CA LEU C 176 22.23 -27.74 10.36
C LEU C 176 23.58 -28.08 10.99
N TRP C 177 24.31 -27.05 11.43
CA TRP C 177 25.54 -27.22 12.18
C TRP C 177 25.75 -26.00 13.07
N GLY C 178 26.77 -26.05 13.91
CA GLY C 178 27.05 -24.93 14.80
C GLY C 178 28.50 -24.75 15.16
N ILE C 179 28.76 -23.66 15.86
CA ILE C 179 30.07 -23.41 16.45
C ILE C 179 29.86 -23.10 17.92
N HIS C 180 30.79 -23.56 18.76
CA HIS C 180 30.76 -23.24 20.16
C HIS C 180 31.74 -22.12 20.48
N HIS C 181 31.22 -21.04 21.08
CA HIS C 181 32.01 -19.92 21.56
C HIS C 181 32.32 -20.12 23.06
N PRO C 182 33.57 -20.44 23.41
CA PRO C 182 33.87 -20.74 24.81
C PRO C 182 34.07 -19.50 25.70
N ASN C 183 34.23 -19.76 27.00
CA ASN C 183 34.32 -18.72 28.02
C ASN C 183 35.67 -18.05 28.11
N ASP C 184 36.74 -18.83 27.88
CA ASP C 184 38.10 -18.29 27.94
C ASP C 184 39.11 -19.21 27.26
N ALA C 185 40.35 -18.73 27.18
CA ALA C 185 41.44 -19.45 26.54
C ALA C 185 41.69 -20.82 27.18
N ALA C 186 41.60 -20.89 28.50
CA ALA C 186 41.78 -22.15 29.22
C ALA C 186 40.66 -23.15 28.91
N GLU C 187 39.43 -22.68 28.83
CA GLU C 187 38.31 -23.55 28.44
C GLU C 187 38.51 -24.07 27.01
N GLN C 188 38.95 -23.19 26.12
CA GLN C 188 39.28 -23.55 24.74
C GLN C 188 40.24 -24.75 24.62
N THR C 189 41.34 -24.72 25.37
CA THR C 189 42.32 -25.80 25.31
C THR C 189 41.82 -27.07 26.02
N ARG C 190 41.07 -26.88 27.10
CA ARG C 190 40.47 -27.99 27.83
C ARG C 190 39.53 -28.83 26.94
N LEU C 191 38.71 -28.16 26.12
CA LEU C 191 37.76 -28.87 25.26
C LEU C 191 38.32 -29.31 23.91
N TYR C 192 39.17 -28.48 23.31
CA TYR C 192 39.55 -28.65 21.90
C TYR C 192 41.04 -28.75 21.64
N GLN C 193 41.83 -28.56 22.69
CA GLN C 193 43.31 -28.59 22.63
C GLN C 193 43.94 -27.46 21.84
N ASN C 194 43.55 -27.31 20.58
CA ASN C 194 44.08 -26.28 19.69
C ASN C 194 43.60 -24.88 20.09
N PRO C 195 44.52 -23.93 20.31
CA PRO C 195 44.11 -22.60 20.78
C PRO C 195 43.45 -21.71 19.72
N THR C 196 43.78 -21.94 18.46
CA THR C 196 43.29 -21.12 17.33
C THR C 196 42.59 -22.01 16.30
N THR C 197 41.26 -21.88 16.23
CA THR C 197 40.46 -22.84 15.49
C THR C 197 39.55 -22.18 14.46
N TYR C 198 38.98 -23.03 13.59
CA TYR C 198 38.12 -22.59 12.52
C TYR C 198 37.16 -23.71 12.15
N ILE C 199 36.08 -23.34 11.46
CA ILE C 199 35.22 -24.30 10.79
C ILE C 199 35.01 -23.76 9.39
N SER C 200 35.42 -24.54 8.39
CA SER C 200 35.16 -24.16 7.01
C SER C 200 34.04 -25.05 6.46
N VAL C 201 33.10 -24.42 5.77
CA VAL C 201 31.97 -25.13 5.18
C VAL C 201 31.84 -24.69 3.73
N GLY C 202 31.80 -25.67 2.83
CA GLY C 202 31.62 -25.38 1.42
C GLY C 202 30.58 -26.26 0.76
N THR C 203 29.81 -25.66 -0.14
CA THR C 203 28.96 -26.40 -1.06
C THR C 203 29.30 -25.87 -2.47
N SER C 204 28.36 -25.95 -3.41
CA SER C 204 28.54 -25.31 -4.71
C SER C 204 28.40 -23.79 -4.60
N THR C 205 27.67 -23.33 -3.59
CA THR C 205 27.36 -21.90 -3.41
C THR C 205 27.87 -21.31 -2.08
N LEU C 206 27.91 -22.14 -1.05
CA LEU C 206 28.34 -21.68 0.28
C LEU C 206 29.86 -21.70 0.41
N ASN C 207 30.42 -20.61 0.96
CA ASN C 207 31.85 -20.50 1.26
C ASN C 207 32.06 -19.80 2.60
N GLN C 208 32.02 -20.58 3.66
CA GLN C 208 32.01 -20.06 5.01
C GLN C 208 33.29 -20.47 5.74
N ARG C 209 33.87 -19.55 6.50
CA ARG C 209 34.92 -19.89 7.46
C ARG C 209 34.60 -19.21 8.78
N LEU C 210 34.13 -20.01 9.74
CA LEU C 210 33.76 -19.52 11.06
C LEU C 210 34.93 -19.60 12.03
N VAL C 211 35.00 -18.61 12.92
CA VAL C 211 36.03 -18.54 13.96
C VAL C 211 35.34 -18.24 15.30
N PRO C 212 35.68 -18.99 16.37
CA PRO C 212 34.99 -18.82 17.65
C PRO C 212 35.27 -17.45 18.25
N LYS C 213 34.32 -16.92 18.99
CA LYS C 213 34.45 -15.63 19.66
C LYS C 213 34.46 -15.86 21.16
N ILE C 214 35.63 -15.74 21.77
CA ILE C 214 35.69 -15.79 23.21
C ILE C 214 35.31 -14.42 23.78
N ALA C 215 34.34 -14.42 24.69
CA ALA C 215 33.89 -13.24 25.39
C ALA C 215 33.41 -13.67 26.78
N THR C 216 33.39 -12.71 27.71
CA THR C 216 32.88 -12.94 29.07
C THR C 216 31.40 -12.58 29.12
N ARG C 217 30.57 -13.56 29.45
CA ARG C 217 29.13 -13.45 29.26
C ARG C 217 28.35 -13.84 30.49
N SER C 218 27.14 -13.30 30.58
CA SER C 218 26.18 -13.68 31.63
C SER C 218 25.74 -15.14 31.47
N LYS C 219 25.48 -15.78 32.60
CA LYS C 219 24.93 -17.13 32.59
C LYS C 219 23.51 -17.11 32.04
N VAL C 220 23.23 -18.01 31.11
CA VAL C 220 21.87 -18.23 30.61
C VAL C 220 21.69 -19.74 30.63
N ASN C 221 20.59 -20.19 31.26
CA ASN C 221 20.39 -21.59 31.61
C ASN C 221 21.61 -22.20 32.29
N GLY C 222 22.24 -21.39 33.14
CA GLY C 222 23.37 -21.81 33.96
C GLY C 222 24.73 -21.80 33.27
N GLN C 223 24.77 -21.40 32.00
CA GLN C 223 26.02 -21.44 31.22
C GLN C 223 26.41 -20.11 30.58
N SER C 224 27.69 -19.79 30.63
CA SER C 224 28.20 -18.56 30.05
C SER C 224 28.73 -18.73 28.62
N GLY C 225 28.94 -19.99 28.21
CA GLY C 225 29.34 -20.32 26.84
C GLY C 225 28.17 -20.10 25.89
N ARG C 226 28.47 -20.05 24.58
CA ARG C 226 27.40 -19.92 23.57
C ARG C 226 27.60 -20.84 22.38
N MET C 227 26.49 -21.25 21.79
CA MET C 227 26.51 -21.91 20.50
C MET C 227 25.74 -21.13 19.44
N GLU C 228 26.39 -20.92 18.31
CA GLU C 228 25.77 -20.27 17.16
C GLU C 228 25.50 -21.29 16.06
N PHE C 229 24.25 -21.38 15.62
CA PHE C 229 23.84 -22.39 14.65
C PHE C 229 23.61 -21.81 13.27
N PHE C 230 23.92 -22.62 12.26
CA PHE C 230 23.86 -22.22 10.88
C PHE C 230 23.10 -23.27 10.09
N TRP C 231 22.59 -22.87 8.94
CA TRP C 231 21.87 -23.79 8.08
C TRP C 231 22.10 -23.47 6.62
N THR C 232 21.89 -24.48 5.78
CA THR C 232 21.87 -24.30 4.35
C THR C 232 20.89 -25.31 3.73
N ILE C 233 20.40 -25.00 2.53
CA ILE C 233 19.65 -25.96 1.72
C ILE C 233 20.64 -26.61 0.75
N LEU C 234 20.87 -27.91 0.95
CA LEU C 234 21.74 -28.67 0.07
C LEU C 234 20.92 -29.30 -1.06
N LYS C 235 21.18 -28.88 -2.29
CA LYS C 235 20.41 -29.32 -3.46
C LYS C 235 20.76 -30.77 -3.83
N PRO C 236 19.82 -31.48 -4.50
CA PRO C 236 20.14 -32.82 -4.99
C PRO C 236 21.43 -32.80 -5.82
N ASN C 237 22.33 -33.75 -5.55
CA ASN C 237 23.58 -33.91 -6.30
C ASN C 237 24.72 -32.94 -5.97
N ASP C 238 24.45 -31.97 -5.11
CA ASP C 238 25.51 -31.15 -4.53
C ASP C 238 26.01 -31.80 -3.23
N ALA C 239 27.21 -31.42 -2.81
CA ALA C 239 27.82 -31.94 -1.61
C ALA C 239 28.22 -30.82 -0.66
N ILE C 240 28.14 -31.10 0.64
CA ILE C 240 28.60 -30.16 1.65
C ILE C 240 29.92 -30.69 2.24
N ASN C 241 30.90 -29.81 2.39
CA ASN C 241 32.22 -30.19 2.92
C ASN C 241 32.55 -29.43 4.19
N PHE C 242 32.81 -30.16 5.26
CA PHE C 242 33.19 -29.56 6.54
C PHE C 242 34.65 -29.81 6.84
N GLU C 243 35.34 -28.77 7.30
CA GLU C 243 36.68 -28.91 7.87
C GLU C 243 36.80 -28.08 9.15
N SER C 244 37.36 -28.69 10.19
CA SER C 244 37.50 -28.01 11.46
C SER C 244 38.62 -28.60 12.30
N ASN C 245 39.27 -27.74 13.08
CA ASN C 245 40.24 -28.19 14.08
C ASN C 245 39.80 -27.82 15.49
N GLY C 246 38.48 -27.61 15.67
CA GLY C 246 37.91 -27.34 16.98
C GLY C 246 36.63 -26.54 16.96
N ASN C 247 35.86 -26.65 18.05
CA ASN C 247 34.64 -25.85 18.29
C ASN C 247 33.48 -26.19 17.36
N PHE C 248 33.57 -27.35 16.72
CA PHE C 248 32.61 -27.78 15.71
C PHE C 248 31.44 -28.52 16.34
N ILE C 249 30.25 -27.98 16.15
CA ILE C 249 29.03 -28.69 16.54
C ILE C 249 28.48 -29.33 15.26
N ALA C 250 28.79 -30.61 15.08
CA ALA C 250 28.60 -31.27 13.81
C ALA C 250 27.16 -31.73 13.58
N PRO C 251 26.74 -31.76 12.31
CA PRO C 251 25.49 -32.42 11.93
C PRO C 251 25.50 -33.88 12.38
N GLU C 252 24.36 -34.37 12.84
CA GLU C 252 24.10 -35.80 12.90
C GLU C 252 22.95 -36.10 11.95
N ASN C 253 21.83 -35.40 12.15
CA ASN C 253 20.64 -35.58 11.33
C ASN C 253 20.36 -34.33 10.50
N ALA C 254 19.75 -34.51 9.35
CA ALA C 254 19.30 -33.39 8.51
C ALA C 254 17.88 -33.71 7.98
N TYR C 255 17.25 -32.75 7.32
CA TYR C 255 15.86 -32.88 6.96
C TYR C 255 15.60 -32.84 5.45
N LYS C 256 15.07 -33.93 4.90
CA LYS C 256 14.60 -33.96 3.52
C LYS C 256 13.31 -33.16 3.44
N ILE C 257 13.24 -32.26 2.48
CA ILE C 257 12.03 -31.46 2.25
C ILE C 257 11.15 -32.23 1.28
N VAL C 258 10.20 -32.98 1.81
CA VAL C 258 9.44 -33.95 1.01
C VAL C 258 8.07 -33.47 0.57
N LYS C 259 7.58 -32.38 1.15
CA LYS C 259 6.31 -31.80 0.71
C LYS C 259 6.27 -30.28 0.85
N LYS C 260 6.07 -29.61 -0.28
CA LYS C 260 5.95 -28.16 -0.32
C LYS C 260 4.54 -27.78 -0.72
N GLY C 261 4.08 -26.63 -0.26
CA GLY C 261 2.74 -26.16 -0.52
C GLY C 261 2.39 -25.01 0.39
N ASP C 262 1.10 -24.75 0.54
CA ASP C 262 0.63 -23.67 1.38
C ASP C 262 0.70 -24.07 2.84
N SER C 263 1.34 -23.20 3.62
CA SER C 263 1.46 -23.39 5.05
C SER C 263 1.68 -22.03 5.67
N THR C 264 1.80 -21.99 6.99
CA THR C 264 2.11 -20.76 7.70
C THR C 264 2.54 -21.08 9.11
N ILE C 265 3.19 -20.11 9.75
CA ILE C 265 3.52 -20.21 11.16
C ILE C 265 2.63 -19.22 11.92
N MET C 266 1.69 -19.80 12.64
CA MET C 266 0.67 -19.05 13.34
C MET C 266 1.13 -18.87 14.78
N LYS C 267 1.13 -17.63 15.26
CA LYS C 267 1.46 -17.35 16.66
C LYS C 267 0.18 -17.35 17.49
N SER C 268 0.09 -18.29 18.43
CA SER C 268 -1.13 -18.50 19.20
C SER C 268 -0.86 -19.24 20.50
N GLU C 269 -1.63 -18.90 21.53
CA GLU C 269 -1.50 -19.56 22.84
C GLU C 269 -2.50 -20.72 22.97
N LEU C 270 -3.36 -20.88 21.96
CA LEU C 270 -4.33 -21.97 21.95
C LEU C 270 -3.65 -23.29 21.63
N GLU C 271 -4.32 -24.39 22.00
CA GLU C 271 -3.85 -25.69 21.55
C GLU C 271 -4.91 -26.45 20.75
N TYR C 272 -4.63 -27.70 20.40
CA TYR C 272 -5.46 -28.45 19.46
C TYR C 272 -6.90 -28.60 19.93
N GLY C 273 -7.83 -28.41 19.00
CA GLY C 273 -9.26 -28.39 19.33
C GLY C 273 -10.08 -29.58 18.90
N ASN C 274 -9.43 -30.58 18.29
CA ASN C 274 -10.10 -31.82 17.85
C ASN C 274 -11.33 -31.55 16.98
N CYS C 275 -11.13 -30.68 15.99
CA CYS C 275 -12.18 -30.24 15.08
C CYS C 275 -11.60 -30.15 13.68
N ASN C 276 -12.47 -29.92 12.71
CA ASN C 276 -12.07 -29.73 11.32
C ASN C 276 -12.65 -28.44 10.77
N THR C 277 -11.88 -27.75 9.93
CA THR C 277 -12.30 -26.49 9.34
C THR C 277 -11.75 -26.28 7.92
N LYS C 278 -12.33 -25.34 7.21
CA LYS C 278 -11.82 -24.92 5.91
C LYS C 278 -11.07 -23.59 6.03
N CYS C 279 -11.21 -22.92 7.17
CA CYS C 279 -10.62 -21.61 7.38
C CYS C 279 -10.19 -21.42 8.83
N GLN C 280 -8.90 -21.20 9.02
CA GLN C 280 -8.31 -21.08 10.36
C GLN C 280 -7.66 -19.72 10.58
N THR C 281 -7.93 -19.13 11.75
CA THR C 281 -7.23 -17.95 12.23
C THR C 281 -6.51 -18.31 13.53
N PRO C 282 -5.57 -17.44 14.00
CA PRO C 282 -4.84 -17.74 15.24
C PRO C 282 -5.72 -17.75 16.50
N ILE C 283 -6.92 -17.18 16.42
CA ILE C 283 -7.81 -17.13 17.59
C ILE C 283 -9.02 -18.08 17.48
N GLY C 284 -9.13 -18.77 16.34
CA GLY C 284 -10.24 -19.70 16.12
C GLY C 284 -10.61 -19.89 14.66
N ALA C 285 -11.40 -20.92 14.39
CA ALA C 285 -11.78 -21.27 13.04
C ALA C 285 -13.07 -20.59 12.60
N ILE C 286 -13.22 -20.41 11.29
CA ILE C 286 -14.39 -19.78 10.69
C ILE C 286 -15.13 -20.78 9.81
N ASN C 287 -16.45 -20.83 9.96
CA ASN C 287 -17.30 -21.68 9.15
C ASN C 287 -18.44 -20.81 8.65
N SER C 288 -18.26 -20.25 7.47
CA SER C 288 -19.13 -19.19 6.99
C SER C 288 -19.24 -19.13 5.47
N SER C 289 -20.39 -18.63 5.01
CA SER C 289 -20.63 -18.37 3.59
C SER C 289 -20.63 -16.87 3.28
N MET C 290 -20.44 -16.05 4.31
CA MET C 290 -20.31 -14.59 4.17
C MET C 290 -19.09 -14.23 3.33
N PRO C 291 -19.19 -13.16 2.52
CA PRO C 291 -18.00 -12.77 1.76
C PRO C 291 -16.91 -12.08 2.60
N PHE C 292 -17.30 -11.45 3.71
CA PHE C 292 -16.35 -10.77 4.58
C PHE C 292 -16.38 -11.36 5.98
N HIS C 293 -15.30 -11.16 6.73
CA HIS C 293 -15.25 -11.47 8.16
C HIS C 293 -14.39 -10.44 8.89
N ASN C 294 -14.54 -10.34 10.21
CA ASN C 294 -13.74 -9.40 10.99
C ASN C 294 -12.97 -10.06 12.14
N ILE C 295 -12.72 -11.36 12.01
CA ILE C 295 -12.17 -12.17 13.11
C ILE C 295 -10.70 -11.84 13.38
N HIS C 296 -9.88 -11.91 12.33
CA HIS C 296 -8.43 -11.76 12.46
C HIS C 296 -7.84 -11.59 11.06
N PRO C 297 -6.86 -10.70 10.91
CA PRO C 297 -6.26 -10.48 9.59
C PRO C 297 -5.48 -11.69 9.02
N LEU C 298 -4.94 -12.55 9.89
CA LEU C 298 -4.10 -13.65 9.43
C LEU C 298 -4.89 -14.96 9.38
N THR C 299 -5.20 -15.41 8.17
CA THR C 299 -5.98 -16.63 7.98
C THR C 299 -5.30 -17.56 7.00
N ILE C 300 -5.64 -18.85 7.10
CA ILE C 300 -5.22 -19.84 6.11
C ILE C 300 -6.42 -20.70 5.72
N GLY C 301 -6.49 -21.03 4.44
CA GLY C 301 -7.55 -21.88 3.92
C GLY C 301 -8.44 -21.11 2.97
N GLU C 302 -9.65 -21.62 2.76
CA GLU C 302 -10.63 -20.95 1.91
C GLU C 302 -11.46 -20.03 2.80
N CYS C 303 -11.11 -18.75 2.81
CA CYS C 303 -11.62 -17.82 3.81
C CYS C 303 -12.40 -16.66 3.22
N PRO C 304 -13.30 -16.04 4.01
CA PRO C 304 -13.88 -14.76 3.58
C PRO C 304 -12.81 -13.67 3.60
N LYS C 305 -13.11 -12.52 3.01
CA LYS C 305 -12.16 -11.41 2.99
C LYS C 305 -12.21 -10.67 4.32
N TYR C 306 -11.05 -10.44 4.92
CA TYR C 306 -11.00 -9.73 6.21
C TYR C 306 -11.20 -8.21 6.06
N VAL C 307 -12.10 -7.64 6.86
CA VAL C 307 -12.19 -6.18 7.04
C VAL C 307 -12.21 -5.86 8.53
N LYS C 308 -11.86 -4.64 8.90
CA LYS C 308 -11.90 -4.20 10.31
C LYS C 308 -13.29 -3.76 10.77
N SER C 309 -14.27 -3.84 9.88
CA SER C 309 -15.63 -3.37 10.15
C SER C 309 -16.31 -4.10 11.30
N SER C 310 -17.12 -3.39 12.06
CA SER C 310 -17.97 -4.00 13.07
C SER C 310 -19.34 -4.39 12.50
N ARG C 311 -19.73 -3.78 11.39
CA ARG C 311 -21.02 -4.02 10.73
C ARG C 311 -20.93 -3.81 9.22
N LEU C 312 -21.54 -4.72 8.45
CA LEU C 312 -21.68 -4.53 7.01
C LEU C 312 -22.99 -5.16 6.54
N VAL C 313 -24.00 -4.32 6.36
CA VAL C 313 -25.33 -4.78 5.97
C VAL C 313 -25.81 -4.06 4.71
N LEU C 314 -26.19 -4.85 3.72
CA LEU C 314 -26.73 -4.33 2.47
C LEU C 314 -28.26 -4.29 2.51
N ALA C 315 -28.81 -3.16 2.10
CA ALA C 315 -30.25 -3.06 1.89
C ALA C 315 -30.59 -3.86 0.65
N THR C 316 -31.65 -4.67 0.74
CA THR C 316 -32.18 -5.34 -0.44
C THR C 316 -33.62 -4.86 -0.70
N GLY C 317 -34.45 -4.85 0.34
CA GLY C 317 -35.81 -4.34 0.28
C GLY C 317 -35.90 -2.82 0.36
N LEU C 318 -37.08 -2.34 0.71
CA LEU C 318 -37.35 -0.90 0.71
C LEU C 318 -37.52 -0.36 2.13
N ARG C 319 -37.57 0.97 2.24
CA ARG C 319 -37.81 1.65 3.50
C ARG C 319 -39.11 1.16 4.15
N ASN C 320 -39.01 0.72 5.40
CA ASN C 320 -40.14 0.13 6.13
C ASN C 320 -40.65 1.06 7.22
N SER C 321 -41.64 1.87 6.89
CA SER C 321 -42.16 2.85 7.84
C SER C 321 -43.46 2.39 8.54
N PRO C 322 -43.49 2.48 9.89
CA PRO C 322 -44.72 2.21 10.64
C PRO C 322 -45.69 3.37 10.57
N GLY D 1 -37.76 10.31 -0.03
CA GLY D 1 -36.76 9.78 -1.01
C GLY D 1 -36.67 10.69 -2.22
N LEU D 2 -35.67 10.45 -3.06
CA LEU D 2 -35.40 11.31 -4.21
C LEU D 2 -36.57 11.43 -5.17
N PHE D 3 -37.37 10.35 -5.28
CA PHE D 3 -38.45 10.28 -6.26
C PHE D 3 -39.85 10.63 -5.72
N GLY D 4 -39.95 10.89 -4.41
CA GLY D 4 -41.16 11.45 -3.82
C GLY D 4 -42.35 10.51 -3.63
N ALA D 5 -42.21 9.24 -4.00
CA ALA D 5 -43.31 8.28 -3.93
C ALA D 5 -43.40 7.57 -2.59
N ILE D 6 -42.37 6.77 -2.28
CA ILE D 6 -42.31 6.01 -1.03
C ILE D 6 -42.19 6.97 0.16
N ALA D 7 -43.07 6.78 1.14
CA ALA D 7 -43.22 7.72 2.25
C ALA D 7 -43.32 9.18 1.75
N GLY D 8 -43.88 9.34 0.55
CA GLY D 8 -44.06 10.65 -0.11
C GLY D 8 -45.54 10.89 -0.37
N PHE D 9 -45.94 10.88 -1.65
CA PHE D 9 -47.37 11.03 -1.95
C PHE D 9 -48.15 9.76 -1.62
N ILE D 10 -47.44 8.64 -1.57
CA ILE D 10 -47.95 7.41 -0.97
C ILE D 10 -47.37 7.37 0.44
N GLU D 11 -48.20 7.66 1.42
CA GLU D 11 -47.76 7.93 2.79
C GLU D 11 -47.04 6.76 3.47
N GLY D 12 -47.60 5.56 3.33
CA GLY D 12 -47.04 4.36 3.95
C GLY D 12 -47.14 3.15 3.05
N GLY D 13 -46.49 2.06 3.46
CA GLY D 13 -46.56 0.80 2.75
C GLY D 13 -47.72 -0.07 3.18
N TRP D 14 -47.90 -1.19 2.50
CA TRP D 14 -49.04 -2.08 2.74
C TRP D 14 -48.62 -3.41 3.37
N GLN D 15 -49.06 -3.63 4.60
CA GLN D 15 -48.92 -4.90 5.30
C GLN D 15 -49.68 -6.02 4.57
N GLY D 16 -50.82 -5.64 3.98
CA GLY D 16 -51.70 -6.58 3.30
C GLY D 16 -51.15 -7.15 2.00
N MET D 17 -50.06 -6.59 1.51
CA MET D 17 -49.43 -7.09 0.30
C MET D 17 -48.15 -7.87 0.61
N VAL D 18 -48.34 -9.15 0.92
CA VAL D 18 -47.25 -10.06 1.24
C VAL D 18 -46.62 -10.65 -0.02
N ASP D 19 -47.17 -10.28 -1.17
CA ASP D 19 -46.95 -10.99 -2.44
C ASP D 19 -45.74 -10.50 -3.24
N GLY D 20 -45.42 -9.22 -3.11
CA GLY D 20 -44.30 -8.63 -3.83
C GLY D 20 -44.00 -7.22 -3.37
N TRP D 21 -42.95 -6.63 -3.92
CA TRP D 21 -42.48 -5.31 -3.48
C TRP D 21 -43.40 -4.14 -3.84
N TYR D 22 -44.05 -4.24 -4.99
CA TYR D 22 -44.97 -3.19 -5.46
C TYR D 22 -46.21 -3.82 -6.07
N GLY D 23 -47.32 -3.08 -6.03
CA GLY D 23 -48.57 -3.57 -6.60
C GLY D 23 -49.77 -2.66 -6.45
N TYR D 24 -50.94 -3.27 -6.37
CA TYR D 24 -52.21 -2.54 -6.42
C TYR D 24 -53.17 -2.99 -5.33
N HIS D 25 -53.97 -2.05 -4.84
CA HIS D 25 -55.19 -2.38 -4.08
C HIS D 25 -56.39 -1.86 -4.83
N HIS D 26 -57.36 -2.73 -5.04
CA HIS D 26 -58.59 -2.37 -5.73
C HIS D 26 -59.80 -2.57 -4.84
N SER D 27 -60.82 -1.77 -5.04
CA SER D 27 -62.11 -1.95 -4.38
C SER D 27 -63.23 -1.54 -5.31
N ASN D 28 -63.90 -2.54 -5.88
CA ASN D 28 -65.05 -2.33 -6.77
C ASN D 28 -66.33 -2.93 -6.18
N GLU D 29 -67.34 -3.13 -7.03
CA GLU D 29 -68.63 -3.67 -6.61
C GLU D 29 -68.55 -5.10 -6.07
N GLN D 30 -67.59 -5.87 -6.55
CA GLN D 30 -67.40 -7.26 -6.12
C GLN D 30 -66.68 -7.39 -4.78
N GLY D 31 -65.92 -6.35 -4.44
CA GLY D 31 -65.15 -6.32 -3.19
C GLY D 31 -63.77 -5.72 -3.39
N SER D 32 -62.87 -6.04 -2.47
CA SER D 32 -61.52 -5.48 -2.48
C SER D 32 -60.43 -6.56 -2.42
N GLY D 33 -59.24 -6.22 -2.88
CA GLY D 33 -58.11 -7.15 -2.87
C GLY D 33 -56.78 -6.51 -3.20
N TYR D 34 -55.72 -7.09 -2.64
CA TYR D 34 -54.34 -6.70 -2.93
C TYR D 34 -53.78 -7.56 -4.07
N ALA D 35 -52.92 -6.97 -4.89
CA ALA D 35 -52.29 -7.66 -6.00
C ALA D 35 -50.92 -7.06 -6.33
N ALA D 36 -49.87 -7.85 -6.16
CA ALA D 36 -48.52 -7.37 -6.49
C ALA D 36 -48.32 -7.34 -8.00
N ASP D 37 -47.65 -6.30 -8.48
CA ASP D 37 -47.28 -6.21 -9.88
C ASP D 37 -46.05 -7.08 -10.13
N LYS D 38 -46.21 -8.13 -10.94
CA LYS D 38 -45.12 -9.08 -11.18
C LYS D 38 -43.94 -8.51 -11.97
N GLU D 39 -44.23 -7.74 -13.02
CA GLU D 39 -43.20 -7.20 -13.91
C GLU D 39 -42.20 -6.30 -13.20
N SER D 40 -42.71 -5.30 -12.48
CA SER D 40 -41.84 -4.34 -11.79
C SER D 40 -41.12 -4.98 -10.60
N THR D 41 -41.80 -5.86 -9.88
CA THR D 41 -41.20 -6.57 -8.74
C THR D 41 -40.01 -7.42 -9.16
N GLN D 42 -40.20 -8.23 -10.21
CA GLN D 42 -39.15 -9.11 -10.74
C GLN D 42 -37.95 -8.33 -11.25
N LYS D 43 -38.22 -7.28 -12.01
CA LYS D 43 -37.20 -6.35 -12.50
C LYS D 43 -36.33 -5.82 -11.36
N ALA D 44 -36.97 -5.42 -10.26
CA ALA D 44 -36.30 -4.94 -9.07
C ALA D 44 -35.49 -6.05 -8.39
N ILE D 45 -36.07 -7.25 -8.29
CA ILE D 45 -35.38 -8.41 -7.73
C ILE D 45 -34.08 -8.71 -8.51
N ASP D 46 -34.17 -8.66 -9.84
CA ASP D 46 -33.01 -8.88 -10.69
C ASP D 46 -31.92 -7.83 -10.48
N GLY D 47 -32.34 -6.56 -10.47
CA GLY D 47 -31.42 -5.44 -10.25
C GLY D 47 -30.69 -5.51 -8.92
N VAL D 48 -31.42 -5.83 -7.85
CA VAL D 48 -30.85 -5.93 -6.52
C VAL D 48 -29.92 -7.13 -6.39
N THR D 49 -30.31 -8.26 -6.99
CA THR D 49 -29.47 -9.46 -6.99
C THR D 49 -28.14 -9.21 -7.74
N ASN D 50 -28.22 -8.58 -8.90
CA ASN D 50 -27.02 -8.24 -9.67
C ASN D 50 -26.11 -7.29 -8.89
N LYS D 51 -26.72 -6.37 -8.17
CA LYS D 51 -26.00 -5.41 -7.35
C LYS D 51 -25.18 -6.10 -6.26
N VAL D 52 -25.85 -6.94 -5.47
CA VAL D 52 -25.23 -7.68 -4.38
C VAL D 52 -24.04 -8.50 -4.88
N ASN D 53 -24.24 -9.25 -5.97
CA ASN D 53 -23.19 -10.05 -6.56
C ASN D 53 -22.00 -9.23 -7.07
N SER D 54 -22.27 -8.09 -7.71
CA SER D 54 -21.23 -7.18 -8.19
C SER D 54 -20.36 -6.67 -7.05
N ILE D 55 -21.00 -6.34 -5.94
CA ILE D 55 -20.30 -5.87 -4.75
C ILE D 55 -19.36 -6.95 -4.20
N ILE D 56 -19.88 -8.17 -4.06
CA ILE D 56 -19.08 -9.31 -3.60
C ILE D 56 -17.91 -9.60 -4.56
N ASP D 57 -18.17 -9.56 -5.86
CA ASP D 57 -17.17 -9.88 -6.89
C ASP D 57 -16.06 -8.84 -7.05
N LYS D 58 -16.41 -7.56 -6.94
CA LYS D 58 -15.41 -6.48 -7.04
C LYS D 58 -14.43 -6.50 -5.86
N MET D 59 -14.92 -6.93 -4.70
CA MET D 59 -14.10 -7.03 -3.50
C MET D 59 -13.30 -8.34 -3.47
N ASN D 60 -13.55 -9.20 -4.46
CA ASN D 60 -12.91 -10.52 -4.58
C ASN D 60 -11.37 -10.54 -4.53
N THR D 61 -10.74 -9.64 -5.27
CA THR D 61 -9.27 -9.55 -5.29
C THR D 61 -8.77 -8.42 -4.39
N GLN D 62 -8.71 -8.73 -3.10
CA GLN D 62 -8.36 -7.78 -2.06
C GLN D 62 -7.17 -8.30 -1.26
N PHE D 63 -6.52 -7.43 -0.50
CA PHE D 63 -5.30 -7.76 0.21
C PHE D 63 -5.43 -8.86 1.26
N GLU D 64 -4.46 -9.78 1.26
CA GLU D 64 -4.37 -10.83 2.27
C GLU D 64 -3.06 -10.67 3.04
N ALA D 65 -3.16 -10.40 4.34
CA ALA D 65 -1.99 -10.27 5.19
C ALA D 65 -1.26 -11.59 5.33
N VAL D 66 0.07 -11.52 5.39
CA VAL D 66 0.93 -12.69 5.55
C VAL D 66 1.81 -12.47 6.76
N GLY D 67 1.92 -13.47 7.63
CA GLY D 67 2.79 -13.41 8.79
C GLY D 67 4.27 -13.39 8.39
N ARG D 68 4.98 -12.37 8.85
CA ARG D 68 6.43 -12.24 8.60
C ARG D 68 7.13 -11.93 9.92
N GLU D 69 8.27 -12.58 10.16
CA GLU D 69 9.00 -12.35 11.39
C GLU D 69 10.33 -11.61 11.18
N PHE D 70 10.73 -10.83 12.18
CA PHE D 70 11.91 -9.98 12.08
C PHE D 70 12.64 -9.99 13.42
N ASN D 71 13.97 -9.91 13.37
CA ASN D 71 14.75 -9.91 14.60
C ASN D 71 14.87 -8.52 15.23
N ASN D 72 15.54 -8.48 16.37
CA ASN D 72 15.67 -7.29 17.20
C ASN D 72 16.36 -6.12 16.51
N LEU D 73 17.22 -6.40 15.54
CA LEU D 73 17.86 -5.36 14.75
C LEU D 73 17.23 -5.16 13.37
N GLU D 74 15.95 -5.54 13.25
CA GLU D 74 15.21 -5.35 12.01
C GLU D 74 13.92 -4.58 12.27
N ARG D 75 13.97 -3.70 13.26
CA ARG D 75 12.78 -2.97 13.69
C ARG D 75 12.22 -2.04 12.63
N ARG D 76 13.09 -1.46 11.82
CA ARG D 76 12.65 -0.55 10.76
C ARG D 76 11.82 -1.30 9.72
N ILE D 77 12.31 -2.45 9.28
CA ILE D 77 11.57 -3.23 8.27
C ILE D 77 10.35 -3.91 8.89
N GLU D 78 10.43 -4.27 10.16
CA GLU D 78 9.27 -4.78 10.89
C GLU D 78 8.17 -3.73 10.90
N ASN D 79 8.51 -2.49 11.21
CA ASN D 79 7.54 -1.39 11.23
C ASN D 79 6.99 -1.07 9.84
N LEU D 80 7.87 -1.06 8.84
CA LEU D 80 7.46 -0.88 7.45
C LEU D 80 6.43 -1.95 7.07
N ASN D 81 6.74 -3.20 7.40
CA ASN D 81 5.85 -4.33 7.14
C ASN D 81 4.48 -4.13 7.80
N LYS D 82 4.49 -3.77 9.09
CA LYS D 82 3.27 -3.56 9.85
C LYS D 82 2.42 -2.44 9.23
N LYS D 83 3.04 -1.33 8.88
CA LYS D 83 2.33 -0.17 8.30
C LYS D 83 1.78 -0.50 6.92
N MET D 84 2.51 -1.30 6.16
CA MET D 84 2.06 -1.69 4.83
C MET D 84 0.81 -2.56 4.92
N GLU D 85 0.83 -3.56 5.80
CA GLU D 85 -0.30 -4.48 5.97
C GLU D 85 -1.53 -3.80 6.57
N ASP D 86 -1.33 -3.05 7.65
CA ASP D 86 -2.39 -2.21 8.20
C ASP D 86 -2.92 -1.24 7.16
N GLY D 87 -2.01 -0.70 6.35
CA GLY D 87 -2.34 0.25 5.29
C GLY D 87 -3.33 -0.33 4.30
N PHE D 88 -3.04 -1.53 3.80
CA PHE D 88 -3.96 -2.20 2.89
C PHE D 88 -5.27 -2.61 3.54
N LEU D 89 -5.21 -3.05 4.79
CA LEU D 89 -6.43 -3.43 5.51
C LEU D 89 -7.36 -2.23 5.68
N ASP D 90 -6.78 -1.06 5.99
CA ASP D 90 -7.55 0.17 6.10
C ASP D 90 -8.18 0.62 4.77
N VAL D 91 -7.44 0.48 3.68
CA VAL D 91 -7.96 0.83 2.34
C VAL D 91 -9.15 -0.05 1.97
N TRP D 92 -9.05 -1.35 2.18
CA TRP D 92 -10.12 -2.28 1.80
C TRP D 92 -11.32 -2.22 2.76
N THR D 93 -11.07 -1.87 4.02
CA THR D 93 -12.16 -1.64 4.99
C THR D 93 -12.98 -0.42 4.57
N TYR D 94 -12.28 0.65 4.19
CA TYR D 94 -12.90 1.86 3.66
C TYR D 94 -13.74 1.58 2.41
N ASN D 95 -13.13 0.90 1.43
CA ASN D 95 -13.80 0.49 0.20
C ASN D 95 -15.12 -0.23 0.42
N ALA D 96 -15.07 -1.24 1.30
CA ALA D 96 -16.22 -2.07 1.60
C ALA D 96 -17.31 -1.25 2.28
N GLU D 97 -16.94 -0.52 3.34
CA GLU D 97 -17.90 0.29 4.08
C GLU D 97 -18.53 1.38 3.21
N LEU D 98 -17.71 2.08 2.43
CA LEU D 98 -18.21 3.16 1.56
C LEU D 98 -19.12 2.62 0.46
N LEU D 99 -18.72 1.52 -0.18
CA LEU D 99 -19.52 0.95 -1.26
C LEU D 99 -20.89 0.52 -0.76
N VAL D 100 -20.93 -0.09 0.42
CA VAL D 100 -22.19 -0.45 1.07
C VAL D 100 -23.06 0.78 1.37
N LEU D 101 -22.46 1.83 1.93
CA LEU D 101 -23.22 3.05 2.21
C LEU D 101 -23.81 3.67 0.93
N MET D 102 -22.97 3.80 -0.11
CA MET D 102 -23.39 4.44 -1.37
C MET D 102 -24.47 3.61 -2.08
N GLU D 103 -24.28 2.30 -2.14
CA GLU D 103 -25.24 1.44 -2.81
C GLU D 103 -26.53 1.25 -2.01
N ASN D 104 -26.46 1.33 -0.68
CA ASN D 104 -27.69 1.31 0.14
C ASN D 104 -28.57 2.50 -0.19
N GLU D 105 -27.95 3.67 -0.33
CA GLU D 105 -28.67 4.89 -0.72
C GLU D 105 -29.34 4.71 -2.09
N ARG D 106 -28.56 4.23 -3.06
CA ARG D 106 -29.06 3.97 -4.41
C ARG D 106 -30.19 2.93 -4.43
N THR D 107 -30.07 1.90 -3.59
CA THR D 107 -31.07 0.83 -3.53
C THR D 107 -32.44 1.35 -3.07
N LEU D 108 -32.46 2.17 -2.02
CA LEU D 108 -33.73 2.71 -1.52
C LEU D 108 -34.38 3.65 -2.54
N ASP D 109 -33.55 4.47 -3.20
CA ASP D 109 -33.99 5.37 -4.27
C ASP D 109 -34.48 4.62 -5.50
N PHE D 110 -33.89 3.45 -5.76
CA PHE D 110 -34.29 2.57 -6.84
C PHE D 110 -35.72 2.09 -6.62
N HIS D 111 -36.02 1.62 -5.41
CA HIS D 111 -37.37 1.21 -5.05
C HIS D 111 -38.36 2.37 -5.19
N ASP D 112 -37.96 3.54 -4.72
CA ASP D 112 -38.76 4.77 -4.81
C ASP D 112 -39.12 5.09 -6.27
N SER D 113 -38.10 5.10 -7.13
CA SER D 113 -38.26 5.26 -8.59
C SER D 113 -39.24 4.25 -9.20
N ASN D 114 -39.11 2.99 -8.80
CA ASN D 114 -39.96 1.91 -9.30
C ASN D 114 -41.43 2.14 -8.95
N VAL D 115 -41.69 2.62 -7.73
CA VAL D 115 -43.04 2.93 -7.30
C VAL D 115 -43.61 4.10 -8.10
N LYS D 116 -42.82 5.16 -8.28
CA LYS D 116 -43.26 6.32 -9.05
C LYS D 116 -43.57 5.94 -10.51
N ASN D 117 -42.68 5.14 -11.11
CA ASN D 117 -42.87 4.66 -12.48
C ASN D 117 -44.14 3.82 -12.63
N LEU D 118 -44.44 3.01 -11.63
CA LEU D 118 -45.64 2.16 -11.62
C LEU D 118 -46.90 3.00 -11.58
N TYR D 119 -46.92 3.97 -10.67
CA TYR D 119 -48.00 4.94 -10.55
C TYR D 119 -48.23 5.69 -11.86
N ASP D 120 -47.14 6.16 -12.46
CA ASP D 120 -47.20 6.87 -13.75
C ASP D 120 -47.71 6.00 -14.89
N LYS D 121 -47.31 4.73 -14.90
CA LYS D 121 -47.80 3.75 -15.88
C LYS D 121 -49.32 3.68 -15.86
N VAL D 122 -49.88 3.64 -14.65
CA VAL D 122 -51.32 3.57 -14.45
C VAL D 122 -51.99 4.92 -14.76
N ARG D 123 -51.36 6.01 -14.34
CA ARG D 123 -51.89 7.36 -14.58
C ARG D 123 -52.09 7.62 -16.08
N LEU D 124 -51.09 7.27 -16.87
CA LEU D 124 -51.12 7.45 -18.33
C LEU D 124 -52.11 6.53 -19.03
N GLN D 125 -52.44 5.39 -18.40
CA GLN D 125 -53.42 4.46 -18.95
C GLN D 125 -54.84 4.97 -18.78
N LEU D 126 -55.17 5.39 -17.56
CA LEU D 126 -56.53 5.83 -17.24
C LEU D 126 -56.84 7.20 -17.82
N ARG D 127 -55.85 8.10 -17.80
CA ARG D 127 -56.01 9.47 -18.32
C ARG D 127 -57.25 10.19 -17.75
N ASP D 128 -58.16 10.60 -18.64
CA ASP D 128 -59.38 11.31 -18.25
C ASP D 128 -60.46 10.45 -17.60
N ASN D 129 -60.38 9.13 -17.81
CA ASN D 129 -61.40 8.20 -17.31
C ASN D 129 -61.41 8.03 -15.79
N ALA D 130 -60.39 8.56 -15.12
CA ALA D 130 -60.28 8.47 -13.66
C ALA D 130 -59.73 9.75 -13.04
N LYS D 131 -60.03 9.93 -11.76
CA LYS D 131 -59.54 11.07 -11.00
C LYS D 131 -58.38 10.64 -10.10
N GLU D 132 -57.23 11.30 -10.21
CA GLU D 132 -56.13 11.03 -9.28
C GLU D 132 -56.29 11.85 -7.99
N LEU D 133 -56.44 11.15 -6.87
CA LEU D 133 -56.71 11.79 -5.58
C LEU D 133 -55.50 12.48 -4.96
N GLY D 134 -54.31 11.99 -5.30
CA GLY D 134 -53.06 12.56 -4.79
C GLY D 134 -52.44 11.77 -3.65
N ASN D 135 -52.98 10.58 -3.39
CA ASN D 135 -52.45 9.70 -2.35
C ASN D 135 -52.05 8.33 -2.90
N GLY D 136 -51.86 8.26 -4.21
CA GLY D 136 -51.57 7.01 -4.90
C GLY D 136 -52.79 6.31 -5.47
N CYS D 137 -53.98 6.86 -5.21
CA CYS D 137 -55.24 6.23 -5.63
C CYS D 137 -55.91 6.97 -6.80
N PHE D 138 -56.59 6.20 -7.64
CA PHE D 138 -57.38 6.74 -8.74
C PHE D 138 -58.84 6.37 -8.56
N GLU D 139 -59.73 7.35 -8.65
CA GLU D 139 -61.17 7.15 -8.54
C GLU D 139 -61.78 7.11 -9.93
N PHE D 140 -62.28 5.94 -10.32
CA PHE D 140 -62.89 5.76 -11.64
C PHE D 140 -64.19 6.54 -11.79
N TYR D 141 -64.41 7.10 -12.98
CA TYR D 141 -65.68 7.75 -13.31
C TYR D 141 -66.70 6.72 -13.79
N HIS D 142 -66.22 5.70 -14.49
CA HIS D 142 -67.04 4.61 -14.97
C HIS D 142 -66.90 3.39 -14.05
N ARG D 143 -67.78 2.41 -14.24
CA ARG D 143 -67.68 1.16 -13.50
C ARG D 143 -66.58 0.27 -14.08
N CYS D 144 -65.77 -0.31 -13.18
CA CYS D 144 -64.63 -1.13 -13.58
C CYS D 144 -64.63 -2.42 -12.76
N ASP D 145 -65.05 -3.51 -13.41
CA ASP D 145 -65.13 -4.84 -12.79
C ASP D 145 -63.76 -5.49 -12.58
N ASN D 146 -63.75 -6.70 -12.03
CA ASN D 146 -62.51 -7.45 -11.79
C ASN D 146 -61.65 -7.68 -13.03
N GLU D 147 -62.30 -7.96 -14.17
CA GLU D 147 -61.58 -8.13 -15.44
C GLU D 147 -61.07 -6.80 -15.98
N CYS D 148 -61.82 -5.72 -15.69
CA CYS D 148 -61.42 -4.36 -16.03
C CYS D 148 -60.21 -3.93 -15.19
N MET D 149 -60.21 -4.29 -13.91
CA MET D 149 -59.05 -4.08 -13.04
C MET D 149 -57.81 -4.79 -13.54
N GLU D 150 -58.02 -5.97 -14.11
CA GLU D 150 -56.92 -6.80 -14.61
C GLU D 150 -56.24 -6.20 -15.85
N SER D 151 -57.04 -5.59 -16.73
CA SER D 151 -56.49 -4.93 -17.92
C SER D 151 -55.60 -3.74 -17.56
N VAL D 152 -55.91 -3.10 -16.43
CA VAL D 152 -55.09 -2.02 -15.89
C VAL D 152 -53.74 -2.57 -15.41
N ARG D 153 -53.79 -3.66 -14.64
CA ARG D 153 -52.60 -4.34 -14.13
C ARG D 153 -51.76 -4.96 -15.25
N ASN D 154 -52.43 -5.43 -16.30
CA ASN D 154 -51.77 -6.00 -17.48
C ASN D 154 -51.10 -4.94 -18.36
N GLY D 155 -51.66 -3.74 -18.36
CA GLY D 155 -51.25 -2.69 -19.28
C GLY D 155 -52.00 -2.77 -20.60
N THR D 156 -53.24 -3.26 -20.54
CA THR D 156 -54.06 -3.49 -21.74
C THR D 156 -55.37 -2.70 -21.70
N TYR D 157 -55.59 -1.95 -20.62
CA TYR D 157 -56.77 -1.08 -20.47
C TYR D 157 -56.85 -0.11 -21.65
N ASP D 158 -57.94 -0.18 -22.41
CA ASP D 158 -58.12 0.72 -23.54
C ASP D 158 -58.97 1.96 -23.19
N TYR D 159 -58.42 3.13 -23.49
CA TYR D 159 -59.06 4.40 -23.19
C TYR D 159 -60.35 4.64 -24.00
N PRO D 160 -60.31 4.48 -25.35
CA PRO D 160 -61.43 4.89 -26.21
C PRO D 160 -62.82 4.41 -25.78
N GLN D 161 -62.88 3.27 -25.08
CA GLN D 161 -64.14 2.60 -24.75
C GLN D 161 -65.01 3.33 -23.72
N TYR D 162 -64.37 3.83 -22.65
CA TYR D 162 -65.10 4.39 -21.50
C TYR D 162 -65.25 5.91 -21.54
N SER D 163 -64.67 6.56 -22.54
CA SER D 163 -64.77 8.01 -22.68
C SER D 163 -65.89 8.40 -23.64
N ASP E 1 -53.90 39.03 -11.75
CA ASP E 1 -54.78 39.76 -10.78
C ASP E 1 -55.42 38.83 -9.72
N PRO E 2 -55.87 37.62 -10.11
CA PRO E 2 -56.23 36.62 -9.08
C PRO E 2 -55.03 36.14 -8.27
N ASP E 3 -55.30 35.51 -7.13
CA ASP E 3 -54.26 35.09 -6.19
C ASP E 3 -53.39 33.96 -6.74
N GLN E 4 -52.16 33.87 -6.25
CA GLN E 4 -51.24 32.81 -6.65
C GLN E 4 -50.25 32.42 -5.55
N ILE E 5 -49.85 31.15 -5.54
CA ILE E 5 -48.74 30.69 -4.71
C ILE E 5 -47.65 30.11 -5.62
N CYS E 6 -46.39 30.37 -5.25
CA CYS E 6 -45.25 29.91 -6.02
C CYS E 6 -44.33 29.05 -5.16
N ILE E 7 -43.63 28.12 -5.80
CA ILE E 7 -42.63 27.30 -5.14
C ILE E 7 -41.26 27.78 -5.61
N GLY E 8 -40.34 27.95 -4.67
CA GLY E 8 -39.01 28.39 -5.02
C GLY E 8 -37.96 27.94 -4.04
N TYR E 9 -36.73 28.35 -4.31
CA TYR E 9 -35.58 27.94 -3.53
C TYR E 9 -34.67 29.15 -3.28
N HIS E 10 -33.85 29.02 -2.25
CA HIS E 10 -32.95 30.07 -1.77
C HIS E 10 -31.89 30.47 -2.79
N ALA E 11 -31.69 31.78 -2.92
CA ALA E 11 -30.51 32.31 -3.60
C ALA E 11 -29.89 33.37 -2.71
N ASN E 12 -28.58 33.59 -2.87
CA ASN E 12 -27.86 34.59 -2.07
C ASN E 12 -26.73 35.21 -2.87
N ASN E 13 -25.83 35.92 -2.19
CA ASN E 13 -24.70 36.58 -2.82
C ASN E 13 -23.42 35.75 -2.86
N SER E 14 -23.52 34.47 -2.51
CA SER E 14 -22.34 33.60 -2.45
C SER E 14 -21.67 33.46 -3.82
N THR E 15 -20.35 33.50 -3.81
CA THR E 15 -19.55 33.25 -4.99
C THR E 15 -18.72 31.98 -4.81
N GLU E 16 -19.02 31.22 -3.75
CA GLU E 16 -18.31 29.98 -3.46
C GLU E 16 -18.56 28.96 -4.59
N GLN E 17 -17.50 28.29 -5.02
CA GLN E 17 -17.59 27.34 -6.13
C GLN E 17 -17.19 25.96 -5.69
N VAL E 18 -17.84 24.95 -6.27
CA VAL E 18 -17.47 23.55 -6.06
C VAL E 18 -17.36 22.83 -7.40
N ASP E 19 -16.77 21.64 -7.37
CA ASP E 19 -16.65 20.80 -8.55
C ASP E 19 -17.47 19.53 -8.36
N THR E 20 -18.00 19.03 -9.47
CA THR E 20 -18.64 17.72 -9.51
C THR E 20 -17.95 16.94 -10.62
N ILE E 21 -18.42 15.73 -10.89
CA ILE E 21 -17.88 14.91 -11.98
C ILE E 21 -18.14 15.55 -13.35
N MET E 22 -19.37 16.00 -13.58
CA MET E 22 -19.81 16.48 -14.88
C MET E 22 -19.55 17.96 -15.16
N GLU E 23 -19.32 18.75 -14.11
CA GLU E 23 -19.01 20.17 -14.28
C GLU E 23 -18.19 20.76 -13.15
N LYS E 24 -17.36 21.74 -13.53
CA LYS E 24 -16.45 22.39 -12.61
C LYS E 24 -16.90 23.81 -12.33
N ASN E 25 -16.48 24.36 -11.19
CA ASN E 25 -16.78 25.73 -10.80
C ASN E 25 -18.28 26.04 -10.74
N VAL E 26 -19.03 25.17 -10.07
CA VAL E 26 -20.45 25.41 -9.83
C VAL E 26 -20.59 26.33 -8.64
N THR E 27 -21.19 27.51 -8.87
CA THR E 27 -21.51 28.43 -7.80
C THR E 27 -22.65 27.89 -6.94
N VAL E 28 -22.42 27.83 -5.63
CA VAL E 28 -23.40 27.30 -4.69
C VAL E 28 -23.67 28.32 -3.58
N THR E 29 -24.85 28.22 -2.98
CA THR E 29 -25.25 29.14 -1.92
C THR E 29 -24.41 28.93 -0.66
N HIS E 30 -24.02 27.69 -0.40
CA HIS E 30 -23.22 27.35 0.76
C HIS E 30 -22.23 26.24 0.42
N ALA E 31 -21.01 26.36 0.93
CA ALA E 31 -19.97 25.36 0.73
C ALA E 31 -19.14 25.23 2.00
N GLN E 32 -18.52 24.07 2.19
CA GLN E 32 -17.65 23.85 3.33
C GLN E 32 -16.27 23.38 2.91
N ASP E 33 -15.29 24.25 3.06
CA ASP E 33 -13.88 23.91 2.89
C ASP E 33 -13.48 22.91 3.98
N ILE E 34 -12.89 21.79 3.58
CA ILE E 34 -12.47 20.77 4.55
C ILE E 34 -10.94 20.56 4.56
N LEU E 35 -10.22 21.44 3.87
CA LEU E 35 -8.77 21.32 3.73
C LEU E 35 -8.01 22.48 4.41
N GLU E 36 -7.16 22.14 5.38
CA GLU E 36 -6.27 23.15 5.96
C GLU E 36 -5.06 23.33 5.06
N LYS E 37 -4.81 24.57 4.67
CA LYS E 37 -3.74 24.87 3.72
C LYS E 37 -2.67 25.80 4.31
N THR E 38 -2.80 26.16 5.58
CA THR E 38 -1.84 27.08 6.22
C THR E 38 -1.18 26.51 7.48
N HIS E 39 0.05 26.94 7.73
CA HIS E 39 0.79 26.61 8.94
C HIS E 39 1.52 27.86 9.45
N ASN E 40 2.05 27.82 10.66
CA ASN E 40 2.70 29.00 11.25
C ASN E 40 4.20 29.12 10.97
N GLY E 41 4.77 28.15 10.25
CA GLY E 41 6.19 28.20 9.87
C GLY E 41 7.19 28.10 11.01
N LYS E 42 6.74 27.59 12.15
CA LYS E 42 7.56 27.53 13.36
C LYS E 42 7.62 26.13 13.96
N LEU E 43 8.67 25.87 14.73
CA LEU E 43 8.80 24.66 15.51
C LEU E 43 8.37 24.94 16.95
N CYS E 44 7.32 24.25 17.41
CA CYS E 44 6.69 24.60 18.67
C CYS E 44 6.77 23.47 19.70
N ASP E 45 6.50 23.80 20.95
CA ASP E 45 6.25 22.80 21.96
C ASP E 45 5.04 21.97 21.50
N LEU E 46 5.07 20.68 21.80
CA LEU E 46 3.93 19.83 21.50
C LEU E 46 3.14 19.64 22.79
N ASP E 47 1.97 20.28 22.84
CA ASP E 47 1.10 20.30 24.03
C ASP E 47 1.88 20.56 25.34
N GLY E 48 2.67 21.63 25.33
CA GLY E 48 3.40 22.05 26.52
C GLY E 48 4.77 21.41 26.71
N VAL E 49 5.11 20.42 25.89
CA VAL E 49 6.41 19.75 26.00
C VAL E 49 7.35 20.19 24.87
N LYS E 50 8.49 20.77 25.26
CA LYS E 50 9.45 21.29 24.32
C LYS E 50 10.15 20.18 23.53
N PRO E 51 10.39 20.41 22.22
CA PRO E 51 11.17 19.47 21.44
C PRO E 51 12.66 19.56 21.80
N LEU E 52 13.39 18.49 21.51
CA LEU E 52 14.83 18.52 21.56
C LEU E 52 15.36 18.99 20.21
N ILE E 53 15.85 20.23 20.19
CA ILE E 53 16.39 20.84 18.97
C ILE E 53 17.90 20.67 19.00
N LEU E 54 18.41 19.75 18.18
CA LEU E 54 19.83 19.41 18.21
C LEU E 54 20.76 20.45 17.57
N ARG E 55 20.16 21.52 17.03
CA ARG E 55 20.91 22.63 16.43
C ARG E 55 21.86 22.11 15.34
N ASP E 56 23.17 22.19 15.54
CA ASP E 56 24.13 21.71 14.54
C ASP E 56 24.66 20.30 14.84
N CYS E 57 24.09 19.64 15.83
CA CYS E 57 24.56 18.31 16.21
C CYS E 57 23.68 17.21 15.63
N SER E 58 24.28 16.05 15.38
CA SER E 58 23.53 14.85 15.04
C SER E 58 23.24 14.04 16.29
N VAL E 59 22.41 13.01 16.14
CA VAL E 59 22.14 12.07 17.22
C VAL E 59 23.45 11.42 17.72
N ALA E 60 24.32 11.04 16.80
CA ALA E 60 25.61 10.45 17.14
C ALA E 60 26.51 11.44 17.92
N GLY E 61 26.58 12.69 17.47
CA GLY E 61 27.37 13.72 18.17
C GLY E 61 26.86 14.00 19.57
N TRP E 62 25.54 14.01 19.73
CA TRP E 62 24.89 14.14 21.01
C TRP E 62 25.21 12.97 21.98
N LEU E 63 24.97 11.75 21.54
CA LEU E 63 25.09 10.59 22.43
C LEU E 63 26.54 10.27 22.82
N LEU E 64 27.45 10.35 21.86
CA LEU E 64 28.86 10.08 22.12
C LEU E 64 29.53 11.25 22.84
N GLY E 65 28.96 12.44 22.69
CA GLY E 65 29.46 13.65 23.32
C GLY E 65 30.59 14.34 22.55
N ASN E 66 30.38 14.55 21.26
CA ASN E 66 31.24 15.42 20.45
C ASN E 66 31.36 16.72 21.25
N PRO E 67 32.61 17.18 21.52
CA PRO E 67 32.80 18.38 22.37
C PRO E 67 32.06 19.64 21.89
N MET E 68 31.70 19.69 20.61
CA MET E 68 30.92 20.79 20.05
C MET E 68 29.44 20.74 20.46
N CYS E 69 29.05 19.64 21.11
CA CYS E 69 27.66 19.36 21.44
C CYS E 69 27.38 19.37 22.94
N ASP E 70 28.24 20.06 23.68
CA ASP E 70 28.12 20.17 25.15
C ASP E 70 26.80 20.76 25.64
N GLU E 71 26.16 21.61 24.83
CA GLU E 71 24.78 22.04 25.08
C GLU E 71 23.84 20.87 25.46
N PHE E 72 24.13 19.67 24.96
CA PHE E 72 23.26 18.52 25.11
C PHE E 72 23.78 17.43 26.04
N LEU E 73 24.63 17.81 27.00
CA LEU E 73 25.22 16.83 27.91
C LEU E 73 24.15 16.13 28.78
N ASN E 74 23.14 16.89 29.21
CA ASN E 74 22.05 16.33 30.00
C ASN E 74 20.69 16.95 29.66
N VAL E 75 20.12 16.60 28.50
CA VAL E 75 18.87 17.21 28.06
C VAL E 75 17.64 16.75 28.86
N PRO E 76 16.65 17.65 29.03
CA PRO E 76 15.43 17.25 29.70
C PRO E 76 14.48 16.49 28.75
N GLU E 77 13.35 16.01 29.29
CA GLU E 77 12.35 15.27 28.53
C GLU E 77 11.88 16.06 27.29
N TRP E 78 11.73 15.35 26.17
CA TRP E 78 11.34 15.98 24.90
C TRP E 78 10.07 15.37 24.32
N SER E 79 9.45 16.11 23.40
CA SER E 79 8.23 15.65 22.71
C SER E 79 8.56 15.08 21.34
N TYR E 80 9.47 15.74 20.65
CA TYR E 80 10.05 15.21 19.42
C TYR E 80 11.47 15.76 19.30
N ILE E 81 12.22 15.22 18.36
CA ILE E 81 13.63 15.57 18.17
C ILE E 81 13.76 16.19 16.79
N VAL E 82 14.48 17.29 16.71
CA VAL E 82 14.75 17.94 15.43
C VAL E 82 16.24 17.91 15.13
N GLU E 83 16.55 17.46 13.92
CA GLU E 83 17.90 17.32 13.45
C GLU E 83 18.01 18.01 12.09
N LYS E 84 19.13 18.65 11.81
CA LYS E 84 19.34 19.24 10.48
C LYS E 84 19.60 18.14 9.44
N ILE E 85 19.36 18.46 8.17
CA ILE E 85 19.59 17.50 7.09
C ILE E 85 21.05 17.04 7.12
N ASN E 86 21.99 17.98 7.16
CA ASN E 86 23.42 17.66 7.29
C ASN E 86 24.06 18.38 8.50
N PRO E 87 23.95 17.79 9.71
CA PRO E 87 24.51 18.41 10.91
C PRO E 87 26.03 18.50 10.85
N ALA E 88 26.57 19.67 11.20
CA ALA E 88 28.01 19.88 11.16
C ALA E 88 28.78 19.04 12.18
N ASN E 89 28.17 18.79 13.34
CA ASN E 89 28.84 18.10 14.42
C ASN E 89 28.31 16.70 14.61
N ASP E 90 29.00 15.76 13.98
CA ASP E 90 28.59 14.38 13.98
C ASP E 90 29.74 13.60 14.62
N LEU E 91 30.33 12.68 13.88
CA LEU E 91 31.55 11.99 14.32
C LEU E 91 32.76 12.88 14.03
N CYS E 92 33.21 13.63 15.03
CA CYS E 92 34.38 14.50 14.87
C CYS E 92 35.60 13.65 14.50
N TYR E 93 35.91 12.63 15.30
CA TYR E 93 36.85 11.61 14.85
C TYR E 93 36.14 10.75 13.80
N PRO E 94 36.68 10.71 12.57
CA PRO E 94 35.97 10.03 11.48
C PRO E 94 35.82 8.53 11.71
N GLY E 95 34.76 7.98 11.13
CA GLY E 95 34.47 6.55 11.19
C GLY E 95 33.01 6.32 10.92
N ASN E 96 32.40 5.43 11.70
CA ASN E 96 30.98 5.16 11.58
C ASN E 96 30.37 4.61 12.86
N PHE E 97 29.05 4.64 12.90
CA PHE E 97 28.25 4.18 14.00
C PHE E 97 27.48 2.96 13.49
N ASN E 98 27.83 1.79 14.02
CA ASN E 98 27.21 0.54 13.64
C ASN E 98 25.71 0.50 13.97
N ASP E 99 24.92 0.03 13.01
CA ASP E 99 23.45 -0.02 13.14
C ASP E 99 22.87 1.32 13.60
N TYR E 100 23.33 2.40 13.00
CA TYR E 100 22.95 3.76 13.40
C TYR E 100 21.44 4.01 13.23
N GLU E 101 20.91 3.57 12.10
CA GLU E 101 19.51 3.78 11.75
C GLU E 101 18.59 3.01 12.70
N GLU E 102 18.99 1.79 13.06
CA GLU E 102 18.25 1.00 14.05
C GLU E 102 18.25 1.69 15.42
N LEU E 103 19.35 2.32 15.79
CA LEU E 103 19.38 3.14 17.02
C LEU E 103 18.44 4.35 16.94
N LYS E 104 18.48 5.08 15.84
CA LYS E 104 17.61 6.25 15.64
C LYS E 104 16.14 5.82 15.66
N HIS E 105 15.86 4.62 15.16
CA HIS E 105 14.49 4.09 15.20
C HIS E 105 14.00 3.88 16.63
N LEU E 106 14.87 3.34 17.49
CA LEU E 106 14.60 3.20 18.91
C LEU E 106 14.29 4.55 19.57
N LEU E 107 15.07 5.57 19.21
CA LEU E 107 14.90 6.93 19.73
C LEU E 107 13.51 7.49 19.45
N SER E 108 12.92 7.10 18.32
CA SER E 108 11.60 7.58 17.94
C SER E 108 10.50 7.07 18.89
N ARG E 109 10.85 6.13 19.78
CA ARG E 109 9.94 5.67 20.83
C ARG E 109 10.41 6.04 22.27
N ILE E 110 11.38 6.95 22.38
CA ILE E 110 11.89 7.39 23.68
C ILE E 110 11.67 8.89 23.85
N ASN E 111 11.28 9.32 25.05
CA ASN E 111 11.07 10.76 25.32
C ASN E 111 12.08 11.34 26.31
N HIS E 112 12.82 10.46 27.00
CA HIS E 112 13.83 10.93 27.95
C HIS E 112 14.85 9.88 28.34
N PHE E 113 16.12 10.26 28.32
CA PHE E 113 17.23 9.49 28.88
C PHE E 113 17.69 10.15 30.18
N GLU E 114 18.25 9.36 31.11
CA GLU E 114 19.08 9.91 32.17
C GLU E 114 20.47 9.32 32.07
N LYS E 115 21.44 10.17 31.75
CA LYS E 115 22.81 9.74 31.55
C LYS E 115 23.46 9.42 32.90
N ILE E 116 24.15 8.27 32.96
CA ILE E 116 24.81 7.82 34.16
C ILE E 116 26.21 7.32 33.82
N GLN E 117 27.08 7.37 34.82
CA GLN E 117 28.42 6.81 34.73
C GLN E 117 28.34 5.28 34.85
N ILE E 118 29.02 4.58 33.96
CA ILE E 118 29.11 3.13 34.10
C ILE E 118 30.53 2.64 34.33
N ILE E 119 31.53 3.38 33.86
CA ILE E 119 32.93 3.10 34.18
C ILE E 119 33.62 4.41 34.49
N PRO E 120 34.02 4.63 35.76
CA PRO E 120 34.68 5.88 36.12
C PRO E 120 36.10 5.97 35.56
N LYS E 121 36.55 7.19 35.29
CA LYS E 121 37.93 7.43 34.87
C LYS E 121 38.93 6.92 35.92
N SER E 122 38.51 6.85 37.18
CA SER E 122 39.37 6.35 38.25
C SER E 122 39.73 4.88 38.07
N SER E 123 39.01 4.19 37.18
CA SER E 123 39.20 2.77 36.89
C SER E 123 40.52 2.50 36.17
N TRP E 124 41.04 3.52 35.48
CA TRP E 124 42.17 3.34 34.56
C TRP E 124 43.55 3.62 35.19
N SER E 125 44.01 2.73 36.07
CA SER E 125 45.30 2.94 36.76
C SER E 125 46.51 2.55 35.91
N ASP E 126 46.31 1.67 34.94
CA ASP E 126 47.43 1.07 34.20
C ASP E 126 47.42 1.40 32.70
N HIS E 127 46.57 2.34 32.32
CA HIS E 127 46.48 2.81 30.95
C HIS E 127 46.38 4.34 30.98
N GLU E 128 46.82 4.98 29.90
CA GLU E 128 46.59 6.42 29.73
C GLU E 128 45.18 6.63 29.20
N ALA E 129 44.49 7.63 29.73
CA ALA E 129 43.11 7.85 29.40
C ALA E 129 42.83 9.26 28.85
N SER E 130 43.89 9.97 28.48
CA SER E 130 43.79 11.37 28.07
C SER E 130 43.88 11.56 26.56
N GLY E 131 43.78 10.47 25.80
CA GLY E 131 43.88 10.54 24.35
C GLY E 131 42.95 11.55 23.69
N VAL E 132 43.52 12.38 22.83
CA VAL E 132 42.76 13.42 22.13
C VAL E 132 43.10 13.46 20.63
N SER E 133 42.33 14.22 19.87
CA SER E 133 42.59 14.40 18.46
C SER E 133 42.26 15.81 18.01
N SER E 134 43.05 16.34 17.08
CA SER E 134 42.73 17.59 16.41
C SER E 134 41.49 17.44 15.53
N ALA E 135 41.04 16.20 15.33
CA ALA E 135 39.79 15.96 14.61
C ALA E 135 38.59 16.32 15.49
N CYS E 136 38.80 16.37 16.81
CA CYS E 136 37.74 16.74 17.74
C CYS E 136 38.14 18.02 18.50
N PRO E 137 38.21 19.15 17.78
CA PRO E 137 38.67 20.36 18.46
C PRO E 137 37.63 20.91 19.44
N TYR E 138 38.12 21.56 20.48
CA TYR E 138 37.29 22.26 21.42
C TYR E 138 38.08 23.47 21.92
N GLN E 139 37.52 24.66 21.71
CA GLN E 139 38.21 25.92 22.04
C GLN E 139 39.59 26.02 21.38
N GLY E 140 39.69 25.55 20.15
CA GLY E 140 40.94 25.64 19.40
C GLY E 140 42.01 24.64 19.82
N ARG E 141 41.65 23.65 20.63
CA ARG E 141 42.61 22.63 21.03
C ARG E 141 42.06 21.21 20.83
N SER E 142 42.97 20.25 20.66
CA SER E 142 42.57 18.86 20.46
C SER E 142 41.80 18.36 21.69
N SER E 143 40.69 17.69 21.45
CA SER E 143 39.85 17.15 22.52
C SER E 143 39.32 15.77 22.10
N PHE E 144 38.25 15.31 22.73
CA PHE E 144 37.67 13.99 22.42
C PHE E 144 36.21 13.95 22.86
N PHE E 145 35.47 12.96 22.35
CA PHE E 145 34.10 12.66 22.83
C PHE E 145 34.02 12.63 24.36
N ARG E 146 32.92 13.15 24.90
CA ARG E 146 32.75 13.27 26.35
C ARG E 146 32.38 11.97 27.04
N ASN E 147 31.68 11.09 26.33
CA ASN E 147 31.02 9.97 26.98
C ASN E 147 31.76 8.64 26.85
N VAL E 148 32.84 8.67 26.06
CA VAL E 148 33.74 7.52 25.90
C VAL E 148 35.20 7.98 26.08
N VAL E 149 36.11 7.03 26.29
CA VAL E 149 37.48 7.34 26.68
C VAL E 149 38.49 6.60 25.78
N TRP E 150 39.47 7.35 25.25
CA TRP E 150 40.51 6.78 24.41
C TRP E 150 41.67 6.29 25.26
N LEU E 151 41.75 4.98 25.45
CA LEU E 151 42.79 4.39 26.28
C LEU E 151 44.00 4.06 25.44
N THR E 152 45.17 4.45 25.91
CA THR E 152 46.41 4.09 25.23
C THR E 152 47.41 3.49 26.22
N LYS E 153 48.55 3.04 25.71
CA LYS E 153 49.54 2.38 26.53
C LYS E 153 50.12 3.30 27.61
N LYS E 154 50.62 2.70 28.67
CA LYS E 154 51.28 3.44 29.74
C LYS E 154 52.53 2.69 30.11
N ASP E 155 53.64 3.42 30.21
CA ASP E 155 54.96 2.85 30.48
C ASP E 155 55.31 1.75 29.49
N ASN E 156 55.00 2.00 28.21
CA ASN E 156 55.24 1.05 27.11
C ASN E 156 54.56 -0.31 27.29
N ALA E 157 53.39 -0.30 27.92
CA ALA E 157 52.62 -1.52 28.10
C ALA E 157 51.13 -1.23 28.08
N TYR E 158 50.35 -2.20 27.61
CA TYR E 158 48.89 -2.14 27.63
C TYR E 158 48.40 -3.49 28.15
N PRO E 159 48.29 -3.63 29.49
CA PRO E 159 47.78 -4.90 30.05
C PRO E 159 46.31 -5.12 29.71
N THR E 160 45.90 -6.39 29.74
CA THR E 160 44.55 -6.77 29.38
C THR E 160 43.52 -6.12 30.31
N ILE E 161 42.55 -5.44 29.71
CA ILE E 161 41.49 -4.80 30.45
C ILE E 161 40.33 -5.77 30.66
N LYS E 162 39.88 -5.89 31.90
CA LYS E 162 38.62 -6.55 32.20
C LYS E 162 37.74 -5.60 33.01
N ARG E 163 36.60 -5.22 32.44
CA ARG E 163 35.62 -4.35 33.10
C ARG E 163 34.20 -4.90 32.99
N SER E 164 33.46 -4.86 34.09
CA SER E 164 32.05 -5.26 34.12
C SER E 164 31.18 -4.17 34.73
N TYR E 165 29.97 -4.05 34.20
CA TYR E 165 28.95 -3.23 34.82
C TYR E 165 27.63 -4.01 34.87
N ASN E 166 27.04 -4.07 36.05
CA ASN E 166 25.76 -4.72 36.28
C ASN E 166 24.66 -3.67 36.31
N ASN E 167 23.63 -3.83 35.47
CA ASN E 167 22.52 -2.88 35.48
C ASN E 167 21.61 -3.08 36.68
N THR E 168 21.91 -2.35 37.76
CA THR E 168 21.13 -2.43 39.00
C THR E 168 19.95 -1.46 38.97
N ASN E 169 19.80 -0.73 37.87
CA ASN E 169 18.65 0.16 37.69
C ASN E 169 17.39 -0.60 37.28
N GLN E 170 16.23 0.05 37.39
CA GLN E 170 14.96 -0.54 36.95
C GLN E 170 14.67 -0.33 35.46
N GLU E 171 15.56 0.40 34.77
CA GLU E 171 15.38 0.74 33.37
C GLU E 171 16.43 0.11 32.48
N ASP E 172 16.07 -0.17 31.23
CA ASP E 172 17.03 -0.51 30.18
C ASP E 172 18.11 0.56 30.06
N LEU E 173 19.33 0.12 29.75
CA LEU E 173 20.45 1.03 29.61
C LEU E 173 21.04 0.94 28.19
N LEU E 174 21.20 2.09 27.55
CA LEU E 174 21.89 2.19 26.27
C LEU E 174 23.37 2.37 26.52
N VAL E 175 24.18 1.41 26.07
CA VAL E 175 25.63 1.42 26.29
C VAL E 175 26.33 1.59 24.95
N LEU E 176 27.31 2.48 24.93
CA LEU E 176 28.09 2.78 23.73
C LEU E 176 29.56 2.53 23.97
N TRP E 177 30.23 1.96 22.98
CA TRP E 177 31.68 1.79 23.01
C TRP E 177 32.18 1.84 21.59
N GLY E 178 33.50 1.98 21.41
CA GLY E 178 34.09 1.95 20.08
C GLY E 178 35.40 1.20 19.95
N ILE E 179 35.84 1.06 18.69
CA ILE E 179 37.14 0.48 18.37
C ILE E 179 37.89 1.47 17.50
N HIS E 180 39.20 1.56 17.69
CA HIS E 180 40.02 2.43 16.86
C HIS E 180 40.77 1.63 15.79
N HIS E 181 40.55 1.99 14.54
CA HIS E 181 41.25 1.41 13.41
C HIS E 181 42.45 2.30 13.07
N PRO E 182 43.68 1.82 13.35
CA PRO E 182 44.86 2.64 13.12
C PRO E 182 45.33 2.72 11.66
N ASN E 183 46.34 3.56 11.43
CA ASN E 183 46.87 3.81 10.10
C ASN E 183 47.86 2.78 9.60
N ASP E 184 48.74 2.33 10.48
CA ASP E 184 49.74 1.32 10.14
C ASP E 184 50.23 0.58 11.37
N ALA E 185 51.09 -0.41 11.17
CA ALA E 185 51.61 -1.25 12.24
C ALA E 185 52.37 -0.44 13.28
N ALA E 186 53.14 0.54 12.83
CA ALA E 186 53.92 1.42 13.72
C ALA E 186 53.01 2.25 14.62
N GLU E 187 51.91 2.76 14.06
CA GLU E 187 50.94 3.49 14.87
C GLU E 187 50.32 2.56 15.92
N GLN E 188 50.01 1.33 15.51
CA GLN E 188 49.47 0.31 16.41
C GLN E 188 50.32 0.09 17.66
N THR E 189 51.62 -0.09 17.48
CA THR E 189 52.53 -0.29 18.59
C THR E 189 52.76 1.00 19.37
N ARG E 190 52.84 2.12 18.66
CA ARG E 190 53.00 3.43 19.30
C ARG E 190 51.87 3.74 20.29
N LEU E 191 50.63 3.42 19.91
CA LEU E 191 49.48 3.68 20.79
C LEU E 191 49.18 2.57 21.80
N TYR E 192 49.32 1.32 21.37
CA TYR E 192 48.79 0.19 22.14
C TYR E 192 49.80 -0.90 22.53
N GLN E 193 51.04 -0.74 22.08
CA GLN E 193 52.12 -1.72 22.26
C GLN E 193 51.88 -3.09 21.61
N ASN E 194 50.74 -3.71 21.92
CA ASN E 194 50.39 -5.02 21.41
C ASN E 194 50.06 -4.97 19.91
N PRO E 195 50.71 -5.83 19.10
CA PRO E 195 50.48 -5.76 17.64
C PRO E 195 49.17 -6.38 17.19
N THR E 196 48.65 -7.34 17.97
CA THR E 196 47.42 -8.04 17.61
C THR E 196 46.41 -7.94 18.73
N THR E 197 45.29 -7.32 18.44
CA THR E 197 44.39 -6.93 19.50
C THR E 197 42.94 -7.30 19.24
N TYR E 198 42.14 -7.18 20.29
CA TYR E 198 40.72 -7.48 20.22
C TYR E 198 39.96 -6.67 21.24
N ILE E 199 38.65 -6.58 21.05
CA ILE E 199 37.74 -6.15 22.10
C ILE E 199 36.64 -7.20 22.14
N SER E 200 36.43 -7.83 23.29
CA SER E 200 35.31 -8.74 23.44
C SER E 200 34.27 -8.12 24.35
N VAL E 201 33.01 -8.28 23.99
CA VAL E 201 31.89 -7.74 24.76
C VAL E 201 30.82 -8.80 24.91
N GLY E 202 30.40 -9.02 26.15
CA GLY E 202 29.37 -10.00 26.45
C GLY E 202 28.30 -9.49 27.39
N THR E 203 27.05 -9.83 27.07
CA THR E 203 25.91 -9.68 27.98
C THR E 203 25.20 -11.04 28.05
N SER E 204 23.92 -11.04 28.39
CA SER E 204 23.15 -12.28 28.30
C SER E 204 22.84 -12.66 26.85
N THR E 205 22.83 -11.66 25.95
CA THR E 205 22.50 -11.86 24.53
C THR E 205 23.60 -11.43 23.55
N LEU E 206 24.40 -10.43 23.91
CA LEU E 206 25.50 -9.98 23.06
C LEU E 206 26.73 -10.87 23.20
N ASN E 207 27.31 -11.24 22.06
CA ASN E 207 28.55 -11.99 22.00
C ASN E 207 29.44 -11.42 20.90
N GLN E 208 30.27 -10.44 21.25
CA GLN E 208 31.02 -9.70 20.26
C GLN E 208 32.51 -9.85 20.46
N ARG E 209 33.24 -10.04 19.36
CA ARG E 209 34.70 -9.93 19.38
C ARG E 209 35.18 -9.16 18.15
N LEU E 210 35.58 -7.91 18.38
CA LEU E 210 36.06 -7.03 17.31
C LEU E 210 37.56 -7.06 17.20
N VAL E 211 38.06 -6.93 15.97
CA VAL E 211 39.47 -6.86 15.66
C VAL E 211 39.65 -5.61 14.79
N PRO E 212 40.67 -4.78 15.09
CA PRO E 212 40.89 -3.55 14.32
C PRO E 212 41.29 -3.87 12.89
N LYS E 213 41.02 -2.95 11.97
CA LYS E 213 41.38 -3.10 10.57
C LYS E 213 42.32 -1.98 10.18
N ILE E 214 43.58 -2.34 9.94
CA ILE E 214 44.54 -1.41 9.38
C ILE E 214 44.32 -1.31 7.87
N ALA E 215 44.23 -0.07 7.39
CA ALA E 215 44.10 0.27 5.98
C ALA E 215 44.62 1.69 5.76
N THR E 216 45.04 1.98 4.54
CA THR E 216 45.51 3.30 4.17
C THR E 216 44.32 4.11 3.65
N ARG E 217 43.95 5.16 4.40
CA ARG E 217 42.73 5.92 4.15
C ARG E 217 42.99 7.41 3.95
N SER E 218 42.04 8.09 3.30
CA SER E 218 42.11 9.53 3.09
C SER E 218 41.91 10.24 4.42
N LYS E 219 42.53 11.40 4.55
CA LYS E 219 42.31 12.24 5.73
C LYS E 219 40.88 12.75 5.73
N VAL E 220 40.19 12.58 6.85
CA VAL E 220 38.87 13.18 7.06
C VAL E 220 38.95 13.93 8.39
N ASN E 221 38.65 15.23 8.38
CA ASN E 221 38.85 16.09 9.54
C ASN E 221 40.31 16.06 9.99
N GLY E 222 41.21 16.00 9.00
CA GLY E 222 42.65 15.93 9.23
C GLY E 222 43.23 14.58 9.62
N GLN E 223 42.39 13.55 9.77
CA GLN E 223 42.84 12.24 10.26
C GLN E 223 42.52 11.07 9.34
N SER E 224 43.49 10.18 9.19
CA SER E 224 43.35 8.97 8.37
C SER E 224 42.93 7.76 9.18
N GLY E 225 43.07 7.83 10.50
CA GLY E 225 42.58 6.77 11.39
C GLY E 225 41.06 6.80 11.41
N ARG E 226 40.45 5.73 11.91
CA ARG E 226 39.01 5.68 12.00
C ARG E 226 38.54 5.10 13.32
N MET E 227 37.38 5.53 13.76
CA MET E 227 36.74 4.92 14.92
C MET E 227 35.37 4.38 14.58
N GLU E 228 35.11 3.14 14.99
CA GLU E 228 33.83 2.50 14.73
C GLU E 228 33.13 2.25 16.06
N PHE E 229 31.90 2.75 16.18
CA PHE E 229 31.12 2.68 17.42
C PHE E 229 29.98 1.69 17.38
N PHE E 230 29.69 1.12 18.54
CA PHE E 230 28.75 0.03 18.69
C PHE E 230 27.86 0.34 19.87
N TRP E 231 26.69 -0.28 19.91
CA TRP E 231 25.77 -0.02 21.00
C TRP E 231 24.99 -1.27 21.32
N THR E 232 24.50 -1.33 22.56
CA THR E 232 23.59 -2.38 22.98
C THR E 232 22.63 -1.86 24.05
N ILE E 233 21.52 -2.57 24.23
CA ILE E 233 20.59 -2.30 25.29
C ILE E 233 20.82 -3.32 26.39
N LEU E 234 21.25 -2.83 27.56
CA LEU E 234 21.47 -3.70 28.70
C LEU E 234 20.22 -3.74 29.58
N LYS E 235 19.62 -4.92 29.70
CA LYS E 235 18.42 -5.10 30.52
C LYS E 235 18.69 -4.98 32.02
N PRO E 236 17.67 -4.59 32.81
CA PRO E 236 17.85 -4.58 34.27
C PRO E 236 18.28 -5.96 34.75
N ASN E 237 19.22 -5.99 35.69
CA ASN E 237 19.73 -7.24 36.28
C ASN E 237 20.72 -8.00 35.40
N ASP E 238 20.90 -7.54 34.17
CA ASP E 238 21.93 -8.10 33.32
C ASP E 238 23.23 -7.31 33.48
N ALA E 239 24.34 -7.93 33.10
CA ALA E 239 25.64 -7.28 33.19
C ALA E 239 26.34 -7.31 31.83
N ILE E 240 27.19 -6.32 31.60
CA ILE E 240 28.02 -6.25 30.40
C ILE E 240 29.49 -6.38 30.80
N ASN E 241 30.22 -7.18 30.04
CA ASN E 241 31.62 -7.44 30.31
C ASN E 241 32.48 -7.10 29.11
N PHE E 242 33.46 -6.23 29.32
CA PHE E 242 34.43 -5.86 28.29
C PHE E 242 35.77 -6.47 28.59
N GLU E 243 36.44 -6.94 27.55
CA GLU E 243 37.84 -7.33 27.63
C GLU E 243 38.58 -6.82 26.40
N SER E 244 39.78 -6.28 26.61
CA SER E 244 40.59 -5.76 25.50
C SER E 244 42.07 -5.68 25.84
N ASN E 245 42.90 -5.86 24.83
CA ASN E 245 44.33 -5.59 24.93
C ASN E 245 44.78 -4.50 23.95
N GLY E 246 43.84 -3.68 23.50
CA GLY E 246 44.19 -2.52 22.68
C GLY E 246 43.05 -2.02 21.80
N ASN E 247 43.16 -0.76 21.36
CA ASN E 247 42.24 -0.16 20.37
C ASN E 247 40.84 0.06 20.91
N PHE E 248 40.72 0.02 22.23
CA PHE E 248 39.44 0.06 22.90
C PHE E 248 39.02 1.50 23.21
N ILE E 249 37.86 1.92 22.70
CA ILE E 249 37.27 3.21 23.06
C ILE E 249 36.19 2.91 24.10
N ALA E 250 36.59 3.07 25.36
CA ALA E 250 35.83 2.55 26.46
C ALA E 250 34.67 3.46 26.82
N PRO E 251 33.55 2.86 27.27
CA PRO E 251 32.47 3.65 27.83
C PRO E 251 32.96 4.42 29.07
N GLU E 252 32.48 5.64 29.22
CA GLU E 252 32.50 6.29 30.52
C GLU E 252 31.05 6.40 31.02
N ASN E 253 30.19 6.98 30.18
CA ASN E 253 28.77 7.20 30.53
C ASN E 253 27.84 6.40 29.63
N ALA E 254 26.64 6.08 30.14
CA ALA E 254 25.61 5.37 29.40
C ALA E 254 24.25 6.01 29.69
N TYR E 255 23.20 5.58 28.99
CA TYR E 255 21.89 6.23 29.08
C TYR E 255 20.76 5.33 29.59
N LYS E 256 20.23 5.64 30.76
CA LYS E 256 18.99 5.02 31.22
C LYS E 256 17.82 5.52 30.39
N ILE E 257 17.04 4.58 29.87
CA ILE E 257 15.83 4.90 29.13
C ILE E 257 14.72 5.04 30.16
N VAL E 258 14.36 6.26 30.49
CA VAL E 258 13.44 6.48 31.61
C VAL E 258 12.00 6.78 31.21
N LYS E 259 11.80 7.31 30.01
CA LYS E 259 10.46 7.61 29.54
C LYS E 259 10.30 7.21 28.08
N LYS E 260 9.29 6.38 27.83
CA LYS E 260 8.98 5.93 26.49
C LYS E 260 7.59 6.39 26.10
N GLY E 261 7.42 6.68 24.82
CA GLY E 261 6.14 7.07 24.28
C GLY E 261 6.29 7.47 22.84
N ASP E 262 5.34 8.25 22.36
CA ASP E 262 5.38 8.77 21.01
C ASP E 262 6.39 9.90 20.90
N SER E 263 7.23 9.77 19.88
CA SER E 263 8.22 10.76 19.56
C SER E 263 8.53 10.56 18.10
N THR E 264 9.46 11.35 17.58
CA THR E 264 9.90 11.20 16.20
C THR E 264 11.17 12.02 16.02
N ILE E 265 11.93 11.70 14.99
CA ILE E 265 13.07 12.51 14.60
C ILE E 265 12.71 13.24 13.32
N MET E 266 12.59 14.55 13.46
CA MET E 266 12.14 15.42 12.40
C MET E 266 13.38 16.05 11.77
N LYS E 267 13.45 16.04 10.43
CA LYS E 267 14.51 16.73 9.71
C LYS E 267 14.03 18.11 9.29
N SER E 268 14.74 19.15 9.76
CA SER E 268 14.32 20.55 9.56
C SER E 268 15.48 21.52 9.77
N GLU E 269 15.51 22.60 9.00
CA GLU E 269 16.49 23.66 9.18
C GLU E 269 16.01 24.75 10.14
N LEU E 270 14.75 24.65 10.57
CA LEU E 270 14.13 25.68 11.41
C LEU E 270 14.67 25.69 12.85
N GLU E 271 14.61 26.85 13.48
CA GLU E 271 15.00 27.02 14.89
C GLU E 271 13.76 26.91 15.79
N TYR E 272 13.98 26.85 17.09
CA TYR E 272 12.88 26.87 18.06
C TYR E 272 12.03 28.14 17.90
N GLY E 273 10.72 27.98 18.01
CA GLY E 273 9.79 29.08 17.73
C GLY E 273 9.11 29.74 18.91
N ASN E 274 9.42 29.32 20.13
CA ASN E 274 8.82 29.88 21.35
C ASN E 274 7.29 29.93 21.29
N CYS E 275 6.69 28.83 20.82
CA CYS E 275 5.24 28.70 20.64
C CYS E 275 4.78 27.34 21.16
N ASN E 276 3.45 27.16 21.20
CA ASN E 276 2.85 25.89 21.57
C ASN E 276 1.82 25.44 20.52
N THR E 277 1.82 24.15 20.21
CA THR E 277 0.91 23.58 19.21
C THR E 277 0.38 22.22 19.66
N LYS E 278 -0.68 21.77 18.99
CA LYS E 278 -1.16 20.41 19.14
C LYS E 278 -0.69 19.52 17.99
N CYS E 279 -0.27 20.14 16.89
CA CYS E 279 0.17 19.40 15.70
C CYS E 279 1.38 20.06 15.02
N GLN E 280 2.47 19.30 14.89
CA GLN E 280 3.73 19.81 14.35
C GLN E 280 4.16 19.07 13.09
N THR E 281 4.56 19.84 12.08
CA THR E 281 5.23 19.27 10.90
C THR E 281 6.65 19.83 10.82
N PRO E 282 7.51 19.23 9.96
CA PRO E 282 8.90 19.71 9.85
C PRO E 282 9.03 21.14 9.32
N ILE E 283 7.97 21.70 8.77
CA ILE E 283 8.03 23.04 8.16
C ILE E 283 7.17 24.09 8.87
N GLY E 284 6.44 23.65 9.90
CA GLY E 284 5.58 24.55 10.68
C GLY E 284 4.48 23.81 11.40
N ALA E 285 3.89 24.47 12.39
CA ALA E 285 2.81 23.87 13.19
C ALA E 285 1.44 24.16 12.59
N ILE E 286 0.47 23.32 12.94
CA ILE E 286 -0.90 23.40 12.42
C ILE E 286 -1.87 23.62 13.58
N ASN E 287 -2.72 24.62 13.46
CA ASN E 287 -3.81 24.86 14.40
C ASN E 287 -5.12 24.93 13.63
N SER E 288 -5.82 23.80 13.53
CA SER E 288 -6.96 23.69 12.64
C SER E 288 -7.99 22.70 13.13
N SER E 289 -9.25 22.92 12.75
CA SER E 289 -10.30 21.94 13.00
C SER E 289 -10.77 21.26 11.70
N MET E 290 -10.10 21.58 10.59
CA MET E 290 -10.30 20.88 9.32
C MET E 290 -9.93 19.39 9.44
N PRO E 291 -10.68 18.51 8.76
CA PRO E 291 -10.33 17.09 8.79
C PRO E 291 -9.09 16.75 7.97
N PHE E 292 -8.77 17.55 6.96
CA PHE E 292 -7.63 17.30 6.09
C PHE E 292 -6.66 18.48 6.08
N HIS E 293 -5.40 18.20 5.75
CA HIS E 293 -4.44 19.26 5.47
C HIS E 293 -3.51 18.84 4.36
N ASN E 294 -2.84 19.81 3.74
CA ASN E 294 -1.84 19.49 2.73
C ASN E 294 -0.47 20.07 3.02
N ILE E 295 -0.17 20.27 4.30
CA ILE E 295 1.08 20.94 4.71
C ILE E 295 2.30 20.07 4.45
N HIS E 296 2.28 18.85 4.96
CA HIS E 296 3.44 17.97 4.94
C HIS E 296 3.01 16.59 5.39
N PRO E 297 3.53 15.52 4.75
CA PRO E 297 3.13 14.16 5.15
C PRO E 297 3.57 13.74 6.56
N LEU E 298 4.69 14.28 7.04
CA LEU E 298 5.21 13.88 8.34
C LEU E 298 4.73 14.82 9.45
N THR E 299 3.89 14.30 10.34
CA THR E 299 3.34 15.10 11.43
C THR E 299 3.40 14.32 12.73
N ILE E 300 3.33 15.05 13.84
CA ILE E 300 3.20 14.45 15.16
C ILE E 300 2.17 15.26 15.94
N GLY E 301 1.35 14.57 16.72
CA GLY E 301 0.34 15.20 17.58
C GLY E 301 -1.08 14.85 17.17
N GLU E 302 -2.02 15.69 17.57
CA GLU E 302 -3.42 15.53 17.17
C GLU E 302 -3.61 16.36 15.90
N CYS E 303 -3.63 15.67 14.76
CA CYS E 303 -3.50 16.32 13.45
C CYS E 303 -4.63 15.98 12.50
N PRO E 304 -4.88 16.84 11.49
CA PRO E 304 -5.77 16.45 10.40
C PRO E 304 -5.10 15.37 9.55
N LYS E 305 -5.85 14.74 8.64
CA LYS E 305 -5.28 13.72 7.77
C LYS E 305 -4.62 14.39 6.58
N TYR E 306 -3.39 13.97 6.26
CA TYR E 306 -2.67 14.55 5.14
C TYR E 306 -3.15 14.01 3.78
N VAL E 307 -3.36 14.93 2.84
CA VAL E 307 -3.64 14.61 1.43
C VAL E 307 -2.83 15.56 0.55
N LYS E 308 -2.57 15.15 -0.69
CA LYS E 308 -1.79 15.95 -1.64
C LYS E 308 -2.62 17.01 -2.37
N SER E 309 -3.92 17.07 -2.08
CA SER E 309 -4.84 17.97 -2.76
C SER E 309 -4.48 19.44 -2.60
N SER E 310 -4.72 20.22 -3.65
CA SER E 310 -4.60 21.67 -3.57
C SER E 310 -5.94 22.29 -3.12
N ARG E 311 -7.02 21.54 -3.30
CA ARG E 311 -8.37 22.02 -2.98
C ARG E 311 -9.34 20.88 -2.66
N LEU E 312 -10.10 21.05 -1.58
CA LEU E 312 -11.17 20.11 -1.22
C LEU E 312 -12.33 20.89 -0.62
N VAL E 313 -13.43 20.97 -1.36
CA VAL E 313 -14.58 21.77 -0.94
C VAL E 313 -15.89 21.01 -1.17
N LEU E 314 -16.62 20.76 -0.09
CA LEU E 314 -17.93 20.13 -0.17
C LEU E 314 -19.05 21.14 -0.38
N ALA E 315 -19.91 20.85 -1.35
CA ALA E 315 -21.13 21.59 -1.53
C ALA E 315 -22.07 21.25 -0.37
N THR E 316 -22.68 22.25 0.25
CA THR E 316 -23.70 21.99 1.26
C THR E 316 -25.02 22.55 0.78
N GLY E 317 -24.98 23.78 0.28
CA GLY E 317 -26.15 24.44 -0.26
C GLY E 317 -26.43 24.04 -1.69
N LEU E 318 -27.21 24.86 -2.37
CA LEU E 318 -27.67 24.52 -3.70
C LEU E 318 -27.05 25.41 -4.76
N ARG E 319 -27.26 25.04 -6.02
CA ARG E 319 -26.77 25.82 -7.15
C ARG E 319 -27.30 27.25 -7.07
N ASN E 320 -26.39 28.22 -7.00
CA ASN E 320 -26.74 29.63 -6.82
C ASN E 320 -26.90 30.36 -8.15
N SER E 321 -28.07 30.94 -8.34
CA SER E 321 -28.40 31.61 -9.59
C SER E 321 -27.87 33.05 -9.60
N PRO E 322 -27.47 33.55 -10.79
CA PRO E 322 -27.12 34.97 -10.97
C PRO E 322 -28.35 35.87 -10.92
N GLY F 1 -30.54 20.22 -13.50
CA GLY F 1 -30.24 19.04 -12.65
C GLY F 1 -31.08 17.84 -13.02
N LEU F 2 -30.84 16.72 -12.34
CA LEU F 2 -31.52 15.47 -12.65
C LEU F 2 -33.04 15.56 -12.52
N PHE F 3 -33.51 16.42 -11.62
CA PHE F 3 -34.93 16.45 -11.27
C PHE F 3 -35.75 17.56 -11.93
N GLY F 4 -35.05 18.47 -12.63
CA GLY F 4 -35.70 19.39 -13.55
C GLY F 4 -36.28 20.64 -12.92
N ALA F 5 -36.10 20.79 -11.61
CA ALA F 5 -36.73 21.89 -10.87
C ALA F 5 -35.83 23.14 -10.78
N ILE F 6 -34.72 23.02 -10.05
CA ILE F 6 -33.76 24.11 -9.86
C ILE F 6 -33.11 24.48 -11.20
N ALA F 7 -33.16 25.77 -11.54
CA ALA F 7 -32.67 26.27 -12.84
C ALA F 7 -33.26 25.45 -14.00
N GLY F 8 -34.49 24.96 -13.80
CA GLY F 8 -35.20 24.17 -14.79
C GLY F 8 -36.52 24.85 -15.08
N PHE F 9 -37.62 24.22 -14.67
CA PHE F 9 -38.93 24.85 -14.80
C PHE F 9 -39.11 25.98 -13.80
N ILE F 10 -38.39 25.91 -12.68
CA ILE F 10 -38.23 27.07 -11.81
C ILE F 10 -36.91 27.72 -12.23
N GLU F 11 -37.02 28.85 -12.94
CA GLU F 11 -35.92 29.42 -13.70
C GLU F 11 -34.73 29.88 -12.85
N GLY F 12 -35.00 30.58 -11.76
CA GLY F 12 -33.96 31.04 -10.86
C GLY F 12 -34.37 30.95 -9.41
N GLY F 13 -33.42 31.15 -8.51
CA GLY F 13 -33.69 31.18 -7.08
C GLY F 13 -34.08 32.56 -6.58
N TRP F 14 -34.51 32.64 -5.33
CA TRP F 14 -34.97 33.90 -4.76
C TRP F 14 -34.01 34.47 -3.71
N GLN F 15 -33.56 35.69 -3.94
CA GLN F 15 -32.80 36.48 -2.96
C GLN F 15 -33.68 36.74 -1.74
N GLY F 16 -34.98 36.86 -1.98
CA GLY F 16 -35.96 37.23 -0.95
C GLY F 16 -36.25 36.18 0.10
N MET F 17 -35.87 34.94 -0.17
CA MET F 17 -36.06 33.89 0.82
C MET F 17 -34.76 33.58 1.55
N VAL F 18 -34.62 34.22 2.71
CA VAL F 18 -33.43 34.06 3.57
C VAL F 18 -33.68 33.03 4.67
N ASP F 19 -34.94 32.63 4.83
CA ASP F 19 -35.40 31.84 5.97
C ASP F 19 -35.09 30.35 5.85
N GLY F 20 -34.83 29.87 4.65
CA GLY F 20 -34.54 28.46 4.44
C GLY F 20 -34.12 28.17 3.01
N TRP F 21 -33.88 26.89 2.74
CA TRP F 21 -33.45 26.46 1.41
C TRP F 21 -34.58 26.41 0.40
N TYR F 22 -35.76 25.97 0.83
CA TYR F 22 -36.93 25.85 -0.05
C TYR F 22 -38.15 26.48 0.60
N GLY F 23 -39.06 27.00 -0.22
CA GLY F 23 -40.28 27.61 0.30
C GLY F 23 -41.28 28.13 -0.73
N TYR F 24 -42.06 29.12 -0.31
CA TYR F 24 -43.20 29.64 -1.04
C TYR F 24 -43.14 31.16 -1.21
N HIS F 25 -43.69 31.65 -2.32
CA HIS F 25 -43.99 33.08 -2.50
C HIS F 25 -45.48 33.19 -2.78
N HIS F 26 -46.20 33.84 -1.87
CA HIS F 26 -47.63 34.07 -2.02
C HIS F 26 -47.89 35.53 -2.40
N SER F 27 -49.03 35.78 -3.01
CA SER F 27 -49.49 37.14 -3.30
C SER F 27 -51.01 37.13 -3.39
N ASN F 28 -51.65 37.75 -2.40
CA ASN F 28 -53.11 37.81 -2.33
C ASN F 28 -53.60 39.23 -2.03
N GLU F 29 -54.80 39.34 -1.47
CA GLU F 29 -55.40 40.61 -1.09
C GLU F 29 -54.70 41.24 0.11
N GLN F 30 -54.28 40.41 1.05
CA GLN F 30 -53.59 40.86 2.27
C GLN F 30 -52.14 41.31 2.03
N GLY F 31 -51.59 40.93 0.87
CA GLY F 31 -50.23 41.31 0.50
C GLY F 31 -49.48 40.18 -0.14
N SER F 32 -48.15 40.30 -0.17
CA SER F 32 -47.27 39.29 -0.73
C SER F 32 -46.07 39.06 0.18
N GLY F 33 -45.40 37.93 0.01
CA GLY F 33 -44.26 37.60 0.85
C GLY F 33 -43.69 36.20 0.66
N TYR F 34 -42.43 36.06 1.07
CA TYR F 34 -41.73 34.79 1.00
C TYR F 34 -41.89 34.02 2.31
N ALA F 35 -42.05 32.71 2.21
CA ALA F 35 -42.14 31.83 3.37
C ALA F 35 -41.41 30.52 3.12
N ALA F 36 -40.37 30.25 3.90
CA ALA F 36 -39.60 29.01 3.77
C ALA F 36 -40.37 27.82 4.35
N ASP F 37 -40.31 26.69 3.66
CA ASP F 37 -40.91 25.45 4.15
C ASP F 37 -40.00 24.81 5.20
N LYS F 38 -40.54 24.66 6.42
CA LYS F 38 -39.78 24.20 7.58
C LYS F 38 -39.37 22.73 7.47
N GLU F 39 -40.32 21.90 7.07
CA GLU F 39 -40.17 20.44 7.02
C GLU F 39 -39.07 20.00 6.05
N SER F 40 -39.19 20.43 4.80
CA SER F 40 -38.24 20.07 3.74
C SER F 40 -36.85 20.67 3.98
N THR F 41 -36.80 21.91 4.45
CA THR F 41 -35.54 22.58 4.76
C THR F 41 -34.78 21.83 5.86
N GLN F 42 -35.49 21.45 6.92
CA GLN F 42 -34.90 20.73 8.05
C GLN F 42 -34.38 19.36 7.65
N LYS F 43 -35.21 18.63 6.89
CA LYS F 43 -34.84 17.33 6.34
C LYS F 43 -33.52 17.43 5.57
N ALA F 44 -33.40 18.49 4.77
CA ALA F 44 -32.23 18.70 3.93
C ALA F 44 -30.99 19.05 4.76
N ILE F 45 -31.15 19.89 5.78
CA ILE F 45 -30.06 20.23 6.69
C ILE F 45 -29.52 18.97 7.38
N ASP F 46 -30.42 18.12 7.85
CA ASP F 46 -30.07 16.84 8.45
C ASP F 46 -29.31 15.92 7.49
N GLY F 47 -29.84 15.77 6.28
CA GLY F 47 -29.24 14.92 5.26
C GLY F 47 -27.84 15.37 4.88
N VAL F 48 -27.69 16.68 4.68
CA VAL F 48 -26.42 17.29 4.32
C VAL F 48 -25.42 17.25 5.48
N THR F 49 -25.88 17.51 6.70
CA THR F 49 -25.00 17.42 7.88
C THR F 49 -24.46 15.99 8.08
N ASN F 50 -25.34 15.01 7.96
CA ASN F 50 -24.95 13.61 8.12
C ASN F 50 -23.95 13.16 7.06
N LYS F 51 -24.18 13.62 5.83
CA LYS F 51 -23.27 13.39 4.71
C LYS F 51 -21.86 13.91 5.02
N VAL F 52 -21.77 15.18 5.41
CA VAL F 52 -20.52 15.80 5.82
C VAL F 52 -19.84 14.98 6.93
N ASN F 53 -20.61 14.61 7.96
CA ASN F 53 -20.04 13.82 9.06
C ASN F 53 -19.55 12.46 8.61
N SER F 54 -20.28 11.83 7.69
CA SER F 54 -19.93 10.51 7.18
C SER F 54 -18.61 10.51 6.41
N ILE F 55 -18.45 11.53 5.54
CA ILE F 55 -17.27 11.69 4.72
C ILE F 55 -16.01 11.83 5.59
N ILE F 56 -16.09 12.67 6.61
CA ILE F 56 -14.99 12.86 7.56
C ILE F 56 -14.66 11.55 8.29
N ASP F 57 -15.70 10.85 8.76
CA ASP F 57 -15.52 9.64 9.56
C ASP F 57 -14.93 8.46 8.81
N LYS F 58 -15.27 8.34 7.53
CA LYS F 58 -14.72 7.28 6.68
C LYS F 58 -13.23 7.50 6.41
N MET F 59 -12.82 8.76 6.36
CA MET F 59 -11.42 9.12 6.16
C MET F 59 -10.63 9.14 7.48
N ASN F 60 -11.32 8.82 8.58
CA ASN F 60 -10.74 8.89 9.93
C ASN F 60 -9.55 7.96 10.15
N THR F 61 -9.65 6.72 9.67
CA THR F 61 -8.53 5.77 9.76
C THR F 61 -7.78 5.68 8.43
N GLN F 62 -7.00 6.73 8.16
CA GLN F 62 -6.25 6.88 6.93
C GLN F 62 -4.77 6.61 7.20
N PHE F 63 -3.99 6.40 6.15
CA PHE F 63 -2.57 6.17 6.28
C PHE F 63 -1.82 7.36 6.88
N GLU F 64 -0.87 7.07 7.77
CA GLU F 64 0.01 8.09 8.36
C GLU F 64 1.46 7.74 8.08
N ALA F 65 2.14 8.62 7.33
CA ALA F 65 3.55 8.46 7.03
C ALA F 65 4.39 8.59 8.30
N VAL F 66 5.46 7.79 8.39
CA VAL F 66 6.39 7.83 9.52
C VAL F 66 7.79 7.97 8.94
N GLY F 67 8.61 8.80 9.57
CA GLY F 67 10.01 8.95 9.16
C GLY F 67 10.80 7.68 9.43
N ARG F 68 11.43 7.13 8.39
CA ARG F 68 12.36 6.00 8.50
C ARG F 68 13.64 6.38 7.78
N GLU F 69 14.78 5.98 8.32
CA GLU F 69 16.09 6.32 7.72
C GLU F 69 16.87 5.09 7.31
N PHE F 70 17.62 5.22 6.22
CA PHE F 70 18.38 4.11 5.64
C PHE F 70 19.79 4.54 5.28
N ASN F 71 20.74 3.62 5.33
CA ASN F 71 22.12 3.98 5.02
C ASN F 71 22.41 3.84 3.52
N ASN F 72 23.64 4.15 3.13
CA ASN F 72 24.02 4.20 1.72
C ASN F 72 23.93 2.88 0.98
N LEU F 73 23.98 1.77 1.72
CA LEU F 73 23.86 0.45 1.11
C LEU F 73 22.48 -0.19 1.36
N GLU F 74 21.50 0.66 1.63
CA GLU F 74 20.12 0.20 1.85
C GLU F 74 19.16 0.93 0.91
N ARG F 75 19.64 1.26 -0.28
CA ARG F 75 18.89 2.06 -1.23
C ARG F 75 17.63 1.37 -1.72
N ARG F 76 17.68 0.04 -1.86
CA ARG F 76 16.54 -0.75 -2.32
C ARG F 76 15.36 -0.64 -1.34
N ILE F 77 15.61 -0.85 -0.05
CA ILE F 77 14.54 -0.79 0.94
C ILE F 77 14.11 0.66 1.18
N GLU F 78 15.06 1.59 1.02
CA GLU F 78 14.74 3.02 1.09
C GLU F 78 13.74 3.38 -0.01
N ASN F 79 14.00 2.91 -1.24
CA ASN F 79 13.12 3.14 -2.36
C ASN F 79 11.78 2.44 -2.19
N LEU F 80 11.82 1.23 -1.64
CA LEU F 80 10.62 0.47 -1.36
C LEU F 80 9.77 1.24 -0.36
N ASN F 81 10.40 1.72 0.72
CA ASN F 81 9.74 2.56 1.72
C ASN F 81 9.06 3.80 1.11
N LYS F 82 9.80 4.53 0.28
CA LYS F 82 9.31 5.73 -0.37
C LYS F 82 8.07 5.44 -1.23
N LYS F 83 8.14 4.37 -2.02
CA LYS F 83 7.03 4.05 -2.94
C LYS F 83 5.81 3.57 -2.18
N MET F 84 6.03 2.87 -1.07
CA MET F 84 4.95 2.44 -0.19
C MET F 84 4.18 3.62 0.39
N GLU F 85 4.92 4.56 0.99
CA GLU F 85 4.33 5.74 1.62
C GLU F 85 3.65 6.66 0.59
N ASP F 86 4.36 6.95 -0.50
CA ASP F 86 3.78 7.66 -1.63
C ASP F 86 2.56 6.94 -2.19
N GLY F 87 2.64 5.62 -2.25
CA GLY F 87 1.55 4.78 -2.74
C GLY F 87 0.26 4.99 -1.96
N PHE F 88 0.36 4.92 -0.62
CA PHE F 88 -0.80 5.12 0.23
C PHE F 88 -1.30 6.57 0.21
N LEU F 89 -0.39 7.54 0.18
CA LEU F 89 -0.81 8.95 0.06
C LEU F 89 -1.60 9.22 -1.24
N ASP F 90 -1.17 8.59 -2.33
CA ASP F 90 -1.84 8.73 -3.63
C ASP F 90 -3.20 8.06 -3.63
N VAL F 91 -3.30 6.89 -3.02
CA VAL F 91 -4.58 6.19 -2.85
C VAL F 91 -5.58 7.04 -2.06
N TRP F 92 -5.14 7.61 -0.93
CA TRP F 92 -6.04 8.36 -0.06
C TRP F 92 -6.39 9.76 -0.57
N THR F 93 -5.45 10.40 -1.26
CA THR F 93 -5.72 11.62 -1.98
C THR F 93 -6.80 11.40 -3.05
N TYR F 94 -6.68 10.29 -3.79
CA TYR F 94 -7.68 9.90 -4.77
C TYR F 94 -9.03 9.67 -4.11
N ASN F 95 -9.05 8.89 -3.03
CA ASN F 95 -10.29 8.60 -2.32
C ASN F 95 -11.01 9.87 -1.85
N ALA F 96 -10.26 10.79 -1.24
CA ALA F 96 -10.81 12.04 -0.76
C ALA F 96 -11.35 12.93 -1.89
N GLU F 97 -10.56 13.13 -2.95
CA GLU F 97 -10.98 13.96 -4.08
C GLU F 97 -12.19 13.41 -4.82
N LEU F 98 -12.16 12.11 -5.14
CA LEU F 98 -13.27 11.48 -5.85
C LEU F 98 -14.57 11.50 -5.04
N LEU F 99 -14.47 11.19 -3.74
CA LEU F 99 -15.65 11.15 -2.89
C LEU F 99 -16.34 12.52 -2.82
N VAL F 100 -15.55 13.57 -2.69
CA VAL F 100 -16.07 14.94 -2.69
C VAL F 100 -16.77 15.27 -4.01
N LEU F 101 -16.16 14.90 -5.14
CA LEU F 101 -16.75 15.15 -6.45
C LEU F 101 -18.11 14.47 -6.60
N MET F 102 -18.13 13.18 -6.26
CA MET F 102 -19.33 12.35 -6.37
C MET F 102 -20.43 12.82 -5.44
N GLU F 103 -20.09 13.12 -4.19
CA GLU F 103 -21.09 13.55 -3.23
C GLU F 103 -21.59 14.99 -3.49
N ASN F 104 -20.74 15.84 -4.04
CA ASN F 104 -21.16 17.17 -4.49
C ASN F 104 -22.26 17.08 -5.55
N GLU F 105 -22.06 16.20 -6.54
CA GLU F 105 -23.07 15.95 -7.55
C GLU F 105 -24.38 15.47 -6.93
N ARG F 106 -24.29 14.52 -6.02
CA ARG F 106 -25.46 14.00 -5.31
C ARG F 106 -26.16 15.08 -4.47
N THR F 107 -25.36 15.95 -3.84
CA THR F 107 -25.90 17.02 -3.01
C THR F 107 -26.74 18.01 -3.81
N LEU F 108 -26.24 18.39 -4.99
CA LEU F 108 -26.97 19.33 -5.84
C LEU F 108 -28.26 18.70 -6.36
N ASP F 109 -28.22 17.42 -6.70
CA ASP F 109 -29.42 16.71 -7.17
C ASP F 109 -30.42 16.46 -6.04
N PHE F 110 -29.90 16.32 -4.83
CA PHE F 110 -30.71 16.17 -3.62
C PHE F 110 -31.60 17.40 -3.38
N HIS F 111 -31.00 18.59 -3.48
CA HIS F 111 -31.76 19.84 -3.39
C HIS F 111 -32.79 19.93 -4.52
N ASP F 112 -32.38 19.58 -5.73
CA ASP F 112 -33.25 19.64 -6.92
C ASP F 112 -34.49 18.77 -6.71
N SER F 113 -34.26 17.56 -6.18
CA SER F 113 -35.29 16.61 -5.83
C SER F 113 -36.24 17.17 -4.76
N ASN F 114 -35.66 17.75 -3.71
CA ASN F 114 -36.45 18.37 -2.65
C ASN F 114 -37.37 19.49 -3.14
N VAL F 115 -36.87 20.33 -4.06
CA VAL F 115 -37.67 21.38 -4.65
C VAL F 115 -38.83 20.79 -5.47
N LYS F 116 -38.52 19.77 -6.29
CA LYS F 116 -39.55 19.14 -7.10
C LYS F 116 -40.63 18.47 -6.25
N ASN F 117 -40.21 17.72 -5.22
CA ASN F 117 -41.13 17.10 -4.26
C ASN F 117 -42.04 18.11 -3.57
N LEU F 118 -41.48 19.26 -3.19
CA LEU F 118 -42.26 20.34 -2.57
C LEU F 118 -43.30 20.90 -3.53
N TYR F 119 -42.90 21.12 -4.78
CA TYR F 119 -43.81 21.57 -5.83
C TYR F 119 -44.93 20.56 -6.04
N ASP F 120 -44.60 19.28 -6.08
CA ASP F 120 -45.59 18.23 -6.26
C ASP F 120 -46.54 18.15 -5.07
N LYS F 121 -46.02 18.38 -3.87
CA LYS F 121 -46.83 18.36 -2.65
C LYS F 121 -47.97 19.37 -2.73
N VAL F 122 -47.66 20.56 -3.24
CA VAL F 122 -48.65 21.63 -3.43
C VAL F 122 -49.59 21.30 -4.60
N ARG F 123 -49.03 20.81 -5.71
CA ARG F 123 -49.81 20.43 -6.89
C ARG F 123 -50.91 19.41 -6.56
N LEU F 124 -50.53 18.35 -5.85
CA LEU F 124 -51.45 17.28 -5.50
C LEU F 124 -52.53 17.72 -4.50
N GLN F 125 -52.25 18.82 -3.79
CA GLN F 125 -53.24 19.42 -2.90
C GLN F 125 -54.25 20.26 -3.67
N LEU F 126 -53.75 21.22 -4.44
CA LEU F 126 -54.57 22.21 -5.15
C LEU F 126 -55.43 21.62 -6.28
N ARG F 127 -54.86 20.67 -7.02
CA ARG F 127 -55.56 19.99 -8.13
C ARG F 127 -56.25 20.94 -9.13
N ASP F 128 -57.57 20.81 -9.24
CA ASP F 128 -58.39 21.60 -10.17
C ASP F 128 -58.57 23.06 -9.76
N ASN F 129 -58.34 23.34 -8.48
CA ASN F 129 -58.59 24.67 -7.91
C ASN F 129 -57.56 25.72 -8.32
N ALA F 130 -56.43 25.26 -8.87
CA ALA F 130 -55.39 26.15 -9.36
C ALA F 130 -54.98 25.85 -10.79
N LYS F 131 -54.56 26.91 -11.49
CA LYS F 131 -54.00 26.80 -12.83
C LYS F 131 -52.49 26.69 -12.74
N GLU F 132 -51.93 25.72 -13.46
CA GLU F 132 -50.49 25.46 -13.48
C GLU F 132 -49.83 26.27 -14.59
N LEU F 133 -48.99 27.24 -14.21
CA LEU F 133 -48.35 28.14 -15.19
C LEU F 133 -47.13 27.53 -15.87
N GLY F 134 -46.44 26.64 -15.16
CA GLY F 134 -45.28 25.94 -15.71
C GLY F 134 -43.95 26.54 -15.28
N ASN F 135 -44.01 27.43 -14.30
CA ASN F 135 -42.82 28.13 -13.80
C ASN F 135 -42.65 28.00 -12.29
N GLY F 136 -43.40 27.09 -11.69
CA GLY F 136 -43.37 26.90 -10.25
C GLY F 136 -44.52 27.57 -9.50
N CYS F 137 -45.36 28.30 -10.24
CA CYS F 137 -46.47 29.03 -9.63
C CYS F 137 -47.85 28.43 -9.96
N PHE F 138 -48.78 28.60 -9.03
CA PHE F 138 -50.16 28.16 -9.20
C PHE F 138 -51.13 29.34 -9.07
N GLU F 139 -51.81 29.64 -10.17
CA GLU F 139 -52.81 30.71 -10.20
C GLU F 139 -54.14 30.17 -9.69
N PHE F 140 -54.58 30.68 -8.55
CA PHE F 140 -55.84 30.28 -7.92
C PHE F 140 -57.07 30.69 -8.72
N TYR F 141 -58.11 29.85 -8.67
CA TYR F 141 -59.42 30.19 -9.22
C TYR F 141 -60.28 30.86 -8.15
N HIS F 142 -60.23 30.30 -6.93
CA HIS F 142 -60.90 30.88 -5.78
C HIS F 142 -59.94 31.78 -5.00
N ARG F 143 -60.49 32.70 -4.22
CA ARG F 143 -59.66 33.61 -3.42
C ARG F 143 -59.12 32.93 -2.17
N CYS F 144 -57.83 33.14 -1.92
CA CYS F 144 -57.11 32.43 -0.86
C CYS F 144 -56.39 33.44 0.05
N ASP F 145 -56.96 33.69 1.23
CA ASP F 145 -56.40 34.65 2.18
C ASP F 145 -55.19 34.06 2.92
N ASN F 146 -54.62 34.84 3.85
CA ASN F 146 -53.45 34.44 4.62
C ASN F 146 -53.60 33.10 5.36
N GLU F 147 -54.78 32.84 5.89
CA GLU F 147 -55.07 31.57 6.57
C GLU F 147 -55.19 30.40 5.59
N CYS F 148 -55.73 30.69 4.41
CA CYS F 148 -55.83 29.71 3.33
C CYS F 148 -54.44 29.36 2.79
N MET F 149 -53.57 30.37 2.67
CA MET F 149 -52.20 30.18 2.23
C MET F 149 -51.42 29.29 3.20
N GLU F 150 -51.71 29.44 4.49
CA GLU F 150 -51.02 28.68 5.55
C GLU F 150 -51.37 27.19 5.53
N SER F 151 -52.63 26.89 5.24
CA SER F 151 -53.10 25.50 5.16
C SER F 151 -52.39 24.73 4.03
N VAL F 152 -52.04 25.44 2.97
CA VAL F 152 -51.27 24.88 1.87
C VAL F 152 -49.85 24.50 2.35
N ARG F 153 -49.21 25.41 3.07
CA ARG F 153 -47.87 25.20 3.64
C ARG F 153 -47.84 24.11 4.71
N ASN F 154 -48.92 24.03 5.48
CA ASN F 154 -49.07 23.01 6.53
C ASN F 154 -49.37 21.63 5.96
N GLY F 155 -50.01 21.61 4.79
CA GLY F 155 -50.46 20.36 4.18
C GLY F 155 -51.86 19.98 4.64
N THR F 156 -52.66 20.99 4.96
CA THR F 156 -54.02 20.80 5.47
C THR F 156 -55.06 21.53 4.62
N TYR F 157 -54.72 21.76 3.35
CA TYR F 157 -55.64 22.37 2.40
C TYR F 157 -56.87 21.49 2.21
N ASP F 158 -58.05 22.08 2.33
CA ASP F 158 -59.29 21.34 2.24
C ASP F 158 -59.96 21.57 0.88
N TYR F 159 -59.67 20.68 -0.07
CA TYR F 159 -60.16 20.75 -1.44
C TYR F 159 -61.69 20.81 -1.57
N PRO F 160 -62.42 19.91 -0.85
CA PRO F 160 -63.90 19.91 -0.94
C PRO F 160 -64.56 21.26 -0.60
N GLN F 161 -63.90 22.06 0.25
CA GLN F 161 -64.43 23.35 0.68
C GLN F 161 -64.39 24.41 -0.42
N TYR F 162 -63.27 24.49 -1.13
CA TYR F 162 -63.04 25.54 -2.13
C TYR F 162 -63.48 25.15 -3.55
N SER F 163 -64.10 23.98 -3.68
CA SER F 163 -64.55 23.46 -4.98
C SER F 163 -65.22 24.51 -5.87
N GLU F 164 -66.22 25.20 -5.30
CA GLU F 164 -66.95 26.29 -5.98
C GLU F 164 -67.45 25.90 -7.37
C1 NAG G . 47.40 -32.10 -12.94
C2 NAG G . 46.59 -30.87 -13.30
C3 NAG G . 45.50 -30.61 -12.24
C4 NAG G . 44.66 -31.85 -12.01
C5 NAG G . 45.52 -33.12 -11.81
C6 NAG G . 44.66 -34.38 -11.85
C7 NAG G . 47.72 -28.94 -14.31
C8 NAG G . 48.71 -27.83 -14.09
N2 NAG G . 47.52 -29.75 -13.25
O1 NAG G . 48.35 -32.36 -13.96
O3 NAG G . 44.63 -29.55 -12.65
O4 NAG G . 43.81 -31.65 -10.88
O5 NAG G . 46.52 -33.23 -12.82
O6 NAG G . 43.81 -34.43 -10.71
O7 NAG G . 47.15 -29.09 -15.37
C1 GAL G . 44.78 -28.32 -11.95
C2 GAL G . 44.25 -27.22 -12.85
C3 GAL G . 44.11 -25.86 -12.15
C4 GAL G . 43.50 -26.00 -10.76
C5 GAL G . 44.15 -27.14 -9.98
C6 GAL G . 43.52 -27.31 -8.61
O2 GAL G . 45.10 -27.11 -14.00
O3 GAL G . 43.30 -25.00 -12.98
O4 GAL G . 42.08 -26.21 -10.87
O5 GAL G . 44.04 -28.36 -10.72
O6 GAL G . 44.24 -28.33 -7.89
C1 SIA G . 42.54 -22.90 -13.78
C2 SIA G . 43.70 -23.62 -13.10
C3 SIA G . 44.96 -23.45 -13.98
C4 SIA G . 45.38 -21.98 -13.96
C5 SIA G . 45.62 -21.49 -12.53
C6 SIA G . 44.33 -21.72 -11.73
C7 SIA G . 44.38 -21.34 -10.25
C8 SIA G . 43.19 -21.91 -9.48
C9 SIA G . 43.13 -21.28 -8.10
C10 SIA G . 46.59 -19.35 -11.81
C11 SIA G . 46.71 -17.89 -12.10
N5 SIA G . 45.82 -20.05 -12.66
O1A SIA G . 42.37 -23.07 -15.02
O1B SIA G . 41.80 -22.14 -13.12
O4 SIA G . 46.53 -21.76 -14.79
O6 SIA G . 43.97 -23.10 -11.80
O7 SIA G . 45.60 -21.79 -9.65
O8 SIA G . 41.96 -21.68 -10.18
O9 SIA G . 42.12 -21.90 -7.30
O10 SIA G . 47.14 -19.87 -10.85
C1 NAG H . 33.88 -26.48 39.90
C2 NAG H . 32.97 -26.93 38.76
C3 NAG H . 32.41 -25.72 38.02
C4 NAG H . 31.83 -24.67 38.98
C5 NAG H . 32.66 -24.45 40.25
C6 NAG H . 31.83 -23.76 41.33
C7 NAG H . 33.72 -28.96 37.62
C8 NAG H . 34.70 -29.56 36.65
N2 NAG H . 33.84 -27.65 37.84
O1 NAG H . 34.44 -27.60 40.59
O3 NAG H . 31.33 -26.12 37.14
O4 NAG H . 31.72 -23.43 38.26
O5 NAG H . 33.12 -25.69 40.81
O6 NAG H . 31.70 -22.36 41.03
O7 NAG H . 32.86 -29.65 38.17
C1 GAL H . 31.63 -26.15 35.74
C2 GAL H . 30.42 -26.73 35.00
C3 GAL H . 30.58 -26.66 33.49
C4 GAL H . 31.03 -25.27 33.03
C5 GAL H . 32.24 -24.80 33.85
C6 GAL H . 32.66 -23.37 33.51
O2 GAL H . 30.20 -28.09 35.39
O3 GAL H . 29.31 -27.02 32.92
O4 GAL H . 29.96 -24.33 33.22
O5 GAL H . 31.91 -24.83 35.25
O6 GAL H . 33.98 -23.14 34.02
C1 SIA H . 27.89 -27.71 31.24
C2 SIA H . 29.31 -27.85 31.75
C3 SIA H . 29.66 -29.33 32.01
C4 SIA H . 29.79 -30.10 30.69
C5 SIA H . 30.79 -29.42 29.75
C6 SIA H . 30.35 -27.95 29.56
C7 SIA H . 31.29 -27.09 28.71
C8 SIA H . 30.89 -25.61 28.74
C9 SIA H . 31.60 -24.88 27.61
C10 SIA H . 31.70 -30.20 27.61
C11 SIA H . 31.41 -30.91 26.32
N5 SIA H . 30.67 -30.09 28.46
O1A SIA H . 26.97 -28.27 31.87
O1B SIA H . 27.64 -27.03 30.21
O4 SIA H . 30.17 -31.48 30.91
O6 SIA H . 30.27 -27.31 30.84
O7 SIA H . 32.62 -27.24 29.22
O8 SIA H . 29.48 -25.42 28.59
O9 SIA H . 31.33 -23.47 27.68
O10 SIA H . 32.82 -29.76 27.85
C1 NAG I . 55.22 15.01 12.85
C2 NAG I . 53.79 15.14 13.36
C3 NAG I . 52.85 14.30 12.46
C4 NAG I . 53.08 14.60 10.97
C5 NAG I . 54.54 14.82 10.56
C6 NAG I . 54.63 15.54 9.23
C7 NAG I . 53.47 15.23 15.77
C8 NAG I . 53.54 14.50 17.08
N2 NAG I . 53.80 14.53 14.68
O1 NAG I . 56.12 15.71 13.71
O3 NAG I . 51.48 14.57 12.76
O4 NAG I . 52.54 13.51 10.21
O5 NAG I . 55.26 15.59 11.53
O6 NAG I . 54.47 14.59 8.17
O7 NAG I . 53.12 16.40 15.72
C1 GAL I . 50.79 13.48 13.37
C2 GAL I . 49.46 14.01 13.92
C3 GAL I . 48.62 12.88 14.51
C4 GAL I . 48.47 11.72 13.51
C5 GAL I . 49.84 11.31 12.96
C6 GAL I . 49.70 10.24 11.89
O2 GAL I . 49.71 14.97 14.95
O3 GAL I . 47.34 13.41 14.88
O4 GAL I . 47.60 12.10 12.43
O5 GAL I . 50.52 12.44 12.41
O6 GAL I . 50.95 9.58 11.71
C1 SIA I . 45.36 13.51 16.12
C2 SIA I . 46.78 12.98 16.13
C3 SIA I . 47.54 13.50 17.37
C4 SIA I . 47.01 12.86 18.65
C5 SIA I . 47.03 11.33 18.55
C6 SIA I . 46.27 10.88 17.29
C7 SIA I . 46.29 9.39 16.99
C8 SIA I . 45.78 9.09 15.58
C9 SIA I . 45.55 7.59 15.39
C10 SIA I . 46.48 9.66 20.29
C11 SIA I . 45.56 9.32 21.43
N5 SIA I . 46.25 10.83 19.69
O1A SIA I . 45.16 14.72 16.42
O1B SIA I . 44.43 12.73 15.79
O4 SIA I . 47.74 13.30 19.80
O6 SIA I . 46.79 11.56 16.15
O7 SIA I . 47.62 8.87 17.13
O8 SIA I . 44.57 9.80 15.31
O9 SIA I . 45.09 7.31 14.06
O10 SIA I . 47.36 8.90 19.96
C1 NAG J . -24.19 -0.18 -38.71
C2 NAG J . -23.59 -1.40 -39.41
C3 NAG J . -22.19 -1.05 -39.89
C4 NAG J . -22.20 0.20 -40.77
C5 NAG J . -23.02 1.34 -40.17
C6 NAG J . -23.33 2.34 -41.27
C7 NAG J . -23.98 -3.75 -38.83
C8 NAG J . -24.65 -3.92 -40.16
N2 NAG J . -23.51 -2.54 -38.52
O3 NAG J . -21.65 -2.13 -40.61
O4 NAG J . -20.87 0.62 -40.95
O5 NAG J . -24.25 0.89 -39.63
O6 NAG J . -23.76 3.55 -40.71
O7 NAG J . -23.90 -4.73 -38.09
C1 NAG K . -22.34 -10.74 -22.09
C2 NAG K . -21.17 -11.28 -22.92
C3 NAG K . -20.81 -12.73 -22.55
C4 NAG K . -20.81 -12.99 -21.05
C5 NAG K . -22.09 -12.44 -20.43
C6 NAG K . -22.12 -12.61 -18.91
C7 NAG K . -20.61 -11.00 -25.34
C8 NAG K . -19.19 -10.58 -25.02
N2 NAG K . -21.46 -11.29 -24.35
O3 NAG K . -19.55 -13.04 -23.07
O4 NAG K . -20.68 -14.37 -20.81
O5 NAG K . -22.15 -11.06 -20.73
O6 NAG K . -23.25 -11.96 -18.39
O7 NAG K . -20.96 -11.05 -26.52
C1 NAG L . 43.71 13.97 -5.06
C2 NAG L . 43.90 14.28 -3.58
C3 NAG L . 43.62 15.75 -3.25
C4 NAG L . 44.28 16.73 -4.22
C5 NAG L . 44.01 16.31 -5.67
C6 NAG L . 44.82 17.18 -6.64
C7 NAG L . 43.47 12.67 -1.79
C8 NAG L . 42.43 11.89 -1.03
N2 NAG L . 43.03 13.47 -2.76
O3 NAG L . 44.07 16.02 -1.95
O4 NAG L . 43.81 18.04 -3.98
O5 NAG L . 44.35 14.94 -5.88
O6 NAG L . 46.21 16.94 -6.48
O7 NAG L . 44.66 12.54 -1.49
C1 NAG M . -43.13 -11.39 10.82
C2 NAG M . -43.06 -12.46 11.93
C3 NAG M . -42.53 -13.75 11.33
C4 NAG M . -43.41 -14.20 10.17
C5 NAG M . -43.57 -13.07 9.13
C6 NAG M . -44.60 -13.45 8.08
C7 NAG M . -42.71 -11.42 14.16
C8 NAG M . -44.18 -11.10 14.28
N2 NAG M . -42.25 -12.05 13.06
O3 NAG M . -42.50 -14.77 12.31
O4 NAG M . -42.87 -15.34 9.55
O5 NAG M . -43.98 -11.86 9.77
O6 NAG M . -44.46 -12.63 6.94
O7 NAG M . -41.95 -11.11 15.07
C1 NAG N . -28.37 2.86 15.75
C2 NAG N . -27.90 3.90 16.78
C3 NAG N . -27.00 3.27 17.84
C4 NAG N . -27.65 2.01 18.44
C5 NAG N . -27.92 1.05 17.29
C6 NAG N . -28.50 -0.29 17.76
C7 NAG N . -27.74 6.17 15.80
C8 NAG N . -29.16 6.49 16.16
N2 NAG N . -27.21 4.98 16.10
O3 NAG N . -26.71 4.21 18.86
O4 NAG N . -26.83 1.42 19.42
O5 NAG N . -28.82 1.66 16.37
O6 NAG N . -29.78 -0.12 18.32
O7 NAG N . -27.08 7.03 15.21
C1 NAG O . 27.39 -36.24 -5.80
C2 NAG O . 28.36 -35.42 -6.66
C3 NAG O . 28.03 -35.52 -8.15
C4 NAG O . 27.87 -36.97 -8.58
C5 NAG O . 26.82 -37.62 -7.68
C6 NAG O . 26.53 -39.07 -8.07
C7 NAG O . 29.53 -33.43 -5.92
C8 NAG O . 29.47 -31.95 -5.62
N2 NAG O . 28.39 -34.01 -6.31
O3 NAG O . 29.04 -34.89 -8.91
O4 NAG O . 27.50 -37.03 -9.95
O5 NAG O . 27.25 -37.55 -6.33
O6 NAG O . 27.57 -39.90 -7.61
O7 NAG O . 30.58 -34.05 -5.80
P PO4 P . 37.70 -38.50 12.85
O1 PO4 P . 39.21 -38.42 13.00
O2 PO4 P . 37.23 -37.26 12.14
O3 PO4 P . 37.35 -39.73 12.04
O4 PO4 P . 37.05 -38.58 14.22
C1 NAG Q . -23.62 39.00 1.39
C2 NAG Q . -22.70 40.15 1.82
C3 NAG Q . -22.53 40.17 3.34
C4 NAG Q . -23.88 40.18 4.05
C5 NAG Q . -24.76 39.03 3.53
C6 NAG Q . -26.16 39.09 4.11
C7 NAG Q . -21.02 40.66 0.07
C8 NAG Q . -21.96 41.60 -0.60
N2 NAG Q . -21.40 40.01 1.18
O3 NAG Q . -21.78 41.30 3.73
O4 NAG Q . -23.67 40.01 5.42
O5 NAG Q . -24.84 39.10 2.12
O6 NAG Q . -26.97 38.06 3.58
O7 NAG Q . -19.89 40.48 -0.41
C1 NAG R . -12.44 27.34 -12.59
C2 NAG R . -11.38 28.35 -12.15
C3 NAG R . -10.37 28.67 -13.25
C4 NAG R . -10.03 27.49 -14.16
C5 NAG R . -11.28 26.67 -14.52
C6 NAG R . -10.94 25.44 -15.36
C7 NAG R . -11.58 30.62 -11.13
C8 NAG R . -12.57 31.71 -10.80
N2 NAG R . -12.10 29.54 -11.72
O3 NAG R . -9.18 29.17 -12.68
O4 NAG R . -9.40 27.97 -15.34
O5 NAG R . -11.90 26.26 -13.33
O6 NAG R . -11.95 24.47 -15.17
O7 NAG R . -10.38 30.77 -10.86
C1 NAG S . 23.49 -8.23 38.69
C2 NAG S . 23.58 -9.74 38.41
C3 NAG S . 22.43 -10.52 39.07
C4 NAG S . 22.30 -10.15 40.55
C5 NAG S . 22.16 -8.64 40.66
C6 NAG S . 22.02 -8.15 42.10
C7 NAG S . 24.59 -10.70 36.40
C8 NAG S . 24.45 -11.03 34.95
N2 NAG S . 23.56 -10.08 37.00
O3 NAG S . 22.63 -11.90 38.88
O4 NAG S . 21.18 -10.79 41.13
O5 NAG S . 23.32 -8.02 40.09
O6 NAG S . 23.22 -8.38 42.79
O7 NAG S . 25.63 -11.01 36.99
P PO4 T . 43.63 -0.29 34.41
O1 PO4 T . 43.56 0.09 35.88
O2 PO4 T . 44.19 0.88 33.62
O3 PO4 T . 44.49 -1.52 34.25
O4 PO4 T . 42.26 -0.62 33.89
#